data_9FMZ
#
_entry.id   9FMZ
#
_cell.length_a   1.00
_cell.length_b   1.00
_cell.length_c   1.00
_cell.angle_alpha   90.00
_cell.angle_beta   90.00
_cell.angle_gamma   90.00
#
_symmetry.space_group_name_H-M   'P 1'
#
loop_
_entity.id
_entity.type
_entity.pdbx_description
1 polymer 'Cellulose biosynthesis protein BcsG'
2 polymer 'Cyclic di-GMP-binding protein'
3 polymer 'Cellulose synthase catalytic subunit [UDP-forming]'
4 non-polymer "9,9'-[(2R,3R,3aS,5S,7aR,9R,10R,10aS,12S,14aR)-3,5,10,12-tetrahydroxy-5,12-dioxidooctahydro-2H,7H-difuro[3,2-d:3',2'-j][1,3,7,9,2,8]tetraoxadiphosphacyclododecine-2,9-diyl]bis(2-amino-1,9-dihydro-6H-purin-6-one)"
#
loop_
_entity_poly.entity_id
_entity_poly.type
_entity_poly.pdbx_seq_one_letter_code
_entity_poly.pdbx_strand_id
1 'polypeptide(L)'
;MTQFTQNTAMPSSLWQYWRGLSGWNFYFLVKFGLLWAGYLNFHPLLNLVFAAFLLMPLPRYSLHRLRHWIALPIGFALFW
HDTWLPGPESIMSQGSQVAGFSTDYLIDLVTRFINWQMIGAIFVLLVAWLFLSQWIRITVFVVAILLWLNVLTLAGPSFS
LWPAGQPTTTVTTTGGNAAATVAATGGAPVVGDMPAQTAPPTTANLNAWLNNFYNAEAKRKSTFPSSLPADAQPFELLVI
NICSLSWSDIEAAGLMSHPLWSHFDIEFKNFNSATSYSGPAAIRLLRASCGQTSHTNLYQPANNDCYLFDNLSKLGFTQH
LMMGHNGQFGGFLKEVRENGGMQSELMDQTNLPVILLGFDGSPVYDDTAVLNRWLDVTEKDKNSRSATFYNTLPLHDGNH
YPGVSKTADYKARAQKFFDELDAFFTELEKSGRKVMVVVVPEHGGALKGDRMQVSGLRDIPSPSITDVPVGVKFFGMKAP
HQGAPIVIEQPSSFLAISDLVVRVLDGKIFTEDNVDWKKLTSGLHKQHRSPRTQMQ
;
G,C,D
2 'polypeptide(L)'
;TPATQPLINAEPAVAAQTEQNPQVGQVMPGVQGADAPVVAQNGPSRDVKLTFAQIAPPPGSMVLRGINPNGSIEFGMRSD
EVVTKAMLNLEYTPSPSLLPVQSQLKVYLNDELMGVLPVTKEQLGKKTLAQMPINPLFITDFNRVRLEFVGHYQDVCENP
ASTTLWLDVGRSSGLDLTYQTLNVKNDLSHFPVPFFDPRDNRTNTLPMVFAGAPDVGLQQASAIVASWFGSRSGWRGQNF
PVLYNQLPDRNAIVFATNDKRPDFLRDHPAVKAPVIEMINHPQNPYVKLLVVFGRDDKDLLQAAKGIAQGNILFRGESVV
VNEVKPLLPRKPYDAPNWVRTDRPVTFGELKTYEEQLQSSGLEPAAINVSLNLPPDLYLMRSTGIDMDINYRYTMPPVKD
SSRMDISLNNQFLQSFNLSSKQEANRLLLRIPVLQGLLDGKTDVSIPALKLGATNQLRFDFEYMNPMPGGSVDNCITFQP
VQNHVVIGDDSTIDFSKYYHFIPMPDLRAFANAGFPFSRMADLSQTITVMPKAPNEAQMETLLNTVGFIGAQTGFPAINL
TVTDDGSTIQGKDADIMIIGGIPDKLKDDKQIDLLVQATESWVKTPMRQTPFPGIVPDESDRAAETRSTLTSSGAMAAVI
GFQSPYNDQRSVIALLADSPRGYEMLNDAVNDSGKRATMFGSVAVIRESGINSLRVGDVYYVGHLPWFERLWYALANHPI
LLAVLAAISVILLAWVLWRLLRIISRRRLNPDNE
;
B
3 'polypeptide(L)'
;MSILTRWLLIPPVNARLIGRYRDYRRHGASAFSATLGCFWMILAWIFIPLEHPRWQRIRAEHKNLYPHINASRPRPLDPV
RYLIQTCWLLIGASRKETPKPRRRAFSGLQNIRGRYHQWMNELPERVSHKTQHLDEKKELGHLSAGARRLILGIIVTFSL
ILALICVTQPFNPLAQFIFLMLLWGVALIVRRMPGRFSALMLIVLSLTVSCRYIWWRYTSTLNWDDPVSLVCGLILLFAE
TYAWIVLVLGYFQVVWPLNRQPVPLPKDMSLWPSVDIFVPTYNEDLNVVKNTIYASLGIDWPKDKLNIWILDDGGREEFR
QFAQNVGVKYIARTTHEHAKAGNINNALKYAKGEFVSIFDCDHVPTRSFLQMTMGWFLKEKQLAMMQTPHHFFSPDPFER
NLGRFRKTPNEGTLFYGLVQDGNDMWDATFFCGSCAVIRRKPLDEIGGIAVETVTEDAHTSLRLHRRGYTSAYMRIPQAA
GLATESLSAHIGQRIRWARGMVQIFRLDNPLTGKGLKFAQRLCYVNAMFHFLSGIPRLIFLTAPLAFLLLHAYIIYAPAL
MIALFVLPHMIHASLTNSKIQGKYRHSFWSEIYETVLAWYIAPPTLVALINPHKGKFNVTAKGGLVEEEYVDWVISRPYI
FLVLLNLVGVAVGIWRYFYGPPTEMLTVVVSMVWVFYNLIVLGGAVAVSVESKQVRRSHRVEMTMPAAIAREDGHLFSCT
VQDFSDGGLGIKINGQAQILEGQKVNLLLKRGQQEYVFPTQVARVMGNEVGLKLMPLTTQQHIDFVQCTFARADTWALWQ
DSYPEDKPLESLLDILKLGFRGYRHLAEFAPSSVKGIFRVLTSLVSWVVSFIPRRPERSETAQPSDQALAQQGSARSSGR
TGLEFEEFYPYDVPDYAADYKDDDDKRS
;
A
#
loop_
_chem_comp.id
_chem_comp.type
_chem_comp.name
_chem_comp.formula
C2E non-polymer 9,9'-[(2R,3R,3aS,5S,7aR,9R,10R,10aS,12S,14aR)-3,5,10,12-tetrahydroxy-5,12-dioxidooctahydro-2H,7H-difuro[3,2-d:3',2'-j][1,3,7,9,2,8]tetraoxadiphosphacyclododecine-2,9-diyl]bis(2-amino-1,9-dihydro-6H-purin-6-one) 'C20 H24 N10 O14 P2'
#
# COMPACT_ATOMS: atom_id res chain seq x y z
N SER A 12 1.34 -65.56 -13.31
CA SER A 12 1.73 -65.66 -11.92
C SER A 12 1.32 -64.41 -11.14
N SER A 13 0.77 -63.44 -11.85
CA SER A 13 0.32 -62.18 -11.24
C SER A 13 -1.11 -62.34 -10.73
N LEU A 14 -1.23 -63.14 -9.67
CA LEU A 14 -2.55 -63.38 -9.08
C LEU A 14 -3.10 -62.13 -8.39
N TRP A 15 -2.22 -61.24 -7.94
CA TRP A 15 -2.67 -60.04 -7.25
C TRP A 15 -3.42 -59.09 -8.16
N GLN A 16 -3.23 -59.20 -9.48
CA GLN A 16 -3.91 -58.29 -10.41
C GLN A 16 -5.40 -58.59 -10.53
N TYR A 17 -5.84 -59.77 -10.09
CA TYR A 17 -7.25 -60.14 -10.16
C TYR A 17 -8.01 -59.81 -8.87
N TRP A 18 -7.35 -59.20 -7.90
CA TRP A 18 -8.01 -58.75 -6.67
C TRP A 18 -8.55 -57.33 -6.89
N ARG A 19 -9.63 -57.25 -7.68
CA ARG A 19 -10.27 -55.99 -8.00
C ARG A 19 -11.35 -55.62 -6.98
N GLY A 20 -11.52 -56.40 -5.93
CA GLY A 20 -12.58 -56.18 -4.97
C GLY A 20 -13.83 -56.96 -5.32
N LEU A 21 -14.81 -56.87 -4.42
CA LEU A 21 -16.08 -57.56 -4.65
C LEU A 21 -16.78 -57.06 -5.89
N SER A 22 -16.49 -55.83 -6.31
CA SER A 22 -17.00 -55.23 -7.55
C SER A 22 -18.53 -55.25 -7.50
N GLY A 23 -19.22 -55.80 -8.50
CA GLY A 23 -20.64 -55.58 -8.69
C GLY A 23 -21.52 -56.05 -7.56
N TRP A 24 -21.02 -56.92 -6.70
CA TRP A 24 -21.82 -57.41 -5.58
C TRP A 24 -21.72 -56.53 -4.35
N ASN A 25 -20.93 -55.45 -4.42
CA ASN A 25 -20.94 -54.48 -3.33
C ASN A 25 -22.31 -53.85 -3.18
N PHE A 26 -22.97 -53.56 -4.31
CA PHE A 26 -24.34 -53.03 -4.25
C PHE A 26 -25.29 -54.06 -3.66
N TYR A 27 -25.11 -55.34 -3.99
CA TYR A 27 -25.96 -56.39 -3.42
C TYR A 27 -25.79 -56.48 -1.91
N PHE A 28 -24.54 -56.43 -1.43
CA PHE A 28 -24.30 -56.51 0.00
C PHE A 28 -24.80 -55.27 0.73
N LEU A 29 -24.64 -54.09 0.13
CA LEU A 29 -25.17 -52.88 0.74
C LEU A 29 -26.69 -52.88 0.75
N VAL A 30 -27.32 -53.44 -0.29
CA VAL A 30 -28.77 -53.61 -0.29
C VAL A 30 -29.19 -54.49 0.87
N LYS A 31 -28.46 -55.58 1.09
CA LYS A 31 -28.79 -56.45 2.21
C LYS A 31 -28.60 -55.73 3.54
N PHE A 32 -27.55 -54.91 3.66
CA PHE A 32 -27.36 -54.13 4.88
C PHE A 32 -28.54 -53.20 5.12
N GLY A 33 -28.93 -52.44 4.08
CA GLY A 33 -30.04 -51.52 4.23
C GLY A 33 -31.33 -52.23 4.58
N LEU A 34 -31.57 -53.40 4.00
CA LEU A 34 -32.75 -54.17 4.36
C LEU A 34 -32.69 -54.63 5.81
N LEU A 35 -31.51 -55.11 6.25
CA LEU A 35 -31.38 -55.61 7.61
C LEU A 35 -31.62 -54.50 8.63
N TRP A 36 -31.14 -53.29 8.34
CA TRP A 36 -31.47 -52.16 9.20
C TRP A 36 -32.98 -51.92 9.20
N ALA A 37 -33.61 -52.03 8.04
CA ALA A 37 -35.06 -51.92 7.94
C ALA A 37 -35.79 -53.17 8.40
N GLY A 38 -35.07 -54.27 8.63
CA GLY A 38 -35.67 -55.46 9.20
C GLY A 38 -36.56 -56.26 8.28
N TYR A 39 -36.53 -55.99 6.97
CA TYR A 39 -37.33 -56.74 6.02
C TYR A 39 -36.65 -58.03 5.56
N LEU A 40 -35.58 -58.45 6.23
CA LEU A 40 -34.80 -59.61 5.81
C LEU A 40 -34.38 -60.40 7.03
N ASN A 41 -34.39 -61.73 6.92
CA ASN A 41 -33.73 -62.59 7.89
C ASN A 41 -32.36 -62.93 7.34
N PHE A 42 -31.31 -62.40 7.97
CA PHE A 42 -29.97 -62.55 7.43
C PHE A 42 -29.40 -63.90 7.82
N HIS A 43 -28.68 -64.52 6.90
CA HIS A 43 -27.97 -65.78 7.14
C HIS A 43 -26.48 -65.48 7.04
N PRO A 44 -25.83 -65.13 8.16
CA PRO A 44 -24.38 -64.86 8.09
C PRO A 44 -23.58 -66.03 7.56
N LEU A 45 -23.98 -67.26 7.89
CA LEU A 45 -23.30 -68.42 7.35
C LEU A 45 -23.46 -68.50 5.83
N LEU A 46 -24.70 -68.46 5.35
CA LEU A 46 -24.95 -68.61 3.91
C LEU A 46 -24.41 -67.43 3.12
N ASN A 47 -24.67 -66.21 3.60
CA ASN A 47 -24.22 -65.03 2.88
C ASN A 47 -22.70 -64.91 2.92
N LEU A 48 -22.08 -65.24 4.05
CA LEU A 48 -20.63 -65.27 4.11
C LEU A 48 -20.06 -66.35 3.20
N VAL A 49 -20.78 -67.46 3.04
CA VAL A 49 -20.36 -68.49 2.09
C VAL A 49 -20.40 -67.94 0.67
N PHE A 50 -21.46 -67.19 0.34
CA PHE A 50 -21.53 -66.54 -0.96
C PHE A 50 -20.37 -65.56 -1.14
N ALA A 51 -20.05 -64.82 -0.08
CA ALA A 51 -18.94 -63.87 -0.15
C ALA A 51 -17.63 -64.59 -0.42
N ALA A 52 -17.40 -65.71 0.28
CA ALA A 52 -16.20 -66.49 0.04
C ALA A 52 -16.17 -67.05 -1.37
N PHE A 53 -17.32 -67.51 -1.86
CA PHE A 53 -17.41 -68.03 -3.23
C PHE A 53 -17.01 -66.97 -4.24
N LEU A 54 -17.49 -65.74 -4.04
CA LEU A 54 -17.06 -64.64 -4.89
C LEU A 54 -15.58 -64.30 -4.66
N LEU A 55 -15.07 -64.59 -3.47
CA LEU A 55 -13.71 -64.18 -3.13
C LEU A 55 -12.68 -64.88 -4.01
N MET A 56 -12.94 -66.14 -4.37
CA MET A 56 -11.98 -66.97 -5.10
C MET A 56 -11.55 -66.31 -6.41
N PRO A 57 -10.27 -65.93 -6.52
CA PRO A 57 -9.80 -65.32 -7.78
C PRO A 57 -9.44 -66.38 -8.80
N LEU A 58 -9.97 -66.23 -10.01
CA LEU A 58 -9.65 -67.11 -11.13
C LEU A 58 -9.17 -66.27 -12.31
N PRO A 59 -7.97 -66.53 -12.86
CA PRO A 59 -7.47 -65.66 -13.93
C PRO A 59 -8.23 -65.75 -15.23
N ARG A 60 -8.99 -66.81 -15.46
CA ARG A 60 -9.66 -67.00 -16.75
C ARG A 60 -10.89 -66.13 -16.83
N TYR A 61 -10.96 -65.27 -17.85
CA TYR A 61 -12.08 -64.35 -18.00
C TYR A 61 -13.34 -65.08 -18.44
N SER A 62 -13.21 -66.10 -19.28
CA SER A 62 -14.37 -66.93 -19.62
C SER A 62 -14.91 -67.64 -18.38
N LEU A 63 -14.02 -68.16 -17.53
CA LEU A 63 -14.46 -68.71 -16.26
C LEU A 63 -15.03 -67.64 -15.35
N HIS A 64 -14.57 -66.39 -15.48
CA HIS A 64 -15.19 -65.30 -14.72
C HIS A 64 -16.62 -65.07 -15.17
N ARG A 65 -16.87 -65.10 -16.49
CA ARG A 65 -18.23 -65.00 -16.99
C ARG A 65 -19.07 -66.17 -16.51
N LEU A 66 -18.49 -67.37 -16.49
CA LEU A 66 -19.19 -68.53 -15.96
C LEU A 66 -19.54 -68.35 -14.49
N ARG A 67 -18.61 -67.81 -13.70
CA ARG A 67 -18.91 -67.58 -12.30
C ARG A 67 -19.98 -66.51 -12.12
N HIS A 68 -20.02 -65.52 -13.01
CA HIS A 68 -21.13 -64.58 -13.00
C HIS A 68 -22.45 -65.31 -13.28
N TRP A 69 -22.46 -66.16 -14.30
CA TRP A 69 -23.66 -66.91 -14.64
C TRP A 69 -24.08 -67.86 -13.54
N ILE A 70 -23.16 -68.26 -12.67
CA ILE A 70 -23.51 -69.14 -11.56
C ILE A 70 -23.93 -68.33 -10.34
N ALA A 71 -23.30 -67.17 -10.11
CA ALA A 71 -23.60 -66.38 -8.94
C ALA A 71 -24.94 -65.69 -9.06
N LEU A 72 -25.31 -65.25 -10.27
CA LEU A 72 -26.60 -64.58 -10.44
C LEU A 72 -27.76 -65.43 -9.95
N PRO A 73 -27.92 -66.69 -10.34
CA PRO A 73 -28.94 -67.51 -9.68
C PRO A 73 -28.66 -67.74 -8.21
N ILE A 74 -27.39 -67.91 -7.85
CA ILE A 74 -27.03 -68.06 -6.44
C ILE A 74 -27.39 -66.80 -5.67
N GLY A 75 -27.07 -65.64 -6.24
CA GLY A 75 -27.42 -64.39 -5.59
C GLY A 75 -28.91 -64.21 -5.41
N PHE A 76 -29.68 -64.52 -6.47
CA PHE A 76 -31.13 -64.41 -6.37
C PHE A 76 -31.68 -65.36 -5.31
N ALA A 77 -31.17 -66.60 -5.29
CA ALA A 77 -31.66 -67.57 -4.32
C ALA A 77 -31.36 -67.12 -2.90
N LEU A 78 -30.15 -66.60 -2.67
CA LEU A 78 -29.80 -66.15 -1.32
C LEU A 78 -30.63 -64.94 -0.91
N PHE A 79 -30.82 -63.99 -1.81
CA PHE A 79 -31.65 -62.83 -1.51
C PHE A 79 -33.06 -63.23 -1.18
N TRP A 80 -33.63 -64.17 -1.96
CA TRP A 80 -35.00 -64.61 -1.72
C TRP A 80 -35.10 -65.37 -0.40
N HIS A 81 -34.21 -66.33 -0.17
CA HIS A 81 -34.29 -67.13 1.03
C HIS A 81 -34.00 -66.33 2.29
N ASP A 82 -33.30 -65.21 2.16
CA ASP A 82 -33.09 -64.36 3.32
C ASP A 82 -34.31 -63.50 3.65
N THR A 83 -35.34 -63.54 2.80
CA THR A 83 -36.57 -62.81 3.06
C THR A 83 -37.48 -63.61 4.00
N TRP A 84 -38.30 -62.90 4.76
CA TRP A 84 -39.36 -63.51 5.54
C TRP A 84 -40.54 -63.94 4.67
N LEU A 85 -40.38 -63.90 3.35
CA LEU A 85 -41.46 -64.24 2.45
C LEU A 85 -41.82 -65.71 2.59
N PRO A 86 -43.06 -66.09 2.25
CA PRO A 86 -43.46 -67.50 2.39
C PRO A 86 -42.58 -68.41 1.54
N GLY A 87 -42.33 -69.61 2.07
CA GLY A 87 -41.41 -70.54 1.46
C GLY A 87 -41.93 -71.14 0.17
N PRO A 88 -41.08 -71.88 -0.53
CA PRO A 88 -41.50 -72.49 -1.80
C PRO A 88 -42.64 -73.47 -1.66
N GLU A 89 -42.83 -74.08 -0.49
CA GLU A 89 -43.94 -75.01 -0.31
C GLU A 89 -45.28 -74.32 -0.46
N SER A 90 -45.43 -73.14 0.14
CA SER A 90 -46.70 -72.43 0.08
C SER A 90 -47.05 -72.03 -1.35
N ILE A 91 -46.08 -71.47 -2.08
CA ILE A 91 -46.35 -71.07 -3.46
C ILE A 91 -46.57 -72.29 -4.35
N MET A 92 -45.86 -73.38 -4.08
CA MET A 92 -46.10 -74.61 -4.82
C MET A 92 -47.52 -75.11 -4.61
N SER A 93 -48.02 -75.03 -3.37
CA SER A 93 -49.37 -75.49 -3.08
C SER A 93 -50.42 -74.56 -3.69
N GLN A 94 -50.20 -73.26 -3.65
CA GLN A 94 -51.22 -72.28 -4.01
C GLN A 94 -51.00 -71.64 -5.38
N GLY A 95 -50.11 -72.19 -6.20
CA GLY A 95 -49.89 -71.62 -7.53
C GLY A 95 -51.13 -71.66 -8.40
N SER A 96 -51.91 -72.75 -8.32
CA SER A 96 -53.11 -72.86 -9.14
C SER A 96 -54.12 -71.76 -8.79
N GLN A 97 -54.27 -71.46 -7.50
CA GLN A 97 -55.21 -70.41 -7.10
C GLN A 97 -54.66 -69.02 -7.39
N VAL A 98 -53.36 -68.81 -7.16
CA VAL A 98 -52.79 -67.47 -7.33
C VAL A 98 -52.73 -67.08 -8.80
N ALA A 99 -52.35 -68.04 -9.67
CA ALA A 99 -52.17 -67.72 -11.08
C ALA A 99 -53.46 -67.24 -11.73
N GLY A 100 -54.61 -67.70 -11.23
CA GLY A 100 -55.89 -67.25 -11.78
C GLY A 100 -56.25 -65.84 -11.39
N PHE A 101 -55.68 -65.32 -10.30
CA PHE A 101 -55.97 -63.97 -9.85
C PHE A 101 -55.25 -62.94 -10.71
N SER A 102 -55.79 -61.73 -10.72
CA SER A 102 -55.20 -60.65 -11.50
C SER A 102 -53.89 -60.19 -10.90
N THR A 103 -52.98 -59.75 -11.77
CA THR A 103 -51.67 -59.27 -11.33
C THR A 103 -51.77 -57.96 -10.55
N ASP A 104 -52.90 -57.25 -10.67
CA ASP A 104 -53.05 -56.00 -9.93
C ASP A 104 -53.05 -56.25 -8.43
N TYR A 105 -53.74 -57.30 -7.98
CA TYR A 105 -53.73 -57.64 -6.57
C TYR A 105 -52.33 -58.02 -6.11
N LEU A 106 -51.60 -58.76 -6.94
CA LEU A 106 -50.25 -59.17 -6.58
C LEU A 106 -49.33 -57.97 -6.43
N ILE A 107 -49.38 -57.03 -7.38
CA ILE A 107 -48.51 -55.87 -7.28
C ILE A 107 -48.95 -54.97 -6.13
N ASP A 108 -50.25 -54.88 -5.84
CA ASP A 108 -50.70 -54.12 -4.68
C ASP A 108 -50.16 -54.73 -3.39
N LEU A 109 -50.21 -56.06 -3.28
CA LEU A 109 -49.66 -56.72 -2.09
C LEU A 109 -48.16 -56.50 -1.99
N VAL A 110 -47.45 -56.55 -3.12
CA VAL A 110 -46.00 -56.32 -3.10
C VAL A 110 -45.69 -54.91 -2.64
N THR A 111 -46.43 -53.92 -3.16
CA THR A 111 -46.21 -52.54 -2.74
C THR A 111 -46.53 -52.34 -1.27
N ARG A 112 -47.59 -53.00 -0.78
CA ARG A 112 -47.94 -52.90 0.63
C ARG A 112 -46.84 -53.51 1.50
N PHE A 113 -46.31 -54.68 1.10
CA PHE A 113 -45.28 -55.33 1.90
C PHE A 113 -43.98 -54.55 1.85
N ILE A 114 -43.53 -54.17 0.66
CA ILE A 114 -42.29 -53.43 0.47
C ILE A 114 -42.67 -52.04 -0.02
N ASN A 115 -42.42 -51.04 0.84
CA ASN A 115 -42.81 -49.68 0.56
C ASN A 115 -41.79 -49.00 -0.35
N TRP A 116 -42.20 -47.87 -0.93
CA TRP A 116 -41.31 -47.09 -1.77
C TRP A 116 -40.15 -46.48 -1.01
N GLN A 117 -40.21 -46.45 0.33
CA GLN A 117 -39.07 -45.97 1.09
C GLN A 117 -37.84 -46.83 0.85
N MET A 118 -38.02 -48.15 0.77
CA MET A 118 -36.91 -49.05 0.49
C MET A 118 -36.33 -48.78 -0.89
N ILE A 119 -37.18 -48.56 -1.89
CA ILE A 119 -36.65 -48.34 -3.24
C ILE A 119 -35.97 -46.97 -3.33
N GLY A 120 -36.48 -45.98 -2.61
CA GLY A 120 -35.78 -44.70 -2.57
C GLY A 120 -34.41 -44.82 -1.92
N ALA A 121 -34.34 -45.56 -0.81
CA ALA A 121 -33.05 -45.81 -0.18
C ALA A 121 -32.12 -46.57 -1.11
N ILE A 122 -32.68 -47.50 -1.89
CA ILE A 122 -31.86 -48.27 -2.83
C ILE A 122 -31.30 -47.35 -3.92
N PHE A 123 -32.12 -46.44 -4.44
CA PHE A 123 -31.63 -45.50 -5.45
C PHE A 123 -30.55 -44.60 -4.87
N VAL A 124 -30.78 -44.06 -3.68
CA VAL A 124 -29.80 -43.19 -3.05
C VAL A 124 -28.51 -43.94 -2.78
N LEU A 125 -28.60 -45.18 -2.29
CA LEU A 125 -27.41 -45.96 -2.00
C LEU A 125 -26.69 -46.39 -3.26
N LEU A 126 -27.42 -46.62 -4.36
CA LEU A 126 -26.78 -46.90 -5.63
C LEU A 126 -25.95 -45.70 -6.09
N VAL A 127 -26.52 -44.51 -5.99
CA VAL A 127 -25.76 -43.30 -6.35
C VAL A 127 -24.56 -43.14 -5.44
N ALA A 128 -24.76 -43.36 -4.13
CA ALA A 128 -23.68 -43.20 -3.17
C ALA A 128 -22.56 -44.20 -3.42
N TRP A 129 -22.91 -45.45 -3.69
CA TRP A 129 -21.92 -46.48 -3.95
C TRP A 129 -21.18 -46.20 -5.26
N LEU A 130 -21.90 -45.77 -6.30
CA LEU A 130 -21.25 -45.45 -7.57
C LEU A 130 -20.25 -44.32 -7.39
N PHE A 131 -20.61 -43.29 -6.64
CA PHE A 131 -19.66 -42.19 -6.47
C PHE A 131 -18.54 -42.54 -5.50
N LEU A 132 -18.81 -43.35 -4.49
CA LEU A 132 -17.77 -43.72 -3.53
C LEU A 132 -16.84 -44.79 -4.07
N SER A 133 -17.25 -45.53 -5.09
CA SER A 133 -16.39 -46.48 -5.77
C SER A 133 -15.51 -45.82 -6.81
N GLN A 134 -15.36 -44.51 -6.72
CA GLN A 134 -14.35 -43.77 -7.48
C GLN A 134 -13.41 -42.99 -6.58
N TRP A 135 -13.60 -43.07 -5.27
CA TRP A 135 -12.68 -42.42 -4.33
C TRP A 135 -12.19 -43.35 -3.23
N ILE A 136 -13.03 -44.24 -2.73
CA ILE A 136 -12.69 -45.09 -1.59
C ILE A 136 -12.90 -46.55 -1.97
N ARG A 137 -11.94 -47.40 -1.62
CA ARG A 137 -12.08 -48.83 -1.87
C ARG A 137 -13.25 -49.39 -1.06
N ILE A 138 -14.35 -49.70 -1.75
CA ILE A 138 -15.58 -50.09 -1.08
C ILE A 138 -15.52 -51.54 -0.61
N THR A 139 -14.87 -52.41 -1.38
CA THR A 139 -14.81 -53.82 -1.03
C THR A 139 -14.21 -54.04 0.35
N VAL A 140 -13.17 -53.28 0.70
CA VAL A 140 -12.53 -53.46 2.00
C VAL A 140 -13.54 -53.24 3.12
N PHE A 141 -14.28 -52.13 3.06
CA PHE A 141 -15.25 -51.83 4.09
C PHE A 141 -16.41 -52.83 4.08
N VAL A 142 -16.86 -53.22 2.90
CA VAL A 142 -17.99 -54.16 2.83
C VAL A 142 -17.61 -55.49 3.45
N VAL A 143 -16.42 -56.00 3.12
CA VAL A 143 -15.95 -57.25 3.69
C VAL A 143 -15.78 -57.11 5.20
N ALA A 144 -15.22 -55.99 5.65
CA ALA A 144 -15.03 -55.80 7.09
C ALA A 144 -16.36 -55.81 7.83
N ILE A 145 -17.37 -55.13 7.28
CA ILE A 145 -18.67 -55.08 7.96
C ILE A 145 -19.36 -56.44 7.89
N LEU A 146 -19.19 -57.18 6.79
CA LEU A 146 -19.73 -58.53 6.73
C LEU A 146 -19.10 -59.43 7.78
N LEU A 147 -17.78 -59.33 7.95
CA LEU A 147 -17.10 -60.10 8.99
C LEU A 147 -17.58 -59.69 10.37
N TRP A 148 -17.79 -58.39 10.59
CA TRP A 148 -18.32 -57.93 11.86
C TRP A 148 -19.71 -58.50 12.12
N LEU A 149 -20.55 -58.55 11.09
CA LEU A 149 -21.89 -59.09 11.24
C LEU A 149 -21.85 -60.58 11.58
N ASN A 150 -21.01 -61.34 10.88
CA ASN A 150 -20.88 -62.76 11.18
C ASN A 150 -20.38 -62.97 12.61
N VAL A 151 -19.40 -62.16 13.03
CA VAL A 151 -18.86 -62.30 14.39
C VAL A 151 -19.94 -61.99 15.42
N LEU A 152 -20.71 -60.91 15.19
CA LEU A 152 -21.77 -60.56 16.13
C LEU A 152 -22.82 -61.65 16.22
N THR A 153 -23.19 -62.24 15.07
CA THR A 153 -24.20 -63.29 15.09
C THR A 153 -23.65 -64.58 15.70
N LEU A 154 -22.32 -64.77 15.66
CA LEU A 154 -21.73 -65.93 16.34
C LEU A 154 -21.92 -65.81 17.85
N ALA A 155 -21.73 -64.62 18.41
CA ALA A 155 -21.87 -64.41 19.85
C ALA A 155 -23.31 -64.08 20.21
N SER B 12 -8.30 -39.30 -19.84
CA SER B 12 -9.60 -39.86 -19.51
C SER B 12 -10.36 -38.95 -18.55
N SER B 13 -11.30 -38.17 -19.11
CA SER B 13 -12.11 -37.24 -18.32
C SER B 13 -13.42 -37.91 -17.91
N LEU B 14 -13.30 -38.96 -17.11
CA LEU B 14 -14.47 -39.66 -16.62
C LEU B 14 -15.18 -38.89 -15.51
N TRP B 15 -14.44 -38.10 -14.74
CA TRP B 15 -15.05 -37.28 -13.69
C TRP B 15 -16.13 -36.37 -14.24
N GLN B 16 -15.97 -35.92 -15.48
CA GLN B 16 -16.87 -34.94 -16.09
C GLN B 16 -18.27 -35.50 -16.30
N TYR B 17 -18.50 -36.76 -15.92
CA TYR B 17 -19.84 -37.31 -15.86
C TYR B 17 -20.52 -37.05 -14.51
N TRP B 18 -19.78 -36.53 -13.53
CA TRP B 18 -20.31 -36.17 -12.22
C TRP B 18 -20.00 -34.69 -12.02
N ARG B 19 -20.96 -33.85 -12.41
CA ARG B 19 -20.76 -32.41 -12.52
C ARG B 19 -21.45 -31.60 -11.45
N GLY B 20 -22.55 -32.10 -10.89
CA GLY B 20 -23.38 -31.34 -9.98
C GLY B 20 -24.77 -31.14 -10.56
N LEU B 21 -25.59 -30.45 -9.78
CA LEU B 21 -26.92 -30.05 -10.21
C LEU B 21 -27.00 -28.53 -10.41
N SER B 22 -25.92 -27.95 -10.96
CA SER B 22 -25.91 -26.54 -11.26
C SER B 22 -26.95 -26.24 -12.33
N GLY B 23 -27.94 -25.42 -11.97
CA GLY B 23 -29.17 -25.27 -12.73
C GLY B 23 -30.39 -25.73 -11.96
N TRP B 24 -30.20 -26.67 -11.04
CA TRP B 24 -31.22 -27.06 -10.07
C TRP B 24 -30.81 -26.69 -8.65
N ASN B 25 -29.61 -26.12 -8.47
CA ASN B 25 -29.27 -25.57 -7.17
C ASN B 25 -30.24 -24.47 -6.77
N PHE B 26 -30.69 -23.68 -7.75
CA PHE B 26 -31.73 -22.69 -7.48
C PHE B 26 -33.02 -23.36 -7.05
N TYR B 27 -33.38 -24.47 -7.70
CA TYR B 27 -34.55 -25.24 -7.31
C TYR B 27 -34.47 -25.62 -5.84
N PHE B 28 -33.36 -26.22 -5.44
CA PHE B 28 -33.23 -26.71 -4.07
C PHE B 28 -33.11 -25.57 -3.06
N LEU B 29 -32.44 -24.47 -3.41
CA LEU B 29 -32.34 -23.35 -2.49
C LEU B 29 -33.69 -22.68 -2.28
N VAL B 30 -34.46 -22.51 -3.36
CA VAL B 30 -35.79 -21.93 -3.25
C VAL B 30 -36.68 -22.82 -2.39
N LYS B 31 -36.62 -24.14 -2.59
CA LYS B 31 -37.45 -25.02 -1.77
C LYS B 31 -37.01 -25.03 -0.31
N PHE B 32 -35.69 -25.00 -0.06
CA PHE B 32 -35.23 -24.94 1.32
C PHE B 32 -35.67 -23.65 2.01
N GLY B 33 -35.61 -22.54 1.29
CA GLY B 33 -36.10 -21.28 1.85
C GLY B 33 -37.59 -21.32 2.12
N LEU B 34 -38.37 -21.81 1.16
CA LEU B 34 -39.82 -21.89 1.34
C LEU B 34 -40.18 -22.78 2.52
N LEU B 35 -39.43 -23.87 2.72
CA LEU B 35 -39.61 -24.67 3.93
C LEU B 35 -39.26 -23.87 5.18
N TRP B 36 -38.16 -23.12 5.14
CA TRP B 36 -37.73 -22.36 6.30
C TRP B 36 -38.71 -21.26 6.68
N ALA B 37 -39.53 -20.80 5.73
CA ALA B 37 -40.63 -19.90 6.03
C ALA B 37 -41.93 -20.63 6.30
N GLY B 38 -41.95 -21.96 6.17
CA GLY B 38 -43.11 -22.74 6.50
C GLY B 38 -44.20 -22.77 5.46
N TYR B 39 -43.93 -22.34 4.24
CA TYR B 39 -44.94 -22.34 3.18
C TYR B 39 -45.00 -23.64 2.40
N LEU B 40 -44.17 -24.62 2.73
CA LEU B 40 -44.01 -25.82 1.92
C LEU B 40 -44.25 -27.07 2.75
N ASN B 41 -44.87 -28.07 2.14
CA ASN B 41 -45.02 -29.40 2.73
C ASN B 41 -43.92 -30.28 2.18
N PHE B 42 -42.92 -30.58 3.02
CA PHE B 42 -41.66 -31.15 2.56
C PHE B 42 -41.61 -32.66 2.74
N HIS B 43 -40.87 -33.31 1.85
CA HIS B 43 -40.63 -34.76 1.91
C HIS B 43 -39.15 -34.99 1.67
N PRO B 44 -38.33 -35.09 2.73
CA PRO B 44 -36.87 -35.21 2.52
C PRO B 44 -36.46 -36.42 1.69
N LEU B 45 -37.15 -37.55 1.83
CA LEU B 45 -36.77 -38.73 1.07
C LEU B 45 -36.96 -38.51 -0.42
N LEU B 46 -38.09 -37.92 -0.82
CA LEU B 46 -38.33 -37.66 -2.24
C LEU B 46 -37.32 -36.66 -2.79
N ASN B 47 -36.98 -35.64 -1.99
CA ASN B 47 -36.02 -34.65 -2.45
C ASN B 47 -34.63 -35.25 -2.62
N LEU B 48 -34.21 -36.11 -1.70
CA LEU B 48 -32.91 -36.75 -1.88
C LEU B 48 -32.94 -37.77 -3.01
N VAL B 49 -34.10 -38.36 -3.29
CA VAL B 49 -34.23 -39.22 -4.47
C VAL B 49 -34.03 -38.41 -5.74
N PHE B 50 -34.64 -37.22 -5.80
CA PHE B 50 -34.46 -36.35 -6.96
C PHE B 50 -33.01 -35.89 -7.07
N ALA B 51 -32.37 -35.58 -5.94
CA ALA B 51 -30.96 -35.19 -5.97
C ALA B 51 -30.09 -36.34 -6.45
N ALA B 52 -30.40 -37.57 -6.03
CA ALA B 52 -29.67 -38.74 -6.50
C ALA B 52 -29.85 -38.92 -8.01
N PHE B 53 -31.06 -38.69 -8.50
CA PHE B 53 -31.29 -38.73 -9.94
C PHE B 53 -30.41 -37.71 -10.65
N LEU B 54 -30.38 -36.48 -10.15
CA LEU B 54 -29.63 -35.42 -10.82
C LEU B 54 -28.14 -35.72 -10.82
N LEU B 55 -27.61 -36.18 -9.69
CA LEU B 55 -26.17 -36.42 -9.60
C LEU B 55 -25.76 -37.78 -10.16
N MET B 56 -26.72 -38.62 -10.54
CA MET B 56 -26.41 -39.89 -11.19
C MET B 56 -26.18 -39.67 -12.68
N PRO B 57 -25.06 -40.12 -13.22
CA PRO B 57 -24.69 -39.76 -14.60
C PRO B 57 -25.46 -40.56 -15.64
N LEU B 58 -25.27 -40.15 -16.88
CA LEU B 58 -25.72 -40.87 -18.06
C LEU B 58 -24.59 -40.97 -19.06
N PRO B 59 -24.56 -42.02 -19.88
CA PRO B 59 -23.40 -42.25 -20.76
C PRO B 59 -23.14 -41.14 -21.77
N ARG B 60 -24.18 -40.43 -22.23
CA ARG B 60 -24.03 -39.49 -23.33
C ARG B 60 -24.46 -38.10 -22.90
N TYR B 61 -23.77 -37.09 -23.44
CA TYR B 61 -24.22 -35.71 -23.26
C TYR B 61 -25.59 -35.51 -23.87
N SER B 62 -25.86 -36.16 -25.00
CA SER B 62 -27.21 -36.18 -25.53
C SER B 62 -28.16 -36.85 -24.54
N LEU B 63 -27.72 -37.96 -23.94
CA LEU B 63 -28.53 -38.59 -22.91
C LEU B 63 -28.70 -37.69 -21.70
N HIS B 64 -27.69 -36.91 -21.36
CA HIS B 64 -27.81 -35.96 -20.25
C HIS B 64 -28.85 -34.88 -20.55
N ARG B 65 -28.82 -34.34 -21.78
CA ARG B 65 -29.83 -33.38 -22.18
C ARG B 65 -31.22 -34.00 -22.13
N LEU B 66 -31.33 -35.27 -22.58
CA LEU B 66 -32.61 -35.96 -22.50
C LEU B 66 -33.04 -36.14 -21.04
N ARG B 67 -32.09 -36.40 -20.15
CA ARG B 67 -32.41 -36.51 -18.73
C ARG B 67 -33.00 -35.22 -18.20
N HIS B 68 -32.38 -34.10 -18.56
CA HIS B 68 -32.87 -32.79 -18.03
C HIS B 68 -34.21 -32.45 -18.69
N TRP B 69 -34.42 -32.83 -19.96
CA TRP B 69 -35.70 -32.60 -20.61
C TRP B 69 -36.81 -33.43 -19.96
N ILE B 70 -36.49 -34.66 -19.55
CA ILE B 70 -37.46 -35.48 -18.84
C ILE B 70 -37.69 -34.94 -17.43
N ALA B 71 -36.65 -34.42 -16.80
CA ALA B 71 -36.76 -33.96 -15.42
C ALA B 71 -37.55 -32.66 -15.32
N LEU B 72 -37.57 -31.87 -16.38
CA LEU B 72 -38.33 -30.61 -16.32
C LEU B 72 -39.79 -30.82 -16.00
N PRO B 73 -40.54 -31.70 -16.68
CA PRO B 73 -41.90 -32.01 -16.18
C PRO B 73 -41.89 -32.58 -14.77
N ILE B 74 -40.89 -33.41 -14.46
CA ILE B 74 -40.82 -34.02 -13.14
C ILE B 74 -40.54 -32.95 -12.08
N GLY B 75 -39.59 -32.05 -12.35
CA GLY B 75 -39.30 -30.99 -11.40
C GLY B 75 -40.47 -30.05 -11.22
N PHE B 76 -41.16 -29.70 -12.31
CA PHE B 76 -42.33 -28.85 -12.22
C PHE B 76 -43.44 -29.52 -11.41
N ALA B 77 -43.67 -30.81 -11.65
CA ALA B 77 -44.70 -31.53 -10.91
C ALA B 77 -44.34 -31.61 -9.43
N LEU B 78 -43.06 -31.84 -9.11
CA LEU B 78 -42.65 -31.91 -7.72
C LEU B 78 -42.81 -30.57 -7.03
N PHE B 79 -42.46 -29.48 -7.70
CA PHE B 79 -42.66 -28.16 -7.11
C PHE B 79 -44.14 -27.86 -6.91
N TRP B 80 -44.99 -28.27 -7.85
CA TRP B 80 -46.43 -28.02 -7.72
C TRP B 80 -47.02 -28.82 -6.56
N HIS B 81 -46.75 -30.13 -6.53
CA HIS B 81 -47.35 -30.98 -5.51
C HIS B 81 -46.76 -30.70 -4.13
N ASP B 82 -45.49 -30.29 -4.06
CA ASP B 82 -44.91 -29.94 -2.77
C ASP B 82 -45.61 -28.73 -2.16
N THR B 83 -46.18 -27.87 -2.98
CA THR B 83 -46.98 -26.76 -2.49
C THR B 83 -48.38 -27.25 -2.14
N TRP B 84 -49.09 -26.45 -1.36
CA TRP B 84 -50.41 -26.81 -0.87
C TRP B 84 -51.52 -26.57 -1.88
N LEU B 85 -51.18 -26.38 -3.14
CA LEU B 85 -52.19 -26.17 -4.16
C LEU B 85 -53.01 -27.45 -4.37
N PRO B 86 -54.30 -27.32 -4.64
CA PRO B 86 -55.13 -28.50 -4.88
C PRO B 86 -54.73 -29.22 -6.17
N GLY B 87 -55.05 -30.51 -6.20
CA GLY B 87 -54.72 -31.34 -7.33
C GLY B 87 -55.30 -30.84 -8.64
N PRO B 88 -54.52 -30.95 -9.71
CA PRO B 88 -54.99 -30.45 -11.02
C PRO B 88 -56.21 -31.17 -11.55
N GLU B 89 -56.51 -32.38 -11.06
CA GLU B 89 -57.71 -33.07 -11.49
C GLU B 89 -58.97 -32.29 -11.11
N SER B 90 -58.96 -31.68 -9.93
CA SER B 90 -60.06 -30.80 -9.55
C SER B 90 -60.18 -29.62 -10.49
N ILE B 91 -59.03 -29.06 -10.91
CA ILE B 91 -59.05 -27.95 -11.86
C ILE B 91 -59.66 -28.40 -13.18
N MET B 92 -59.29 -29.59 -13.66
CA MET B 92 -59.85 -30.10 -14.91
C MET B 92 -61.36 -30.31 -14.77
N SER B 93 -61.80 -30.84 -13.63
CA SER B 93 -63.22 -31.09 -13.43
C SER B 93 -64.02 -29.80 -13.36
N GLN B 94 -63.50 -28.78 -12.69
CA GLN B 94 -64.23 -27.55 -12.44
C GLN B 94 -63.83 -26.41 -13.37
N GLY B 95 -63.11 -26.71 -14.45
CA GLY B 95 -62.83 -25.68 -15.44
C GLY B 95 -64.09 -25.08 -16.03
N SER B 96 -65.12 -25.90 -16.24
CA SER B 96 -66.40 -25.39 -16.74
C SER B 96 -67.02 -24.42 -15.75
N GLN B 97 -67.00 -24.77 -14.46
CA GLN B 97 -67.54 -23.88 -13.44
C GLN B 97 -66.74 -22.58 -13.35
N VAL B 98 -65.41 -22.67 -13.49
CA VAL B 98 -64.58 -21.48 -13.49
C VAL B 98 -64.92 -20.59 -14.68
N ALA B 99 -65.09 -21.19 -15.85
CA ALA B 99 -65.48 -20.43 -17.03
C ALA B 99 -66.86 -19.81 -16.87
N GLY B 100 -67.74 -20.46 -16.12
CA GLY B 100 -69.04 -19.88 -15.83
C GLY B 100 -68.98 -18.66 -14.93
N PHE B 101 -67.90 -18.52 -14.14
CA PHE B 101 -67.72 -17.35 -13.30
C PHE B 101 -67.23 -16.17 -14.13
N SER B 102 -67.36 -14.98 -13.55
CA SER B 102 -66.91 -13.77 -14.22
C SER B 102 -65.38 -13.74 -14.32
N THR B 103 -64.88 -13.32 -15.48
CA THR B 103 -63.44 -13.28 -15.71
C THR B 103 -62.77 -12.13 -14.96
N ASP B 104 -63.45 -10.99 -14.83
CA ASP B 104 -62.85 -9.85 -14.13
C ASP B 104 -62.58 -10.17 -12.67
N TYR B 105 -63.50 -10.88 -12.01
CA TYR B 105 -63.29 -11.30 -10.63
C TYR B 105 -62.08 -12.23 -10.53
N LEU B 106 -61.94 -13.16 -11.47
CA LEU B 106 -60.79 -14.05 -11.47
C LEU B 106 -59.49 -13.28 -11.64
N ILE B 107 -59.47 -12.30 -12.55
CA ILE B 107 -58.27 -11.50 -12.77
C ILE B 107 -57.92 -10.73 -11.50
N ASP B 108 -58.93 -10.12 -10.86
CA ASP B 108 -58.67 -9.39 -9.63
C ASP B 108 -58.15 -10.31 -8.53
N LEU B 109 -58.73 -11.51 -8.42
CA LEU B 109 -58.28 -12.46 -7.40
C LEU B 109 -56.84 -12.88 -7.64
N VAL B 110 -56.48 -13.20 -8.89
CA VAL B 110 -55.13 -13.66 -9.17
C VAL B 110 -54.13 -12.52 -9.00
N THR B 111 -54.53 -11.27 -9.26
CA THR B 111 -53.66 -10.15 -8.96
C THR B 111 -53.49 -9.97 -7.45
N ARG B 112 -54.55 -10.23 -6.69
CA ARG B 112 -54.46 -10.11 -5.24
C ARG B 112 -53.60 -11.22 -4.64
N PHE B 113 -53.62 -12.41 -5.23
CA PHE B 113 -52.98 -13.57 -4.60
C PHE B 113 -51.46 -13.44 -4.59
N ILE B 114 -50.88 -12.93 -5.69
CA ILE B 114 -49.43 -12.98 -5.85
C ILE B 114 -48.76 -12.14 -4.78
N ASN B 115 -47.92 -12.79 -3.97
CA ASN B 115 -47.17 -12.11 -2.93
C ASN B 115 -45.86 -11.62 -3.53
N TRP B 116 -45.64 -10.31 -3.50
CA TRP B 116 -44.43 -9.74 -4.05
C TRP B 116 -43.24 -9.87 -3.11
N GLN B 117 -43.47 -10.13 -1.82
CA GLN B 117 -42.34 -10.28 -0.91
C GLN B 117 -41.59 -11.57 -1.19
N MET B 118 -42.31 -12.68 -1.41
CA MET B 118 -41.65 -13.92 -1.76
C MET B 118 -40.98 -13.82 -3.13
N ILE B 119 -41.58 -13.07 -4.06
CA ILE B 119 -40.95 -12.90 -5.37
C ILE B 119 -39.67 -12.10 -5.26
N GLY B 120 -39.66 -11.08 -4.39
CA GLY B 120 -38.44 -10.35 -4.15
C GLY B 120 -37.37 -11.22 -3.52
N ALA B 121 -37.76 -12.03 -2.53
CA ALA B 121 -36.80 -12.94 -1.92
C ALA B 121 -36.27 -13.93 -2.94
N ILE B 122 -37.12 -14.41 -3.85
CA ILE B 122 -36.70 -15.36 -4.88
C ILE B 122 -35.70 -14.72 -5.83
N PHE B 123 -35.98 -13.48 -6.26
CA PHE B 123 -35.04 -12.79 -7.14
C PHE B 123 -33.71 -12.56 -6.46
N VAL B 124 -33.72 -12.12 -5.21
CA VAL B 124 -32.46 -11.88 -4.51
C VAL B 124 -31.71 -13.18 -4.31
N LEU B 125 -32.43 -14.28 -4.04
CA LEU B 125 -31.79 -15.57 -3.91
C LEU B 125 -31.18 -16.04 -5.23
N LEU B 126 -31.84 -15.75 -6.34
CA LEU B 126 -31.27 -16.08 -7.64
C LEU B 126 -29.96 -15.35 -7.86
N VAL B 127 -29.94 -14.05 -7.57
CA VAL B 127 -28.71 -13.28 -7.73
C VAL B 127 -27.63 -13.82 -6.79
N ALA B 128 -28.02 -14.15 -5.55
CA ALA B 128 -27.06 -14.65 -4.59
C ALA B 128 -26.46 -15.97 -5.04
N TRP B 129 -27.28 -16.86 -5.61
CA TRP B 129 -26.77 -18.12 -6.12
C TRP B 129 -25.82 -17.90 -7.30
N LEU B 130 -26.22 -17.04 -8.24
CA LEU B 130 -25.37 -16.78 -9.40
C LEU B 130 -24.07 -16.10 -9.02
N PHE B 131 -24.00 -15.45 -7.86
CA PHE B 131 -22.72 -14.92 -7.45
C PHE B 131 -21.91 -15.89 -6.60
N LEU B 132 -22.57 -16.63 -5.70
CA LEU B 132 -21.88 -17.51 -4.79
C LEU B 132 -21.56 -18.87 -5.40
N SER B 133 -21.93 -19.10 -6.67
CA SER B 133 -21.44 -20.33 -7.26
C SER B 133 -19.91 -20.30 -7.54
N GLN B 134 -19.17 -19.30 -7.06
CA GLN B 134 -17.70 -19.37 -7.28
C GLN B 134 -17.02 -19.80 -5.99
N TRP B 135 -17.30 -19.13 -4.88
CA TRP B 135 -16.60 -19.37 -3.63
C TRP B 135 -17.25 -20.44 -2.77
N ILE B 136 -18.46 -20.87 -3.12
CA ILE B 136 -19.14 -21.97 -2.44
C ILE B 136 -19.74 -22.86 -3.50
N ARG B 137 -19.46 -24.16 -3.42
CA ARG B 137 -20.09 -25.11 -4.32
C ARG B 137 -21.46 -25.48 -3.76
N ILE B 138 -22.49 -25.38 -4.59
CA ILE B 138 -23.85 -25.43 -4.09
C ILE B 138 -24.48 -26.83 -4.18
N THR B 139 -24.02 -27.69 -5.08
CA THR B 139 -24.49 -29.07 -5.07
C THR B 139 -24.09 -29.77 -3.78
N VAL B 140 -22.85 -29.55 -3.33
CA VAL B 140 -22.38 -30.16 -2.10
C VAL B 140 -23.25 -29.73 -0.92
N PHE B 141 -23.48 -28.42 -0.79
CA PHE B 141 -24.24 -27.91 0.35
C PHE B 141 -25.71 -28.31 0.26
N VAL B 142 -26.26 -28.33 -0.95
CA VAL B 142 -27.65 -28.75 -1.12
C VAL B 142 -27.82 -30.20 -0.66
N VAL B 143 -26.91 -31.08 -1.09
CA VAL B 143 -27.02 -32.48 -0.70
C VAL B 143 -26.73 -32.65 0.79
N ALA B 144 -25.84 -31.83 1.35
CA ALA B 144 -25.58 -31.90 2.78
C ALA B 144 -26.83 -31.55 3.60
N ILE B 145 -27.47 -30.44 3.27
CA ILE B 145 -28.68 -30.06 3.97
C ILE B 145 -29.79 -31.07 3.73
N LEU B 146 -29.85 -31.63 2.52
CA LEU B 146 -30.86 -32.64 2.22
C LEU B 146 -30.66 -33.90 3.06
N LEU B 147 -29.41 -34.35 3.18
CA LEU B 147 -29.10 -35.49 4.03
C LEU B 147 -29.44 -35.19 5.48
N TRP B 148 -29.15 -33.98 5.95
CA TRP B 148 -29.46 -33.64 7.34
C TRP B 148 -30.97 -33.68 7.59
N LEU B 149 -31.75 -33.13 6.65
CA LEU B 149 -33.20 -33.16 6.82
C LEU B 149 -33.73 -34.59 6.76
N ASN B 150 -33.17 -35.43 5.88
CA ASN B 150 -33.58 -36.82 5.84
C ASN B 150 -33.26 -37.53 7.15
N VAL B 151 -32.07 -37.28 7.71
CA VAL B 151 -31.71 -37.86 9.00
C VAL B 151 -32.69 -37.41 10.07
N LEU B 152 -33.05 -36.13 10.08
CA LEU B 152 -34.02 -35.64 11.06
C LEU B 152 -35.37 -36.34 10.91
N THR B 153 -35.84 -36.51 9.67
CA THR B 153 -37.12 -37.16 9.47
C THR B 153 -37.06 -38.68 9.68
N LEU B 154 -35.87 -39.26 9.75
CA LEU B 154 -35.74 -40.69 10.04
C LEU B 154 -35.65 -40.95 11.54
N ALA B 155 -34.92 -40.12 12.27
CA ALA B 155 -34.76 -40.29 13.71
C ALA B 155 -35.55 -39.23 14.47
N SER C 12 -21.33 -16.51 -19.82
CA SER C 12 -19.91 -16.64 -20.12
C SER C 12 -19.21 -17.58 -19.16
N SER C 13 -17.89 -17.65 -19.24
CA SER C 13 -17.13 -18.58 -18.40
C SER C 13 -17.10 -18.11 -16.95
N LEU C 14 -16.77 -16.83 -16.74
CA LEU C 14 -16.61 -16.29 -15.39
C LEU C 14 -17.62 -15.19 -15.05
N TRP C 15 -18.34 -14.67 -16.02
CA TRP C 15 -19.29 -13.57 -15.81
C TRP C 15 -18.63 -12.38 -15.12
N GLN C 16 -17.73 -11.74 -15.88
CA GLN C 16 -17.13 -10.51 -15.37
C GLN C 16 -18.09 -9.34 -15.59
N TYR C 17 -19.32 -9.52 -15.12
CA TYR C 17 -20.32 -8.47 -15.15
C TYR C 17 -20.75 -8.10 -13.73
N TRP C 18 -20.03 -8.58 -12.73
CA TRP C 18 -20.23 -8.16 -11.34
C TRP C 18 -19.23 -7.05 -11.02
N ARG C 19 -19.47 -5.89 -11.66
CA ARG C 19 -18.55 -4.77 -11.58
C ARG C 19 -18.65 -4.02 -10.26
N GLY C 20 -19.74 -4.14 -9.55
CA GLY C 20 -19.95 -3.42 -8.30
C GLY C 20 -21.03 -2.36 -8.43
N LEU C 21 -21.47 -1.87 -7.27
CA LEU C 21 -22.49 -0.85 -7.24
C LEU C 21 -22.00 0.46 -7.84
N SER C 22 -20.70 0.74 -7.75
CA SER C 22 -20.08 1.95 -8.29
C SER C 22 -20.73 3.16 -7.61
N GLY C 23 -21.41 4.03 -8.35
CA GLY C 23 -21.89 5.27 -7.75
C GLY C 23 -22.92 5.07 -6.66
N TRP C 24 -23.79 4.05 -6.82
CA TRP C 24 -24.89 3.87 -5.88
C TRP C 24 -24.44 3.55 -4.46
N ASN C 25 -23.14 3.40 -4.25
CA ASN C 25 -22.65 3.28 -2.88
C ASN C 25 -23.03 4.51 -2.07
N PHE C 26 -22.94 5.69 -2.67
CA PHE C 26 -23.35 6.91 -1.97
C PHE C 26 -24.85 6.90 -1.72
N TYR C 27 -25.64 6.38 -2.68
CA TYR C 27 -27.09 6.30 -2.49
C TYR C 27 -27.42 5.48 -1.25
N PHE C 28 -26.82 4.29 -1.15
CA PHE C 28 -27.14 3.43 -0.02
C PHE C 28 -26.53 3.95 1.29
N LEU C 29 -25.37 4.61 1.22
CA LEU C 29 -24.80 5.20 2.43
C LEU C 29 -25.65 6.34 2.95
N VAL C 30 -26.20 7.15 2.03
CA VAL C 30 -27.11 8.22 2.43
C VAL C 30 -28.37 7.64 3.05
N LYS C 31 -28.92 6.57 2.46
CA LYS C 31 -30.07 5.93 3.08
C LYS C 31 -29.73 5.40 4.47
N PHE C 32 -28.55 4.80 4.64
CA PHE C 32 -28.15 4.31 5.95
C PHE C 32 -28.03 5.44 6.96
N GLY C 33 -27.42 6.55 6.55
CA GLY C 33 -27.30 7.68 7.46
C GLY C 33 -28.64 8.26 7.86
N LEU C 34 -29.56 8.38 6.89
CA LEU C 34 -30.87 8.94 7.20
C LEU C 34 -31.71 7.99 8.03
N LEU C 35 -31.48 6.67 7.91
CA LEU C 35 -32.14 5.74 8.81
C LEU C 35 -31.55 5.83 10.21
N TRP C 36 -30.24 6.02 10.31
CA TRP C 36 -29.62 6.15 11.62
C TRP C 36 -30.09 7.41 12.33
N ALA C 37 -30.22 8.52 11.61
CA ALA C 37 -30.68 9.76 12.21
C ALA C 37 -32.11 9.65 12.74
N GLY C 38 -32.89 8.72 12.21
CA GLY C 38 -34.26 8.53 12.66
C GLY C 38 -35.32 9.15 11.80
N TYR C 39 -34.97 9.68 10.63
CA TYR C 39 -35.94 10.32 9.75
C TYR C 39 -36.56 9.38 8.73
N LEU C 40 -36.21 8.09 8.75
CA LEU C 40 -36.56 7.19 7.67
C LEU C 40 -37.57 6.14 8.11
N ASN C 41 -38.50 5.83 7.20
CA ASN C 41 -39.29 4.60 7.26
C ASN C 41 -38.64 3.63 6.28
N PHE C 42 -37.58 2.97 6.75
CA PHE C 42 -36.78 2.13 5.88
C PHE C 42 -37.55 0.87 5.47
N HIS C 43 -37.32 0.45 4.23
CA HIS C 43 -37.94 -0.76 3.68
C HIS C 43 -36.82 -1.73 3.29
N PRO C 44 -36.43 -2.63 4.18
CA PRO C 44 -35.28 -3.51 3.89
C PRO C 44 -35.47 -4.37 2.64
N LEU C 45 -36.66 -4.89 2.42
CA LEU C 45 -36.86 -5.78 1.27
C LEU C 45 -36.69 -5.03 -0.05
N LEU C 46 -37.29 -3.83 -0.15
CA LEU C 46 -37.17 -3.08 -1.39
C LEU C 46 -35.75 -2.58 -1.61
N ASN C 47 -35.06 -2.21 -0.53
CA ASN C 47 -33.65 -1.82 -0.67
C ASN C 47 -32.80 -2.98 -1.14
N LEU C 48 -33.04 -4.18 -0.61
CA LEU C 48 -32.28 -5.35 -1.03
C LEU C 48 -32.56 -5.67 -2.49
N VAL C 49 -33.82 -5.60 -2.90
CA VAL C 49 -34.14 -5.89 -4.29
C VAL C 49 -33.53 -4.84 -5.21
N PHE C 50 -33.48 -3.58 -4.77
CA PHE C 50 -32.81 -2.55 -5.56
C PHE C 50 -31.32 -2.83 -5.69
N ALA C 51 -30.68 -3.28 -4.60
CA ALA C 51 -29.27 -3.65 -4.67
C ALA C 51 -29.06 -4.80 -5.63
N ALA C 52 -29.95 -5.79 -5.61
CA ALA C 52 -29.85 -6.92 -6.53
C ALA C 52 -30.02 -6.47 -7.98
N PHE C 53 -30.95 -5.53 -8.22
CA PHE C 53 -31.13 -5.01 -9.56
C PHE C 53 -29.89 -4.25 -10.03
N LEU C 54 -29.26 -3.51 -9.12
CA LEU C 54 -28.04 -2.79 -9.48
C LEU C 54 -26.87 -3.73 -9.74
N LEU C 55 -26.79 -4.84 -9.02
CA LEU C 55 -25.65 -5.76 -9.13
C LEU C 55 -25.88 -6.90 -10.11
N MET C 56 -27.05 -6.98 -10.75
CA MET C 56 -27.33 -8.09 -11.64
C MET C 56 -26.37 -8.07 -12.83
N PRO C 57 -25.72 -9.19 -13.14
CA PRO C 57 -24.76 -9.20 -14.25
C PRO C 57 -25.47 -9.16 -15.60
N LEU C 58 -24.97 -8.29 -16.48
CA LEU C 58 -25.52 -8.14 -17.83
C LEU C 58 -24.38 -8.15 -18.84
N PRO C 59 -24.49 -8.92 -19.93
CA PRO C 59 -23.35 -9.10 -20.84
C PRO C 59 -22.89 -7.84 -21.55
N ARG C 60 -23.79 -7.17 -22.28
CA ARG C 60 -23.41 -6.00 -23.06
C ARG C 60 -23.33 -4.77 -22.16
N TYR C 61 -22.43 -3.85 -22.53
CA TYR C 61 -22.35 -2.60 -21.80
C TYR C 61 -23.54 -1.70 -22.08
N SER C 62 -24.15 -1.84 -23.26
CA SER C 62 -25.34 -1.06 -23.57
C SER C 62 -26.46 -1.37 -22.59
N LEU C 63 -26.68 -2.65 -22.31
CA LEU C 63 -27.72 -3.03 -21.35
C LEU C 63 -27.34 -2.60 -19.94
N HIS C 64 -26.05 -2.56 -19.62
CA HIS C 64 -25.61 -2.05 -18.32
C HIS C 64 -25.97 -0.58 -18.16
N ARG C 65 -25.67 0.22 -19.18
CA ARG C 65 -26.01 1.64 -19.15
C ARG C 65 -27.52 1.85 -19.10
N LEU C 66 -28.27 1.08 -19.89
CA LEU C 66 -29.73 1.18 -19.85
C LEU C 66 -30.27 0.81 -18.49
N ARG C 67 -29.67 -0.20 -17.85
CA ARG C 67 -30.08 -0.59 -16.51
C ARG C 67 -29.86 0.53 -15.52
N HIS C 68 -28.70 1.19 -15.58
CA HIS C 68 -28.48 2.33 -14.69
C HIS C 68 -29.48 3.45 -14.96
N TRP C 69 -29.75 3.73 -16.24
CA TRP C 69 -30.68 4.80 -16.58
C TRP C 69 -32.08 4.51 -16.08
N ILE C 70 -32.54 3.26 -16.21
CA ILE C 70 -33.85 2.90 -15.71
C ILE C 70 -33.86 2.88 -14.18
N ALA C 71 -32.72 2.56 -13.56
CA ALA C 71 -32.66 2.50 -12.11
C ALA C 71 -32.67 3.88 -11.47
N LEU C 72 -32.22 4.91 -12.19
CA LEU C 72 -32.23 6.25 -11.61
C LEU C 72 -33.61 6.71 -11.16
N PRO C 73 -34.66 6.69 -12.00
CA PRO C 73 -35.97 7.14 -11.50
C PRO C 73 -36.56 6.20 -10.46
N ILE C 74 -36.34 4.90 -10.59
CA ILE C 74 -36.84 3.97 -9.58
C ILE C 74 -36.14 4.20 -8.25
N GLY C 75 -34.83 4.47 -8.29
CA GLY C 75 -34.11 4.80 -7.06
C GLY C 75 -34.60 6.10 -6.44
N PHE C 76 -34.87 7.10 -7.28
CA PHE C 76 -35.44 8.35 -6.79
C PHE C 76 -36.77 8.11 -6.08
N ALA C 77 -37.65 7.34 -6.73
CA ALA C 77 -38.96 7.05 -6.15
C ALA C 77 -38.83 6.26 -4.86
N LEU C 78 -37.91 5.29 -4.82
CA LEU C 78 -37.72 4.49 -3.61
C LEU C 78 -37.23 5.35 -2.45
N PHE C 79 -36.28 6.25 -2.72
CA PHE C 79 -35.80 7.15 -1.68
C PHE C 79 -36.91 8.06 -1.19
N TRP C 80 -37.73 8.58 -2.11
CA TRP C 80 -38.86 9.40 -1.69
C TRP C 80 -39.84 8.59 -0.83
N HIS C 81 -40.11 7.35 -1.22
CA HIS C 81 -41.04 6.51 -0.48
C HIS C 81 -40.49 6.15 0.90
N ASP C 82 -39.18 6.09 1.05
CA ASP C 82 -38.57 5.72 2.32
C ASP C 82 -38.46 6.89 3.29
N THR C 83 -38.78 8.11 2.88
CA THR C 83 -38.75 9.25 3.77
C THR C 83 -40.13 9.48 4.37
N TRP C 84 -40.22 10.46 5.28
CA TRP C 84 -41.46 10.77 5.97
C TRP C 84 -42.25 11.90 5.30
N LEU C 85 -41.80 12.36 4.14
CA LEU C 85 -42.50 13.43 3.45
C LEU C 85 -43.85 12.94 2.94
N PRO C 86 -44.79 13.87 2.69
CA PRO C 86 -46.11 13.46 2.20
C PRO C 86 -46.04 12.94 0.77
N GLY C 87 -47.10 12.21 0.39
CA GLY C 87 -47.14 11.52 -0.87
C GLY C 87 -47.50 12.44 -2.02
N PRO C 88 -47.52 11.86 -3.22
CA PRO C 88 -47.79 12.67 -4.42
C PRO C 88 -49.19 13.26 -4.48
N GLU C 89 -50.16 12.63 -3.83
CA GLU C 89 -51.53 13.15 -3.87
C GLU C 89 -51.61 14.53 -3.24
N SER C 90 -50.97 14.71 -2.08
CA SER C 90 -50.97 16.02 -1.42
C SER C 90 -50.26 17.05 -2.28
N ILE C 91 -49.14 16.67 -2.91
CA ILE C 91 -48.40 17.60 -3.75
C ILE C 91 -49.26 18.04 -4.93
N MET C 92 -49.93 17.09 -5.59
CA MET C 92 -50.74 17.43 -6.75
C MET C 92 -51.98 18.23 -6.35
N SER C 93 -52.49 18.02 -5.13
CA SER C 93 -53.66 18.77 -4.70
C SER C 93 -53.31 20.17 -4.20
N GLN C 94 -52.09 20.37 -3.71
CA GLN C 94 -51.69 21.65 -3.14
C GLN C 94 -50.71 22.43 -4.00
N GLY C 95 -50.38 21.93 -5.19
CA GLY C 95 -49.52 22.71 -6.08
C GLY C 95 -50.10 24.06 -6.45
N SER C 96 -51.40 24.09 -6.76
CA SER C 96 -52.05 25.35 -7.09
C SER C 96 -52.03 26.31 -5.91
N GLN C 97 -52.29 25.81 -4.70
CA GLN C 97 -52.26 26.64 -3.52
C GLN C 97 -50.86 27.19 -3.26
N VAL C 98 -49.84 26.35 -3.43
CA VAL C 98 -48.46 26.79 -3.26
C VAL C 98 -48.11 27.88 -4.28
N ALA C 99 -48.53 27.69 -5.53
CA ALA C 99 -48.30 28.70 -6.55
C ALA C 99 -49.00 30.00 -6.21
N GLY C 100 -50.20 29.93 -5.66
CA GLY C 100 -50.94 31.13 -5.29
C GLY C 100 -50.51 31.76 -3.98
N PHE C 101 -49.67 31.09 -3.20
CA PHE C 101 -49.21 31.64 -1.94
C PHE C 101 -48.18 32.75 -2.16
N SER C 102 -48.02 33.58 -1.14
CA SER C 102 -47.08 34.69 -1.20
C SER C 102 -45.65 34.17 -1.16
N THR C 103 -44.72 35.01 -1.63
CA THR C 103 -43.32 34.62 -1.69
C THR C 103 -42.71 34.50 -0.30
N ASP C 104 -43.14 35.33 0.65
CA ASP C 104 -42.56 35.30 1.99
C ASP C 104 -42.82 33.95 2.67
N TYR C 105 -44.03 33.42 2.55
CA TYR C 105 -44.34 32.13 3.16
C TYR C 105 -43.52 31.02 2.52
N LEU C 106 -43.37 31.05 1.20
CA LEU C 106 -42.57 30.04 0.51
C LEU C 106 -41.11 30.11 0.95
N ILE C 107 -40.56 31.32 1.07
CA ILE C 107 -39.18 31.47 1.50
C ILE C 107 -39.00 30.96 2.93
N ASP C 108 -39.96 31.28 3.81
CA ASP C 108 -39.88 30.81 5.19
C ASP C 108 -39.94 29.29 5.25
N LEU C 109 -40.83 28.68 4.44
CA LEU C 109 -40.93 27.22 4.42
C LEU C 109 -39.64 26.60 3.89
N VAL C 110 -39.04 27.21 2.87
CA VAL C 110 -37.77 26.71 2.34
C VAL C 110 -36.68 26.79 3.41
N THR C 111 -36.61 27.91 4.13
CA THR C 111 -35.60 28.05 5.18
C THR C 111 -35.81 27.01 6.28
N ARG C 112 -37.06 26.78 6.68
CA ARG C 112 -37.32 25.78 7.70
C ARG C 112 -37.11 24.36 7.18
N PHE C 113 -37.14 24.16 5.87
CA PHE C 113 -36.96 22.84 5.29
C PHE C 113 -35.50 22.40 5.30
N ILE C 114 -34.58 23.35 5.09
CA ILE C 114 -33.16 23.03 4.93
C ILE C 114 -32.48 23.08 6.30
N ASN C 115 -31.81 21.99 6.65
CA ASN C 115 -30.99 21.91 7.85
C ASN C 115 -29.54 21.87 7.39
N TRP C 116 -28.77 22.90 7.76
CA TRP C 116 -27.38 22.99 7.32
C TRP C 116 -26.54 21.86 7.88
N GLN C 117 -26.90 21.35 9.06
CA GLN C 117 -26.18 20.22 9.63
C GLN C 117 -26.32 18.99 8.74
N MET C 118 -27.51 18.75 8.21
CA MET C 118 -27.71 17.64 7.28
C MET C 118 -26.86 17.79 6.03
N ILE C 119 -26.79 19.01 5.49
CA ILE C 119 -25.98 19.24 4.29
C ILE C 119 -24.51 18.99 4.57
N GLY C 120 -24.03 19.46 5.74
CA GLY C 120 -22.64 19.22 6.10
C GLY C 120 -22.33 17.74 6.26
N ALA C 121 -23.22 17.01 6.94
CA ALA C 121 -23.03 15.58 7.11
C ALA C 121 -23.02 14.85 5.77
N ILE C 122 -23.95 15.22 4.88
CA ILE C 122 -24.02 14.56 3.57
C ILE C 122 -22.77 14.85 2.76
N PHE C 123 -22.29 16.09 2.79
CA PHE C 123 -21.09 16.43 2.03
C PHE C 123 -19.86 15.70 2.56
N VAL C 124 -19.70 15.63 3.88
CA VAL C 124 -18.54 14.92 4.41
C VAL C 124 -18.67 13.43 4.12
N LEU C 125 -19.90 12.91 4.11
CA LEU C 125 -20.10 11.51 3.72
C LEU C 125 -19.69 11.28 2.28
N LEU C 126 -20.00 12.23 1.39
CA LEU C 126 -19.60 12.10 -0.01
C LEU C 126 -18.08 12.12 -0.16
N VAL C 127 -17.40 13.01 0.58
CA VAL C 127 -15.95 13.06 0.50
C VAL C 127 -15.33 11.78 1.03
N ALA C 128 -15.82 11.29 2.16
CA ALA C 128 -15.32 10.05 2.73
C ALA C 128 -15.57 8.88 1.80
N TRP C 129 -16.73 8.86 1.13
CA TRP C 129 -17.02 7.80 0.17
C TRP C 129 -16.06 7.87 -1.01
N LEU C 130 -15.75 9.07 -1.48
CA LEU C 130 -14.76 9.20 -2.55
C LEU C 130 -13.44 8.58 -2.14
N PHE C 131 -12.95 8.92 -0.95
CA PHE C 131 -11.68 8.37 -0.48
C PHE C 131 -11.75 6.84 -0.36
N LEU C 132 -12.78 6.33 0.31
CA LEU C 132 -12.87 4.90 0.55
C LEU C 132 -13.00 4.13 -0.75
N SER C 133 -13.82 4.61 -1.69
CA SER C 133 -13.91 3.96 -2.98
C SER C 133 -12.59 4.00 -3.72
N GLN C 134 -11.82 5.08 -3.53
CA GLN C 134 -10.46 5.08 -4.06
C GLN C 134 -9.59 4.02 -3.39
N TRP C 135 -9.94 3.59 -2.17
CA TRP C 135 -9.16 2.56 -1.48
C TRP C 135 -9.89 1.22 -1.36
N ILE C 136 -11.08 1.21 -0.75
CA ILE C 136 -11.74 -0.03 -0.34
C ILE C 136 -13.02 -0.22 -1.14
N ARG C 137 -13.25 -1.45 -1.61
CA ARG C 137 -14.48 -1.77 -2.32
C ARG C 137 -15.67 -1.66 -1.38
N ILE C 138 -16.66 -0.85 -1.77
CA ILE C 138 -17.77 -0.52 -0.89
C ILE C 138 -18.97 -1.44 -1.08
N THR C 139 -19.11 -2.06 -2.27
CA THR C 139 -20.30 -2.84 -2.56
C THR C 139 -20.47 -4.00 -1.58
N VAL C 140 -19.36 -4.64 -1.21
CA VAL C 140 -19.44 -5.75 -0.26
C VAL C 140 -20.01 -5.28 1.07
N PHE C 141 -19.51 -4.15 1.57
CA PHE C 141 -20.00 -3.63 2.85
C PHE C 141 -21.47 -3.23 2.75
N VAL C 142 -21.85 -2.58 1.64
CA VAL C 142 -23.24 -2.12 1.49
C VAL C 142 -24.19 -3.31 1.47
N VAL C 143 -23.84 -4.35 0.70
CA VAL C 143 -24.72 -5.50 0.61
C VAL C 143 -24.73 -6.27 1.92
N ALA C 144 -23.60 -6.32 2.63
CA ALA C 144 -23.59 -6.97 3.94
C ALA C 144 -24.51 -6.25 4.92
N ILE C 145 -24.47 -4.91 4.92
CA ILE C 145 -25.34 -4.15 5.81
C ILE C 145 -26.80 -4.35 5.44
N LEU C 146 -27.11 -4.38 4.13
CA LEU C 146 -28.49 -4.61 3.72
C LEU C 146 -28.98 -5.99 4.17
N LEU C 147 -28.14 -7.01 3.99
CA LEU C 147 -28.51 -8.34 4.44
C LEU C 147 -28.70 -8.39 5.95
N TRP C 148 -27.83 -7.71 6.69
CA TRP C 148 -27.96 -7.67 8.15
C TRP C 148 -29.27 -7.02 8.57
N LEU C 149 -29.62 -5.91 7.94
CA LEU C 149 -30.89 -5.25 8.26
C LEU C 149 -32.08 -6.16 7.93
N ASN C 150 -32.04 -6.81 6.77
CA ASN C 150 -33.16 -7.68 6.40
C ASN C 150 -33.28 -8.86 7.35
N VAL C 151 -32.15 -9.44 7.76
CA VAL C 151 -32.19 -10.57 8.68
C VAL C 151 -32.75 -10.14 10.02
N LEU C 152 -32.31 -8.98 10.53
CA LEU C 152 -32.83 -8.48 11.80
C LEU C 152 -34.34 -8.24 11.71
N THR C 153 -34.79 -7.60 10.64
CA THR C 153 -36.20 -7.27 10.52
C THR C 153 -37.06 -8.53 10.42
N LEU C 154 -36.68 -9.46 9.54
CA LEU C 154 -37.50 -10.65 9.34
C LEU C 154 -37.47 -11.56 10.56
N ALA C 155 -36.39 -11.52 11.35
CA ALA C 155 -36.33 -12.30 12.57
C ALA C 155 -36.98 -11.55 13.73
N PRO D 706 -15.66 38.03 30.82
CA PRO D 706 -16.33 36.83 30.31
C PRO D 706 -16.70 36.97 28.85
N TRP D 707 -16.35 38.11 28.23
CA TRP D 707 -16.66 38.33 26.83
C TRP D 707 -16.08 37.24 25.94
N PHE D 708 -14.86 36.79 26.26
CA PHE D 708 -14.25 35.72 25.48
C PHE D 708 -15.08 34.45 25.57
N GLU D 709 -15.61 34.15 26.76
CA GLU D 709 -16.54 33.04 26.89
C GLU D 709 -17.81 33.28 26.09
N ARG D 710 -18.27 34.54 26.01
CA ARG D 710 -19.45 34.85 25.21
C ARG D 710 -19.21 34.50 23.74
N LEU D 711 -18.09 34.95 23.18
CA LEU D 711 -17.79 34.62 21.80
C LEU D 711 -17.57 33.13 21.62
N TRP D 712 -16.89 32.48 22.57
CA TRP D 712 -16.68 31.04 22.48
C TRP D 712 -18.02 30.31 22.38
N TYR D 713 -18.95 30.62 23.29
CA TYR D 713 -20.26 29.99 23.22
C TYR D 713 -20.99 30.37 21.94
N ALA D 714 -20.72 31.57 21.41
CA ALA D 714 -21.25 31.91 20.11
C ALA D 714 -20.66 31.05 19.01
N LEU D 715 -19.48 30.43 19.25
CA LEU D 715 -18.88 29.54 18.27
C LEU D 715 -18.38 28.22 18.85
N ALA D 716 -18.80 27.84 20.07
CA ALA D 716 -18.39 26.56 20.62
C ALA D 716 -18.89 25.41 19.77
N ASN D 717 -20.16 25.46 19.37
CA ASN D 717 -20.74 24.51 18.46
C ASN D 717 -20.65 24.97 17.01
N HIS D 718 -19.70 25.87 16.71
CA HIS D 718 -19.54 26.44 15.37
C HIS D 718 -18.11 26.21 14.90
N PRO D 719 -17.77 24.99 14.47
CA PRO D 719 -16.43 24.77 13.94
C PRO D 719 -16.35 25.02 12.44
N ILE D 720 -17.48 24.99 11.74
CA ILE D 720 -17.47 25.12 10.29
C ILE D 720 -17.33 26.58 9.88
N LEU D 721 -18.12 27.47 10.49
CA LEU D 721 -17.96 28.89 10.23
C LEU D 721 -16.57 29.36 10.64
N LEU D 722 -16.07 28.84 11.77
CA LEU D 722 -14.71 29.17 12.20
C LEU D 722 -13.68 28.67 11.19
N ALA D 723 -13.88 27.47 10.66
CA ALA D 723 -12.96 26.95 9.65
C ALA D 723 -12.95 27.83 8.40
N VAL D 724 -14.13 28.25 7.95
CA VAL D 724 -14.22 29.07 6.74
C VAL D 724 -13.58 30.43 6.98
N LEU D 725 -13.83 31.03 8.15
CA LEU D 725 -13.17 32.29 8.48
C LEU D 725 -11.66 32.13 8.57
N ALA D 726 -11.20 30.98 9.08
CA ALA D 726 -9.78 30.70 9.12
C ALA D 726 -9.20 30.61 7.71
N ALA D 727 -9.94 29.99 6.79
CA ALA D 727 -9.48 29.93 5.41
C ALA D 727 -9.40 31.32 4.80
N ILE D 728 -10.37 32.18 5.09
CA ILE D 728 -10.36 33.54 4.57
C ILE D 728 -9.15 34.30 5.09
N SER D 729 -8.88 34.19 6.39
CA SER D 729 -7.73 34.86 6.96
C SER D 729 -6.43 34.28 6.43
N VAL D 730 -6.39 32.97 6.18
CA VAL D 730 -5.20 32.35 5.60
C VAL D 730 -4.93 32.92 4.23
N ILE D 731 -5.96 33.06 3.41
CA ILE D 731 -5.78 33.62 2.07
C ILE D 731 -5.29 35.06 2.17
N LEU D 732 -5.88 35.85 3.06
CA LEU D 732 -5.46 37.25 3.19
C LEU D 732 -4.01 37.37 3.66
N LEU D 733 -3.61 36.54 4.63
CA LEU D 733 -2.24 36.60 5.14
C LEU D 733 -1.25 36.11 4.09
N ALA D 734 -1.62 35.07 3.34
CA ALA D 734 -0.78 34.62 2.24
C ALA D 734 -0.62 35.73 1.20
N TRP D 735 -1.69 36.48 0.94
CA TRP D 735 -1.63 37.57 -0.02
C TRP D 735 -0.69 38.68 0.44
N VAL D 736 -0.79 39.09 1.71
CA VAL D 736 0.08 40.16 2.17
C VAL D 736 1.54 39.69 2.22
N LEU D 737 1.77 38.44 2.63
CA LEU D 737 3.12 37.90 2.62
C LEU D 737 3.66 37.84 1.20
N TRP D 738 2.82 37.47 0.23
CA TRP D 738 3.24 37.47 -1.17
C TRP D 738 3.65 38.85 -1.62
N ARG D 739 2.88 39.88 -1.24
CA ARG D 739 3.22 41.24 -1.61
C ARG D 739 4.58 41.63 -1.04
N LEU D 740 4.76 41.44 0.26
CA LEU D 740 6.00 41.86 0.90
C LEU D 740 7.20 41.08 0.34
N LEU D 741 7.03 39.78 0.14
CA LEU D 741 8.13 38.95 -0.35
C LEU D 741 8.50 39.31 -1.77
N ARG D 742 7.51 39.58 -2.63
CA ARG D 742 7.82 39.98 -4.00
C ARG D 742 8.55 41.32 -4.02
N ILE D 743 8.11 42.26 -3.19
CA ILE D 743 8.78 43.56 -3.12
C ILE D 743 10.24 43.37 -2.68
N ILE D 744 10.45 42.56 -1.64
CA ILE D 744 11.81 42.34 -1.14
C ILE D 744 12.67 41.62 -2.18
N SER D 745 12.07 40.65 -2.89
CA SER D 745 12.80 39.92 -3.92
C SER D 745 13.27 40.85 -5.03
N ARG D 746 12.39 41.74 -5.48
CA ARG D 746 12.78 42.68 -6.52
C ARG D 746 13.83 43.66 -6.00
N ARG D 747 13.67 44.14 -4.77
CA ARG D 747 14.65 45.05 -4.19
C ARG D 747 16.00 44.39 -3.99
N ARG D 748 16.04 43.07 -3.86
CA ARG D 748 17.30 42.36 -3.67
C ARG D 748 17.96 42.00 -4.99
N LEU D 749 17.22 41.38 -5.89
CA LEU D 749 17.82 40.88 -7.13
C LEU D 749 18.39 42.02 -7.98
N ASN D 750 17.70 43.16 -8.00
CA ASN D 750 18.16 44.31 -8.77
C ASN D 750 18.90 45.30 -7.88
N MET E 1 3.52 -46.05 4.03
CA MET E 1 2.53 -44.99 3.85
C MET E 1 1.62 -45.28 2.67
N SER E 2 2.21 -45.83 1.59
CA SER E 2 1.43 -46.12 0.39
C SER E 2 0.47 -47.27 0.61
N ILE E 3 0.82 -48.22 1.47
CA ILE E 3 -0.05 -49.37 1.71
C ILE E 3 -1.37 -48.92 2.33
N LEU E 4 -1.31 -48.02 3.31
CA LEU E 4 -2.53 -47.54 3.95
C LEU E 4 -3.43 -46.81 2.96
N THR E 5 -2.85 -45.95 2.13
CA THR E 5 -3.64 -45.25 1.12
C THR E 5 -4.26 -46.21 0.13
N ARG E 6 -3.49 -47.21 -0.33
CA ARG E 6 -4.04 -48.20 -1.24
C ARG E 6 -5.14 -49.01 -0.59
N TRP E 7 -5.04 -49.24 0.72
CA TRP E 7 -6.13 -49.86 1.46
C TRP E 7 -7.32 -48.94 1.59
N LEU E 8 -7.10 -47.62 1.50
CA LEU E 8 -8.19 -46.65 1.60
C LEU E 8 -8.66 -46.13 0.25
N LEU E 9 -7.76 -45.98 -0.72
CA LEU E 9 -8.09 -45.37 -2.00
C LEU E 9 -7.86 -46.34 -3.16
N ILE E 10 -8.70 -46.19 -4.18
CA ILE E 10 -8.65 -46.98 -5.41
C ILE E 10 -7.37 -46.62 -6.16
N PRO E 11 -6.75 -47.55 -6.88
CA PRO E 11 -5.41 -47.31 -7.45
C PRO E 11 -5.33 -46.04 -8.30
N PRO E 12 -6.35 -45.68 -9.10
CA PRO E 12 -6.26 -44.40 -9.82
C PRO E 12 -6.09 -43.19 -8.90
N VAL E 13 -7.06 -43.00 -8.01
CA VAL E 13 -7.01 -41.86 -7.09
C VAL E 13 -5.85 -42.01 -6.11
N ASN E 14 -5.50 -43.24 -5.74
CA ASN E 14 -4.33 -43.44 -4.89
C ASN E 14 -3.06 -43.00 -5.59
N ALA E 15 -2.94 -43.30 -6.89
CA ALA E 15 -1.78 -42.85 -7.65
C ALA E 15 -1.74 -41.34 -7.75
N ARG E 16 -2.90 -40.72 -7.97
CA ARG E 16 -2.96 -39.25 -8.00
C ARG E 16 -2.49 -38.66 -6.69
N LEU E 17 -3.00 -39.20 -5.57
CA LEU E 17 -2.64 -38.67 -4.27
C LEU E 17 -1.17 -38.89 -3.96
N ILE E 18 -0.63 -40.06 -4.32
CA ILE E 18 0.78 -40.33 -4.09
C ILE E 18 1.64 -39.38 -4.90
N GLY E 19 1.25 -39.12 -6.15
CA GLY E 19 1.99 -38.15 -6.95
C GLY E 19 1.97 -36.76 -6.34
N ARG E 20 0.80 -36.33 -5.86
CA ARG E 20 0.71 -35.02 -5.24
C ARG E 20 1.57 -34.95 -3.97
N TYR E 21 1.55 -36.00 -3.16
CA TYR E 21 2.35 -36.03 -1.95
C TYR E 21 3.83 -35.99 -2.28
N ARG E 22 4.25 -36.75 -3.29
CA ARG E 22 5.66 -36.73 -3.68
C ARG E 22 6.07 -35.36 -4.20
N ASP E 23 5.18 -34.71 -4.96
CA ASP E 23 5.45 -33.35 -5.41
C ASP E 23 5.62 -32.41 -4.23
N TYR E 24 4.78 -32.56 -3.21
CA TYR E 24 4.95 -31.75 -2.00
C TYR E 24 6.29 -32.03 -1.32
N ARG E 25 6.67 -33.30 -1.22
CA ARG E 25 7.88 -33.67 -0.50
C ARG E 25 9.14 -33.27 -1.26
N ARG E 26 9.06 -33.18 -2.59
CA ARG E 26 10.25 -32.85 -3.38
C ARG E 26 10.74 -31.44 -3.09
N HIS E 27 9.85 -30.55 -2.65
CA HIS E 27 10.20 -29.16 -2.42
C HIS E 27 10.65 -28.89 -0.99
N GLY E 28 11.16 -29.90 -0.29
CA GLY E 28 11.63 -29.72 1.07
C GLY E 28 10.57 -29.77 2.14
N ALA E 29 9.36 -30.20 1.82
CA ALA E 29 8.31 -30.31 2.82
C ALA E 29 8.55 -31.50 3.73
N SER E 30 8.12 -31.37 4.98
CA SER E 30 8.19 -32.48 5.92
C SER E 30 7.02 -33.44 5.68
N ALA E 31 7.10 -34.60 6.34
CA ALA E 31 6.02 -35.57 6.24
C ALA E 31 4.73 -35.02 6.85
N PHE E 32 4.83 -34.43 8.06
CA PHE E 32 3.66 -33.87 8.70
C PHE E 32 3.11 -32.68 7.91
N SER E 33 3.99 -31.82 7.43
CA SER E 33 3.55 -30.65 6.68
C SER E 33 2.84 -31.07 5.39
N ALA E 34 3.42 -32.00 4.65
CA ALA E 34 2.79 -32.47 3.41
C ALA E 34 1.50 -33.21 3.69
N THR E 35 1.43 -33.96 4.80
CA THR E 35 0.20 -34.67 5.14
C THR E 35 -0.94 -33.69 5.43
N LEU E 36 -0.68 -32.70 6.29
CA LEU E 36 -1.69 -31.71 6.58
C LEU E 36 -2.05 -30.92 5.33
N GLY E 37 -1.07 -30.66 4.46
CA GLY E 37 -1.34 -29.96 3.23
C GLY E 37 -2.27 -30.75 2.31
N CYS E 38 -2.05 -32.06 2.23
CA CYS E 38 -2.94 -32.89 1.43
C CYS E 38 -4.36 -32.90 2.02
N PHE E 39 -4.46 -32.95 3.34
CA PHE E 39 -5.78 -32.90 3.96
C PHE E 39 -6.49 -31.59 3.63
N TRP E 40 -5.77 -30.46 3.71
CA TRP E 40 -6.37 -29.18 3.37
C TRP E 40 -6.74 -29.12 1.89
N MET E 41 -5.90 -29.69 1.03
CA MET E 41 -6.21 -29.67 -0.40
C MET E 41 -7.47 -30.44 -0.69
N ILE E 42 -7.63 -31.62 -0.06
CA ILE E 42 -8.82 -32.41 -0.36
C ILE E 42 -10.07 -31.71 0.19
N LEU E 43 -9.97 -31.10 1.38
CA LEU E 43 -11.11 -30.34 1.89
C LEU E 43 -11.46 -29.18 0.96
N ALA E 44 -10.44 -28.44 0.49
CA ALA E 44 -10.69 -27.29 -0.37
C ALA E 44 -11.35 -27.71 -1.67
N TRP E 45 -10.91 -28.83 -2.25
CA TRP E 45 -11.57 -29.31 -3.44
C TRP E 45 -12.98 -29.78 -3.14
N ILE E 46 -13.24 -30.23 -1.91
CA ILE E 46 -14.59 -30.59 -1.51
C ILE E 46 -15.49 -29.37 -1.53
N PHE E 47 -15.01 -28.25 -0.98
CA PHE E 47 -15.87 -27.09 -0.79
C PHE E 47 -15.87 -26.13 -1.97
N ILE E 48 -14.69 -25.68 -2.39
CA ILE E 48 -14.56 -24.64 -3.41
C ILE E 48 -14.48 -25.27 -4.79
N PRO E 49 -15.27 -24.82 -5.76
CA PRO E 49 -15.20 -25.40 -7.10
C PRO E 49 -13.95 -24.96 -7.85
N LEU E 50 -12.83 -25.64 -7.61
CA LEU E 50 -11.59 -25.32 -8.33
C LEU E 50 -11.68 -25.65 -9.82
N GLU E 51 -12.69 -26.38 -10.27
CA GLU E 51 -12.86 -26.64 -11.68
C GLU E 51 -13.61 -25.54 -12.41
N HIS E 52 -14.24 -24.61 -11.68
CA HIS E 52 -14.92 -23.50 -12.32
C HIS E 52 -13.88 -22.58 -12.98
N PRO E 53 -14.18 -22.05 -14.17
CA PRO E 53 -13.19 -21.22 -14.88
C PRO E 53 -12.65 -20.07 -14.06
N ARG E 54 -13.50 -19.44 -13.24
CA ARG E 54 -13.03 -18.43 -12.31
C ARG E 54 -11.88 -18.97 -11.48
N TRP E 55 -12.04 -20.18 -10.95
CA TRP E 55 -11.01 -20.73 -10.09
C TRP E 55 -9.83 -21.27 -10.89
N GLN E 56 -10.03 -21.68 -12.13
CA GLN E 56 -8.89 -21.98 -12.99
C GLN E 56 -8.01 -20.76 -13.16
N ARG E 57 -8.64 -19.60 -13.42
CA ARG E 57 -7.88 -18.36 -13.56
C ARG E 57 -7.22 -17.97 -12.25
N ILE E 58 -7.92 -18.15 -11.13
CA ILE E 58 -7.35 -17.76 -9.84
C ILE E 58 -6.15 -18.62 -9.50
N ARG E 59 -6.24 -19.93 -9.73
CA ARG E 59 -5.10 -20.81 -9.51
C ARG E 59 -3.95 -20.45 -10.45
N ALA E 60 -4.26 -20.13 -11.71
CA ALA E 60 -3.23 -19.76 -12.67
C ALA E 60 -2.44 -18.54 -12.18
N GLU E 61 -3.11 -17.61 -11.51
CA GLU E 61 -2.46 -16.43 -10.95
C GLU E 61 -2.23 -16.56 -9.46
N HIS E 62 -1.97 -17.77 -8.97
CA HIS E 62 -1.80 -17.98 -7.55
C HIS E 62 -0.60 -17.24 -6.98
N LYS E 63 0.41 -16.96 -7.79
CA LYS E 63 1.60 -16.28 -7.29
C LYS E 63 1.32 -14.83 -6.94
N ASN E 64 0.66 -14.11 -7.86
CA ASN E 64 0.43 -12.68 -7.63
C ASN E 64 -0.58 -12.44 -6.52
N LEU E 65 -1.72 -13.15 -6.56
CA LEU E 65 -2.76 -12.91 -5.57
C LEU E 65 -2.33 -13.33 -4.17
N TYR E 66 -1.45 -14.33 -4.06
CA TYR E 66 -1.00 -14.86 -2.77
C TYR E 66 0.52 -14.88 -2.76
N PRO E 67 1.16 -13.71 -2.71
CA PRO E 67 2.62 -13.69 -2.72
C PRO E 67 3.25 -14.39 -1.54
N HIS E 68 2.58 -14.42 -0.40
CA HIS E 68 3.13 -15.03 0.82
C HIS E 68 2.75 -16.50 0.96
N ILE E 69 2.06 -17.07 -0.03
CA ILE E 69 1.68 -18.48 -0.01
C ILE E 69 2.42 -19.19 -1.14
N ASN E 70 3.23 -20.18 -0.77
CA ASN E 70 3.98 -20.99 -1.73
C ASN E 70 3.15 -22.25 -2.01
N ALA E 71 2.68 -22.38 -3.25
CA ALA E 71 1.84 -23.52 -3.61
C ALA E 71 2.61 -24.84 -3.52
N SER E 72 3.88 -24.82 -3.94
CA SER E 72 4.66 -26.06 -3.99
C SER E 72 5.09 -26.54 -2.61
N ARG E 73 5.13 -25.66 -1.62
CA ARG E 73 5.55 -26.02 -0.26
C ARG E 73 4.43 -25.68 0.71
N PRO E 74 3.53 -26.62 0.99
CA PRO E 74 2.53 -26.38 2.03
C PRO E 74 3.18 -26.29 3.41
N ARG E 75 2.54 -25.53 4.28
CA ARG E 75 3.08 -25.23 5.59
C ARG E 75 1.96 -25.28 6.61
N PRO E 76 2.26 -25.62 7.87
CA PRO E 76 1.25 -25.55 8.92
C PRO E 76 0.67 -24.14 9.05
N LEU E 77 -0.63 -24.08 9.32
CA LEU E 77 -1.42 -22.85 9.44
C LEU E 77 -1.62 -22.16 8.09
N ASP E 78 -1.47 -22.89 6.99
CA ASP E 78 -1.77 -22.32 5.68
C ASP E 78 -3.22 -21.87 5.55
N PRO E 79 -4.24 -22.61 6.03
CA PRO E 79 -5.61 -22.10 5.88
C PRO E 79 -5.84 -20.76 6.54
N VAL E 80 -5.16 -20.45 7.64
CA VAL E 80 -5.29 -19.13 8.25
C VAL E 80 -4.82 -18.05 7.27
N ARG E 81 -3.66 -18.28 6.63
CA ARG E 81 -3.16 -17.33 5.65
C ARG E 81 -4.11 -17.19 4.47
N TYR E 82 -4.64 -18.32 3.98
CA TYR E 82 -5.58 -18.27 2.87
C TYR E 82 -6.82 -17.48 3.24
N LEU E 83 -7.36 -17.71 4.43
CA LEU E 83 -8.56 -17.00 4.86
C LEU E 83 -8.30 -15.51 4.98
N ILE E 84 -7.16 -15.13 5.58
CA ILE E 84 -6.84 -13.72 5.72
C ILE E 84 -6.72 -13.05 4.35
N GLN E 85 -5.99 -13.68 3.44
CA GLN E 85 -5.79 -13.09 2.12
C GLN E 85 -7.09 -13.01 1.34
N THR E 86 -7.93 -14.04 1.41
CA THR E 86 -9.18 -14.01 0.67
C THR E 86 -10.15 -12.98 1.23
N CYS E 87 -10.17 -12.84 2.56
CA CYS E 87 -10.99 -11.79 3.16
C CYS E 87 -10.53 -10.42 2.70
N TRP E 88 -9.21 -10.19 2.64
CA TRP E 88 -8.73 -8.91 2.14
C TRP E 88 -9.09 -8.73 0.67
N LEU E 89 -8.98 -9.79 -0.12
CA LEU E 89 -9.28 -9.69 -1.55
C LEU E 89 -10.74 -9.32 -1.79
N LEU E 90 -11.66 -9.91 -1.01
CA LEU E 90 -13.04 -9.46 -1.06
C LEU E 90 -13.17 -8.02 -0.57
N ILE E 91 -12.42 -7.65 0.46
CA ILE E 91 -12.45 -6.28 0.98
C ILE E 91 -11.81 -5.33 -0.03
N GLY E 92 -10.66 -5.70 -0.58
CA GLY E 92 -9.92 -4.78 -1.41
C GLY E 92 -10.59 -4.53 -2.76
N ALA E 93 -10.22 -3.42 -3.36
CA ALA E 93 -10.77 -2.99 -4.64
C ALA E 93 -9.73 -3.22 -5.73
N SER E 94 -10.13 -3.94 -6.78
CA SER E 94 -9.23 -4.25 -7.88
C SER E 94 -9.66 -3.54 -9.17
N ALA E 105 -15.16 0.39 -17.71
CA ALA E 105 -14.71 1.54 -18.49
C ALA E 105 -13.88 2.49 -17.64
N PHE E 106 -12.73 2.00 -17.15
CA PHE E 106 -11.86 2.82 -16.32
C PHE E 106 -11.14 3.89 -17.12
N SER E 107 -11.02 3.72 -18.45
CA SER E 107 -10.31 4.71 -19.25
C SER E 107 -11.01 6.07 -19.22
N GLY E 108 -12.34 6.08 -19.33
CA GLY E 108 -13.06 7.34 -19.28
C GLY E 108 -12.95 8.03 -17.93
N LEU E 109 -13.04 7.26 -16.85
CA LEU E 109 -12.89 7.84 -15.52
C LEU E 109 -11.49 8.41 -15.32
N GLN E 110 -10.46 7.68 -15.78
CA GLN E 110 -9.10 8.17 -15.68
C GLN E 110 -8.91 9.44 -16.49
N ASN E 111 -9.49 9.50 -17.70
CA ASN E 111 -9.39 10.71 -18.51
C ASN E 111 -10.07 11.89 -17.83
N ILE E 112 -11.25 11.67 -17.25
CA ILE E 112 -11.95 12.74 -16.55
C ILE E 112 -11.14 13.22 -15.36
N ARG E 113 -10.58 12.29 -14.59
CA ARG E 113 -9.77 12.67 -13.44
C ARG E 113 -8.52 13.44 -13.85
N GLY E 114 -7.88 13.01 -14.95
CA GLY E 114 -6.73 13.74 -15.45
C GLY E 114 -7.08 15.14 -15.93
N ARG E 115 -8.21 15.28 -16.61
CA ARG E 115 -8.66 16.60 -17.02
C ARG E 115 -8.93 17.48 -15.81
N TYR E 116 -9.54 16.92 -14.77
CA TYR E 116 -9.78 17.68 -13.54
C TYR E 116 -8.48 18.13 -12.91
N HIS E 117 -7.49 17.22 -12.85
CA HIS E 117 -6.19 17.58 -12.28
C HIS E 117 -5.52 18.68 -13.10
N GLN E 118 -5.59 18.58 -14.42
CA GLN E 118 -4.99 19.59 -15.28
C GLN E 118 -5.68 20.95 -15.08
N TRP E 119 -7.01 20.94 -14.98
CA TRP E 119 -7.74 22.18 -14.77
C TRP E 119 -7.37 22.81 -13.42
N MET E 120 -7.27 21.99 -12.37
CA MET E 120 -6.87 22.52 -11.07
C MET E 120 -5.45 23.09 -11.11
N ASN E 121 -4.54 22.40 -11.81
CA ASN E 121 -3.17 22.90 -11.91
C ASN E 121 -3.09 24.20 -12.68
N GLU E 122 -3.85 24.31 -13.77
CA GLU E 122 -3.79 25.48 -14.64
C GLU E 122 -4.65 26.64 -14.16
N LEU E 123 -5.54 26.41 -13.19
CA LEU E 123 -6.33 27.52 -12.66
C LEU E 123 -5.46 28.65 -12.10
N PRO E 124 -4.40 28.39 -11.31
CA PRO E 124 -3.49 29.48 -10.96
C PRO E 124 -2.85 30.13 -12.19
N GLU E 125 -2.56 29.37 -13.24
CA GLU E 125 -1.97 29.95 -14.44
C GLU E 125 -2.93 30.95 -15.08
N ARG E 126 -4.19 30.55 -15.29
CA ARG E 126 -5.17 31.44 -15.88
C ARG E 126 -5.42 32.66 -15.00
N VAL E 127 -5.50 32.45 -13.68
CA VAL E 127 -5.70 33.57 -12.76
C VAL E 127 -4.53 34.54 -12.85
N SER E 128 -3.31 34.01 -12.92
CA SER E 128 -2.13 34.87 -13.03
C SER E 128 -2.15 35.64 -14.34
N HIS E 129 -2.52 35.00 -15.43
CA HIS E 129 -2.61 35.71 -16.71
C HIS E 129 -3.63 36.83 -16.66
N LYS E 130 -4.79 36.56 -16.07
CA LYS E 130 -5.83 37.58 -15.96
C LYS E 130 -5.37 38.74 -15.09
N THR E 131 -4.73 38.44 -13.95
CA THR E 131 -4.26 39.50 -13.07
C THR E 131 -3.05 40.23 -13.63
N GLN E 132 -2.34 39.63 -14.58
CA GLN E 132 -1.17 40.27 -15.16
C GLN E 132 -1.54 41.20 -16.32
N HIS E 133 -2.41 40.75 -17.24
CA HIS E 133 -2.80 41.65 -18.32
C HIS E 133 -3.65 42.79 -17.78
N LEU E 134 -4.51 42.53 -16.79
CA LEU E 134 -5.16 43.58 -16.03
C LEU E 134 -4.45 43.77 -14.68
N ASP E 135 -3.19 44.19 -14.76
CA ASP E 135 -2.41 44.39 -13.53
C ASP E 135 -2.86 45.65 -12.80
N GLU E 136 -3.06 46.75 -13.53
CA GLU E 136 -3.48 48.03 -12.97
C GLU E 136 -2.59 48.47 -11.81
N LEU E 140 -2.56 46.23 -6.01
CA LEU E 140 -1.51 45.40 -5.40
C LEU E 140 -0.43 46.29 -4.82
N GLY E 141 -0.74 47.56 -4.65
CA GLY E 141 0.23 48.54 -4.17
C GLY E 141 0.21 49.85 -4.92
N HIS E 142 -0.77 50.02 -5.82
CA HIS E 142 -0.80 51.17 -6.72
C HIS E 142 -1.65 52.33 -6.19
N LEU E 143 -2.04 52.30 -4.93
CA LEU E 143 -2.81 53.40 -4.34
C LEU E 143 -1.87 54.37 -3.64
N SER E 144 -2.44 55.35 -2.93
CA SER E 144 -1.64 56.34 -2.22
C SER E 144 -0.94 55.69 -1.03
N ALA E 145 0.19 56.29 -0.64
CA ALA E 145 1.09 55.65 0.33
C ALA E 145 0.43 55.50 1.70
N GLY E 146 -0.11 56.60 2.24
CA GLY E 146 -0.70 56.53 3.56
C GLY E 146 -1.92 55.63 3.63
N ALA E 147 -2.80 55.74 2.63
CA ALA E 147 -3.96 54.87 2.57
C ALA E 147 -3.55 53.41 2.42
N ARG E 148 -2.53 53.16 1.59
CA ARG E 148 -2.04 51.79 1.42
C ARG E 148 -1.52 51.22 2.73
N ARG E 149 -0.73 52.01 3.47
CA ARG E 149 -0.19 51.53 4.74
C ARG E 149 -1.30 51.26 5.75
N LEU E 150 -2.26 52.18 5.86
CA LEU E 150 -3.36 51.99 6.81
C LEU E 150 -4.20 50.77 6.42
N ILE E 151 -4.47 50.60 5.13
CA ILE E 151 -5.28 49.48 4.67
C ILE E 151 -4.57 48.16 4.96
N LEU E 152 -3.26 48.11 4.67
CA LEU E 152 -2.52 46.90 4.97
C LEU E 152 -2.52 46.59 6.46
N GLY E 153 -2.33 47.61 7.30
CA GLY E 153 -2.32 47.37 8.74
C GLY E 153 -3.66 46.85 9.25
N ILE E 154 -4.75 47.49 8.84
CA ILE E 154 -6.06 47.08 9.35
C ILE E 154 -6.42 45.69 8.81
N ILE E 155 -6.07 45.41 7.56
CA ILE E 155 -6.40 44.11 6.98
C ILE E 155 -5.58 43.01 7.67
N VAL E 156 -4.33 43.31 8.02
CA VAL E 156 -3.50 42.33 8.72
C VAL E 156 -4.05 42.09 10.11
N THR E 157 -4.50 43.14 10.79
CA THR E 157 -5.10 42.96 12.12
C THR E 157 -6.38 42.13 12.04
N PHE E 158 -7.20 42.35 11.02
CA PHE E 158 -8.40 41.53 10.85
C PHE E 158 -8.04 40.07 10.64
N SER E 159 -7.07 39.82 9.76
CA SER E 159 -6.67 38.43 9.49
C SER E 159 -6.11 37.77 10.75
N LEU E 160 -5.31 38.50 11.52
CA LEU E 160 -4.75 37.95 12.75
C LEU E 160 -5.84 37.69 13.80
N ILE E 161 -6.86 38.53 13.86
CA ILE E 161 -7.96 38.29 14.78
C ILE E 161 -8.73 37.04 14.40
N LEU E 162 -9.00 36.86 13.10
CA LEU E 162 -9.66 35.63 12.67
C LEU E 162 -8.80 34.41 12.97
N ALA E 163 -7.49 34.51 12.76
CA ALA E 163 -6.60 33.41 13.10
C ALA E 163 -6.63 33.12 14.60
N LEU E 164 -6.69 34.16 15.43
CA LEU E 164 -6.73 33.97 16.87
C LEU E 164 -7.99 33.26 17.31
N ILE E 165 -9.14 33.63 16.71
CA ILE E 165 -10.37 32.93 17.04
C ILE E 165 -10.34 31.51 16.50
N CYS E 166 -9.64 31.27 15.40
CA CYS E 166 -9.51 29.91 14.89
C CYS E 166 -8.61 29.05 15.77
N VAL E 167 -7.66 29.67 16.48
CA VAL E 167 -6.66 28.92 17.22
C VAL E 167 -7.21 28.44 18.56
N THR E 168 -7.81 29.34 19.34
CA THR E 168 -8.07 29.11 20.75
C THR E 168 -9.48 28.63 21.05
N GLN E 169 -10.26 28.29 20.03
CA GLN E 169 -11.66 27.97 20.25
C GLN E 169 -11.81 26.59 20.88
N PRO E 170 -12.47 26.46 22.04
CA PRO E 170 -12.73 25.13 22.59
C PRO E 170 -13.74 24.37 21.77
N PHE E 171 -13.46 23.09 21.54
CA PHE E 171 -14.28 22.25 20.70
C PHE E 171 -14.43 20.88 21.36
N ASN E 172 -15.56 20.23 21.09
CA ASN E 172 -15.82 18.88 21.64
C ASN E 172 -15.32 17.86 20.59
N PRO E 173 -15.14 16.56 20.91
CA PRO E 173 -14.72 15.58 19.92
C PRO E 173 -15.25 15.81 18.50
N LEU E 174 -16.57 15.74 18.29
CA LEU E 174 -17.16 15.87 16.92
C LEU E 174 -16.70 17.16 16.24
N ALA E 175 -16.91 18.31 16.88
CA ALA E 175 -16.49 19.61 16.31
C ALA E 175 -15.00 19.56 15.91
N GLN E 176 -14.14 19.12 16.83
CA GLN E 176 -12.68 19.07 16.55
C GLN E 176 -12.44 18.20 15.31
N PHE E 177 -13.02 17.01 15.27
CA PHE E 177 -12.86 16.10 14.10
C PHE E 177 -13.26 16.84 12.82
N ILE E 178 -14.43 17.45 12.81
CA ILE E 178 -14.93 18.12 11.57
C ILE E 178 -13.92 19.20 11.16
N PHE E 179 -13.49 20.04 12.10
CA PHE E 179 -12.49 21.10 11.81
C PHE E 179 -11.26 20.46 11.17
N LEU E 180 -10.69 19.43 11.80
CA LEU E 180 -9.52 18.70 11.26
C LEU E 180 -9.80 18.34 9.81
N MET E 181 -10.86 17.57 9.56
CA MET E 181 -11.16 17.10 8.18
C MET E 181 -11.18 18.29 7.22
N LEU E 182 -11.94 19.34 7.54
CA LEU E 182 -12.08 20.49 6.60
C LEU E 182 -10.70 21.09 6.31
N LEU E 183 -9.89 21.37 7.35
CA LEU E 183 -8.57 22.04 7.11
C LEU E 183 -7.63 21.11 6.34
N TRP E 184 -7.72 19.79 6.56
CA TRP E 184 -6.88 18.82 5.81
C TRP E 184 -7.30 18.84 4.35
N GLY E 185 -8.61 18.87 4.09
CA GLY E 185 -9.08 19.00 2.69
C GLY E 185 -8.54 20.27 2.09
N VAL E 186 -8.54 21.37 2.86
CA VAL E 186 -7.93 22.63 2.35
C VAL E 186 -6.47 22.32 1.99
N ALA E 187 -5.73 21.67 2.90
CA ALA E 187 -4.32 21.42 2.63
C ALA E 187 -4.12 20.51 1.43
N LEU E 188 -4.96 19.47 1.30
CA LEU E 188 -4.86 18.57 0.15
C LEU E 188 -5.15 19.30 -1.15
N ILE E 189 -6.18 20.16 -1.16
CA ILE E 189 -6.55 20.86 -2.38
C ILE E 189 -5.46 21.85 -2.78
N VAL E 190 -4.98 22.65 -1.83
CA VAL E 190 -3.98 23.66 -2.18
C VAL E 190 -2.59 23.06 -2.36
N ARG E 191 -2.37 21.81 -1.91
CA ARG E 191 -1.09 21.16 -2.14
C ARG E 191 -0.83 20.95 -3.63
N ARG E 192 -1.83 20.51 -4.37
CA ARG E 192 -1.66 20.29 -5.81
C ARG E 192 -1.83 21.60 -6.55
N MET E 193 -1.14 22.65 -6.11
CA MET E 193 -1.21 23.96 -6.74
C MET E 193 0.21 24.47 -6.96
N PRO E 194 0.74 24.37 -8.17
CA PRO E 194 2.09 24.86 -8.44
C PRO E 194 2.17 26.36 -8.22
N GLY E 195 3.39 26.83 -8.00
CA GLY E 195 3.67 28.23 -7.80
C GLY E 195 4.37 28.44 -6.50
N ARG E 196 4.54 29.72 -6.14
CA ARG E 196 5.14 30.08 -4.87
C ARG E 196 4.15 30.68 -3.90
N PHE E 197 2.94 31.01 -4.35
CA PHE E 197 1.91 31.50 -3.45
C PHE E 197 1.32 30.37 -2.60
N SER E 198 1.13 29.19 -3.21
CA SER E 198 0.57 28.06 -2.47
C SER E 198 1.47 27.65 -1.30
N ALA E 199 2.78 27.79 -1.45
CA ALA E 199 3.68 27.53 -0.34
C ALA E 199 3.39 28.47 0.82
N LEU E 200 3.14 29.75 0.52
CA LEU E 200 2.79 30.70 1.57
C LEU E 200 1.44 30.35 2.21
N MET E 201 0.47 29.96 1.40
CA MET E 201 -0.82 29.54 1.94
C MET E 201 -0.64 28.40 2.93
N LEU E 202 0.12 27.37 2.54
CA LEU E 202 0.29 26.21 3.41
C LEU E 202 1.11 26.56 4.64
N ILE E 203 2.10 27.45 4.51
CA ILE E 203 2.86 27.87 5.68
C ILE E 203 1.96 28.55 6.69
N VAL E 204 1.10 29.46 6.23
CA VAL E 204 0.19 30.16 7.14
C VAL E 204 -0.78 29.18 7.78
N LEU E 205 -1.35 28.27 6.97
CA LEU E 205 -2.30 27.30 7.51
C LEU E 205 -1.67 26.42 8.57
N SER E 206 -0.45 25.92 8.30
CA SER E 206 0.23 25.09 9.27
C SER E 206 0.61 25.86 10.51
N LEU E 207 0.96 27.15 10.36
CA LEU E 207 1.23 27.96 11.54
C LEU E 207 -0.01 28.09 12.42
N THR E 208 -1.17 28.33 11.81
CA THR E 208 -2.40 28.44 12.60
C THR E 208 -2.71 27.12 13.30
N VAL E 209 -2.63 26.00 12.57
CA VAL E 209 -2.96 24.71 13.17
C VAL E 209 -1.99 24.36 14.29
N SER E 210 -0.69 24.60 14.08
CA SER E 210 0.30 24.30 15.10
C SER E 210 0.14 25.19 16.32
N CYS E 211 -0.22 26.47 16.12
CA CYS E 211 -0.51 27.33 17.26
C CYS E 211 -1.72 26.80 18.03
N ARG E 212 -2.74 26.33 17.30
CA ARG E 212 -3.89 25.72 17.96
C ARG E 212 -3.47 24.55 18.83
N TYR E 213 -2.65 23.65 18.28
CA TYR E 213 -2.24 22.47 19.02
C TYR E 213 -1.41 22.84 20.24
N ILE E 214 -0.45 23.76 20.07
CA ILE E 214 0.42 24.12 21.19
C ILE E 214 -0.38 24.84 22.27
N TRP E 215 -1.34 25.68 21.87
CA TRP E 215 -2.20 26.34 22.84
C TRP E 215 -3.04 25.33 23.61
N TRP E 216 -3.58 24.32 22.91
CA TRP E 216 -4.34 23.28 23.58
C TRP E 216 -3.48 22.56 24.61
N ARG E 217 -2.26 22.20 24.22
CA ARG E 217 -1.37 21.50 25.14
C ARG E 217 -1.03 22.37 26.35
N TYR E 218 -0.82 23.67 26.13
CA TYR E 218 -0.41 24.54 27.23
C TYR E 218 -1.56 24.98 28.12
N THR E 219 -2.80 24.86 27.66
CA THR E 219 -3.93 25.40 28.41
C THR E 219 -4.92 24.38 28.92
N SER E 220 -4.95 23.16 28.38
CA SER E 220 -5.92 22.18 28.85
C SER E 220 -5.34 20.83 29.23
N THR E 221 -4.11 20.49 28.83
CA THR E 221 -3.61 19.13 28.97
C THR E 221 -2.22 19.12 29.60
N LEU E 222 -2.05 19.87 30.67
CA LEU E 222 -0.90 19.73 31.54
C LEU E 222 -1.40 19.26 32.90
N ASN E 223 -0.94 18.08 33.32
CA ASN E 223 -1.48 17.44 34.51
C ASN E 223 -0.92 18.09 35.76
N TRP E 224 -1.80 18.70 36.56
CA TRP E 224 -1.44 19.15 37.90
C TRP E 224 -2.26 18.33 38.88
N ASP E 225 -1.80 17.11 39.13
CA ASP E 225 -2.31 16.29 40.21
C ASP E 225 -1.23 15.49 40.94
N ASP E 226 -0.04 15.33 40.34
CA ASP E 226 1.04 14.56 40.90
C ASP E 226 2.34 15.32 40.70
N PRO E 227 3.23 15.30 41.69
CA PRO E 227 4.56 15.88 41.48
C PRO E 227 5.47 14.96 40.68
N VAL E 228 4.90 13.91 40.11
CA VAL E 228 5.63 12.96 39.28
C VAL E 228 5.22 13.07 37.81
N SER E 229 3.93 13.29 37.56
CA SER E 229 3.43 13.45 36.21
C SER E 229 3.46 14.90 35.74
N LEU E 230 4.06 15.79 36.52
CA LEU E 230 4.15 17.20 36.16
C LEU E 230 5.49 17.56 35.54
N VAL E 231 6.59 17.08 36.11
CA VAL E 231 7.90 17.40 35.56
C VAL E 231 8.10 16.71 34.21
N CYS E 232 7.61 15.47 34.08
CA CYS E 232 7.71 14.78 32.80
C CYS E 232 6.86 15.46 31.73
N GLY E 233 5.64 15.87 32.10
CA GLY E 233 4.80 16.59 31.16
C GLY E 233 5.45 17.88 30.68
N LEU E 234 6.10 18.60 31.61
CA LEU E 234 6.81 19.82 31.21
C LEU E 234 7.94 19.50 30.25
N ILE E 235 8.64 18.39 30.47
CA ILE E 235 9.75 18.03 29.59
C ILE E 235 9.24 17.74 28.19
N LEU E 236 8.17 16.96 28.08
CA LEU E 236 7.63 16.66 26.76
C LEU E 236 7.09 17.91 26.09
N LEU E 237 6.43 18.78 26.85
CA LEU E 237 5.88 19.99 26.26
C LEU E 237 6.97 20.94 25.81
N PHE E 238 8.10 20.98 26.52
CA PHE E 238 9.22 21.80 26.07
C PHE E 238 9.89 21.20 24.85
N ALA E 239 9.94 19.87 24.75
CA ALA E 239 10.41 19.24 23.51
C ALA E 239 9.53 19.63 22.34
N GLU E 240 8.20 19.61 22.53
CA GLU E 240 7.30 19.96 21.45
C GLU E 240 7.38 21.45 21.12
N THR E 241 7.55 22.30 22.14
CA THR E 241 7.73 23.73 21.89
C THR E 241 9.00 23.98 21.08
N TYR E 242 10.09 23.27 21.41
CA TYR E 242 11.31 23.42 20.62
C TYR E 242 11.09 22.96 19.20
N ALA E 243 10.40 21.84 19.00
CA ALA E 243 10.13 21.37 17.65
C ALA E 243 9.32 22.38 16.87
N TRP E 244 8.32 23.00 17.52
CA TRP E 244 7.50 23.98 16.84
C TRP E 244 8.29 25.25 16.52
N ILE E 245 9.15 25.68 17.43
CA ILE E 245 10.00 26.84 17.17
C ILE E 245 10.90 26.58 15.98
N VAL E 246 11.52 25.39 15.93
CA VAL E 246 12.40 25.05 14.83
C VAL E 246 11.63 24.99 13.52
N LEU E 247 10.41 24.42 13.56
CA LEU E 247 9.61 24.36 12.35
C LEU E 247 9.24 25.75 11.85
N VAL E 248 8.89 26.65 12.77
CA VAL E 248 8.51 28.01 12.35
C VAL E 248 9.71 28.73 11.76
N LEU E 249 10.88 28.63 12.40
CA LEU E 249 12.06 29.28 11.85
C LEU E 249 12.46 28.66 10.51
N GLY E 250 12.28 27.35 10.36
CA GLY E 250 12.56 26.73 9.08
C GLY E 250 11.60 27.19 8.00
N TYR E 251 10.33 27.38 8.35
CA TYR E 251 9.37 27.95 7.41
C TYR E 251 9.80 29.35 6.99
N PHE E 252 10.26 30.16 7.94
CA PHE E 252 10.77 31.48 7.61
C PHE E 252 12.01 31.38 6.72
N GLN E 253 12.80 30.32 6.90
CA GLN E 253 14.05 30.19 6.17
C GLN E 253 13.81 29.86 4.70
N VAL E 254 12.83 29.01 4.40
CA VAL E 254 12.62 28.52 3.05
C VAL E 254 11.28 28.99 2.54
N VAL E 255 10.87 30.18 2.98
CA VAL E 255 9.52 30.67 2.66
C VAL E 255 9.36 30.89 1.16
N TRP E 256 10.37 31.48 0.51
CA TRP E 256 10.27 31.88 -0.89
C TRP E 256 11.66 31.85 -1.49
N PRO E 257 12.06 30.72 -2.08
CA PRO E 257 13.39 30.66 -2.71
C PRO E 257 13.49 31.67 -3.84
N LEU E 258 14.68 32.25 -3.97
CA LEU E 258 14.85 33.37 -4.90
C LEU E 258 14.93 32.92 -6.35
N ASN E 259 15.33 31.68 -6.60
CA ASN E 259 15.51 31.15 -7.95
C ASN E 259 16.38 32.10 -8.79
N ARG E 260 17.54 32.44 -8.22
CA ARG E 260 18.41 33.43 -8.84
C ARG E 260 18.88 32.95 -10.21
N GLN E 261 18.94 33.86 -11.16
CA GLN E 261 19.31 33.44 -12.50
C GLN E 261 20.72 33.90 -12.85
N PRO E 262 21.50 33.05 -13.52
CA PRO E 262 22.84 33.46 -13.94
C PRO E 262 22.80 34.64 -14.89
N VAL E 263 23.78 35.51 -14.76
CA VAL E 263 23.89 36.73 -15.57
C VAL E 263 24.81 36.45 -16.75
N PRO E 264 24.36 36.67 -17.98
CA PRO E 264 25.29 36.54 -19.12
C PRO E 264 26.41 37.57 -19.02
N LEU E 265 27.63 37.10 -19.22
CA LEU E 265 28.81 37.94 -19.13
C LEU E 265 28.91 38.86 -20.34
N PRO E 266 29.71 39.92 -20.25
CA PRO E 266 29.91 40.78 -21.44
C PRO E 266 30.45 39.98 -22.61
N LYS E 267 29.98 40.32 -23.81
CA LYS E 267 30.35 39.57 -25.00
C LYS E 267 31.85 39.66 -25.25
N ASP E 268 32.45 40.81 -24.98
CA ASP E 268 33.90 40.93 -25.08
C ASP E 268 34.57 40.20 -23.92
N MET E 269 35.82 39.79 -24.15
CA MET E 269 36.59 39.06 -23.16
C MET E 269 37.69 39.90 -22.54
N SER E 270 37.55 41.23 -22.59
CA SER E 270 38.59 42.13 -22.08
C SER E 270 38.32 42.63 -20.68
N LEU E 271 37.05 42.75 -20.29
CA LEU E 271 36.71 43.21 -18.95
C LEU E 271 36.58 42.07 -17.94
N TRP E 272 36.69 40.82 -18.39
CA TRP E 272 36.53 39.69 -17.50
C TRP E 272 37.70 39.64 -16.50
N PRO E 273 37.47 39.12 -15.31
CA PRO E 273 38.53 39.09 -14.29
C PRO E 273 39.40 37.86 -14.35
N SER E 274 40.33 37.74 -13.41
CA SER E 274 41.18 36.57 -13.25
C SER E 274 40.71 35.76 -12.05
N VAL E 275 40.57 34.45 -12.25
CA VAL E 275 40.03 33.55 -11.21
C VAL E 275 41.15 32.64 -10.74
N ASP E 276 41.35 32.59 -9.42
CA ASP E 276 42.31 31.70 -8.80
C ASP E 276 41.56 30.57 -8.11
N ILE E 277 41.90 29.34 -8.46
CA ILE E 277 41.22 28.15 -7.99
C ILE E 277 42.17 27.43 -7.03
N PHE E 278 41.76 27.29 -5.78
CA PHE E 278 42.55 26.56 -4.80
C PHE E 278 41.96 25.17 -4.59
N VAL E 279 42.80 24.15 -4.74
CA VAL E 279 42.42 22.79 -4.41
C VAL E 279 43.26 22.36 -3.20
N PRO E 280 42.72 22.44 -2.00
CA PRO E 280 43.50 22.05 -0.82
C PRO E 280 43.48 20.55 -0.60
N THR E 281 44.61 20.04 -0.11
CA THR E 281 44.77 18.62 0.14
C THR E 281 45.65 18.43 1.36
N TYR E 282 45.26 17.49 2.24
CA TYR E 282 46.07 17.11 3.39
C TYR E 282 46.48 15.65 3.37
N ASN E 283 45.53 14.74 3.16
CA ASN E 283 45.83 13.32 3.16
C ASN E 283 45.20 12.57 1.99
N GLU E 284 44.48 13.26 1.12
CA GLU E 284 43.86 12.60 -0.03
C GLU E 284 44.93 12.10 -0.99
N ASP E 285 44.63 10.98 -1.63
CA ASP E 285 45.50 10.46 -2.68
C ASP E 285 45.30 11.23 -3.98
N LEU E 286 46.28 11.13 -4.86
CA LEU E 286 46.20 11.81 -6.16
C LEU E 286 45.09 11.26 -7.04
N ASN E 287 44.63 10.03 -6.78
CA ASN E 287 43.65 9.38 -7.65
C ASN E 287 42.30 10.08 -7.63
N VAL E 288 42.06 10.99 -6.70
CA VAL E 288 40.83 11.77 -6.65
C VAL E 288 41.04 13.20 -7.13
N VAL E 289 42.17 13.82 -6.76
CA VAL E 289 42.51 15.15 -7.24
C VAL E 289 42.73 15.17 -8.75
N LYS E 290 43.08 14.02 -9.34
CA LYS E 290 43.38 13.97 -10.77
C LYS E 290 42.19 14.45 -11.60
N ASN E 291 41.01 13.87 -11.37
CA ASN E 291 39.84 14.23 -12.17
C ASN E 291 39.46 15.68 -11.98
N THR E 292 39.56 16.19 -10.75
CA THR E 292 39.23 17.59 -10.50
C THR E 292 40.15 18.52 -11.26
N ILE E 293 41.46 18.25 -11.24
CA ILE E 293 42.37 19.14 -11.95
C ILE E 293 42.32 18.92 -13.46
N TYR E 294 41.86 17.76 -13.92
CA TYR E 294 41.69 17.57 -15.35
C TYR E 294 40.46 18.30 -15.87
N ALA E 295 39.37 18.32 -15.09
CA ALA E 295 38.20 19.07 -15.49
C ALA E 295 38.40 20.57 -15.29
N SER E 296 39.26 20.96 -14.34
CA SER E 296 39.59 22.37 -14.17
C SER E 296 40.29 22.92 -15.41
N LEU E 297 41.21 22.16 -15.99
CA LEU E 297 41.88 22.58 -17.20
C LEU E 297 40.91 22.73 -18.37
N GLY E 298 39.74 22.11 -18.28
CA GLY E 298 38.69 22.26 -19.26
C GLY E 298 37.70 23.38 -18.98
N ILE E 299 37.97 24.21 -17.98
CA ILE E 299 37.04 25.29 -17.64
C ILE E 299 36.98 26.29 -18.78
N ASP E 300 35.75 26.63 -19.20
CA ASP E 300 35.52 27.52 -20.33
C ASP E 300 35.85 28.96 -19.95
N TRP E 301 37.13 29.20 -19.69
CA TRP E 301 37.65 30.50 -19.35
C TRP E 301 38.93 30.74 -20.13
N PRO E 302 39.23 32.00 -20.50
CA PRO E 302 40.51 32.28 -21.16
C PRO E 302 41.68 31.83 -20.30
N LYS E 303 42.68 31.24 -20.95
CA LYS E 303 43.78 30.61 -20.23
C LYS E 303 44.76 31.62 -19.64
N ASP E 304 44.64 32.89 -19.99
CA ASP E 304 45.50 33.92 -19.43
C ASP E 304 44.89 34.60 -18.22
N LYS E 305 43.65 34.25 -17.85
CA LYS E 305 42.98 34.83 -16.70
C LYS E 305 42.45 33.75 -15.77
N LEU E 306 43.14 32.62 -15.70
CA LEU E 306 42.78 31.53 -14.80
C LEU E 306 44.04 30.97 -14.17
N ASN E 307 43.95 30.58 -12.91
CA ASN E 307 45.08 30.00 -12.19
C ASN E 307 44.54 28.87 -11.33
N ILE E 308 44.80 27.63 -11.76
CA ILE E 308 44.36 26.45 -11.01
C ILE E 308 45.51 26.02 -10.12
N TRP E 309 45.26 25.99 -8.82
CA TRP E 309 46.31 25.75 -7.83
C TRP E 309 46.10 24.41 -7.15
N ILE E 310 47.21 23.77 -6.79
CA ILE E 310 47.21 22.55 -6.00
C ILE E 310 48.07 22.81 -4.77
N LEU E 311 47.50 22.59 -3.59
CA LEU E 311 48.19 22.78 -2.33
C LEU E 311 48.21 21.47 -1.57
N ASP E 312 49.40 21.05 -1.14
CA ASP E 312 49.60 19.73 -0.55
C ASP E 312 50.16 19.89 0.85
N ASP E 313 49.39 19.47 1.85
CA ASP E 313 49.88 19.42 3.21
C ASP E 313 50.76 18.20 3.48
N GLY E 314 50.77 17.23 2.58
CA GLY E 314 51.60 16.05 2.75
C GLY E 314 53.03 16.21 2.28
N GLY E 315 53.37 17.34 1.67
CA GLY E 315 54.69 17.52 1.11
C GLY E 315 55.02 16.55 0.00
N ARG E 316 54.01 16.01 -0.65
CA ARG E 316 54.21 14.93 -1.61
C ARG E 316 54.75 15.47 -2.92
N GLU E 317 55.68 14.70 -3.53
CA GLU E 317 56.24 15.07 -4.81
C GLU E 317 55.34 14.67 -5.97
N GLU E 318 54.42 13.74 -5.75
CA GLU E 318 53.54 13.29 -6.83
C GLU E 318 52.68 14.43 -7.34
N PHE E 319 52.17 15.26 -6.43
CA PHE E 319 51.36 16.41 -6.85
C PHE E 319 52.21 17.46 -7.54
N ARG E 320 53.47 17.62 -7.13
CA ARG E 320 54.37 18.52 -7.85
C ARG E 320 54.54 18.06 -9.29
N GLN E 321 54.86 16.78 -9.49
CA GLN E 321 55.05 16.27 -10.84
C GLN E 321 53.77 16.37 -11.65
N PHE E 322 52.63 16.07 -11.03
CA PHE E 322 51.34 16.15 -11.70
C PHE E 322 51.04 17.57 -12.16
N ALA E 323 51.21 18.54 -11.27
CA ALA E 323 50.93 19.93 -11.62
C ALA E 323 51.88 20.42 -12.71
N GLN E 324 53.16 20.06 -12.62
CA GLN E 324 54.11 20.50 -13.63
C GLN E 324 53.78 19.91 -14.99
N ASN E 325 53.35 18.65 -15.05
CA ASN E 325 53.09 18.03 -16.35
C ASN E 325 51.67 18.25 -16.86
N VAL E 326 50.76 18.81 -16.06
CA VAL E 326 49.45 19.16 -16.58
C VAL E 326 49.28 20.67 -16.77
N GLY E 327 50.28 21.48 -16.40
CA GLY E 327 50.24 22.90 -16.67
C GLY E 327 49.56 23.74 -15.62
N VAL E 328 49.40 23.25 -14.40
CA VAL E 328 48.81 24.02 -13.31
C VAL E 328 49.89 24.27 -12.25
N LYS E 329 49.54 25.10 -11.28
CA LYS E 329 50.50 25.56 -10.28
C LYS E 329 50.42 24.71 -9.02
N TYR E 330 51.58 24.43 -8.43
CA TYR E 330 51.70 23.73 -7.17
C TYR E 330 52.43 24.60 -6.16
N ILE E 331 51.92 24.65 -4.93
CA ILE E 331 52.56 25.33 -3.82
C ILE E 331 52.34 24.50 -2.56
N ALA E 332 53.41 24.22 -1.84
CA ALA E 332 53.35 23.50 -0.57
C ALA E 332 53.99 24.33 0.53
N ARG E 333 53.55 24.10 1.76
CA ARG E 333 54.06 24.80 2.93
C ARG E 333 54.72 23.83 3.89
N THR E 334 55.76 24.32 4.58
CA THR E 334 56.46 23.48 5.55
C THR E 334 55.69 23.36 6.86
N THR E 335 55.12 24.46 7.34
CA THR E 335 54.43 24.48 8.62
C THR E 335 52.93 24.43 8.40
N HIS E 336 52.26 23.49 9.05
CA HIS E 336 50.82 23.28 8.90
C HIS E 336 50.12 23.75 10.15
N GLU E 337 49.51 24.94 10.08
CA GLU E 337 48.74 25.49 11.18
C GLU E 337 47.37 25.89 10.67
N HIS E 338 46.35 25.69 11.52
CA HIS E 338 44.96 26.04 11.22
C HIS E 338 44.40 25.26 10.03
N ALA E 339 45.07 24.18 9.64
CA ALA E 339 44.54 23.15 8.73
C ALA E 339 44.07 23.81 7.43
N LYS E 340 42.83 23.58 7.00
CA LYS E 340 42.38 24.07 5.70
C LYS E 340 42.40 25.60 5.65
N ALA E 341 42.00 26.25 6.74
CA ALA E 341 42.03 27.71 6.77
C ALA E 341 43.44 28.22 6.55
N GLY E 342 44.41 27.64 7.26
CA GLY E 342 45.79 28.08 7.11
C GLY E 342 46.33 27.83 5.73
N ASN E 343 46.05 26.66 5.16
CA ASN E 343 46.53 26.34 3.82
C ASN E 343 45.94 27.29 2.78
N ILE E 344 44.65 27.58 2.88
CA ILE E 344 44.00 28.46 1.91
C ILE E 344 44.51 29.90 2.08
N ASN E 345 44.73 30.35 3.32
CA ASN E 345 45.30 31.68 3.51
C ASN E 345 46.71 31.77 2.93
N ASN E 346 47.52 30.73 3.15
CA ASN E 346 48.87 30.72 2.59
C ASN E 346 48.82 30.77 1.07
N ALA E 347 47.89 30.05 0.46
CA ALA E 347 47.73 30.10 -0.98
C ALA E 347 47.29 31.49 -1.44
N LEU E 348 46.35 32.10 -0.72
CA LEU E 348 45.88 33.44 -1.06
C LEU E 348 47.00 34.46 -0.99
N LYS E 349 47.98 34.21 -0.11
CA LYS E 349 49.12 35.13 0.00
C LYS E 349 49.86 35.25 -1.32
N TYR E 350 49.82 34.23 -2.17
CA TYR E 350 50.52 34.23 -3.44
C TYR E 350 49.58 34.31 -4.64
N ALA E 351 48.28 34.38 -4.42
CA ALA E 351 47.30 34.37 -5.50
C ALA E 351 47.13 35.77 -6.05
N LYS E 352 47.69 36.02 -7.24
CA LYS E 352 47.63 37.33 -7.87
C LYS E 352 46.44 37.40 -8.81
N GLY E 353 45.25 37.31 -8.22
CA GLY E 353 44.02 37.31 -9.00
C GLY E 353 42.92 38.02 -8.26
N GLU E 354 41.98 38.58 -9.02
CA GLU E 354 40.89 39.34 -8.42
C GLU E 354 39.88 38.44 -7.72
N PHE E 355 39.86 37.15 -8.02
CA PHE E 355 38.89 36.22 -7.47
C PHE E 355 39.58 34.97 -6.96
N VAL E 356 39.02 34.39 -5.90
CA VAL E 356 39.46 33.11 -5.36
C VAL E 356 38.27 32.17 -5.33
N SER E 357 38.43 30.98 -5.88
CA SER E 357 37.35 30.00 -5.99
C SER E 357 37.83 28.69 -5.40
N ILE E 358 37.41 28.41 -4.16
CA ILE E 358 37.86 27.21 -3.47
C ILE E 358 37.06 26.02 -3.98
N PHE E 359 37.75 25.03 -4.53
CA PHE E 359 37.15 23.76 -4.94
C PHE E 359 37.68 22.66 -4.04
N ASP E 360 36.80 21.73 -3.69
CA ASP E 360 37.19 20.61 -2.84
C ASP E 360 38.18 19.70 -3.58
N CYS E 361 38.83 18.85 -2.80
CA CYS E 361 39.75 17.88 -3.39
C CYS E 361 39.05 16.79 -4.18
N ASP E 362 37.72 16.75 -4.16
CA ASP E 362 36.97 15.71 -4.83
C ASP E 362 35.84 16.20 -5.71
N HIS E 363 35.39 17.45 -5.57
CA HIS E 363 34.26 17.95 -6.34
C HIS E 363 34.76 18.38 -7.71
N VAL E 364 34.40 17.63 -8.75
CA VAL E 364 34.84 17.89 -10.10
C VAL E 364 34.18 19.15 -10.62
N PRO E 365 34.94 20.15 -11.05
CA PRO E 365 34.33 21.33 -11.66
C PRO E 365 33.83 21.02 -13.07
N THR E 366 32.89 21.83 -13.52
CA THR E 366 32.33 21.70 -14.85
C THR E 366 32.84 22.83 -15.74
N ARG E 367 32.79 22.60 -17.05
CA ARG E 367 33.31 23.58 -18.00
C ARG E 367 32.55 24.89 -17.91
N SER E 368 31.23 24.83 -17.83
CA SER E 368 30.39 26.01 -17.72
C SER E 368 30.12 26.37 -16.28
N PHE E 369 31.18 26.52 -15.50
CA PHE E 369 31.08 26.94 -14.10
C PHE E 369 31.44 28.41 -13.95
N LEU E 370 32.64 28.79 -14.39
CA LEU E 370 33.14 30.13 -14.17
C LEU E 370 32.41 31.19 -14.99
N GLN E 371 31.56 30.79 -15.93
CA GLN E 371 30.76 31.75 -16.68
C GLN E 371 29.29 31.72 -16.31
N MET E 372 28.80 30.65 -15.70
CA MET E 372 27.43 30.57 -15.22
C MET E 372 27.25 31.10 -13.82
N THR E 373 28.31 31.62 -13.20
CA THR E 373 28.22 32.16 -11.86
C THR E 373 28.97 33.47 -11.66
N MET E 374 29.55 34.05 -12.71
CA MET E 374 30.40 35.22 -12.57
C MET E 374 29.77 36.49 -13.11
N GLY E 375 28.57 36.43 -13.68
CA GLY E 375 27.91 37.64 -14.12
C GLY E 375 27.49 38.54 -12.97
N TRP E 376 26.98 37.94 -11.88
CA TRP E 376 26.49 38.73 -10.77
C TRP E 376 27.61 39.49 -10.07
N PHE E 377 28.84 38.96 -10.13
CA PHE E 377 29.96 39.67 -9.53
C PHE E 377 30.28 40.96 -10.27
N LEU E 378 29.82 41.08 -11.52
CA LEU E 378 29.97 42.32 -12.28
C LEU E 378 28.70 43.15 -12.33
N LYS E 379 27.53 42.54 -12.06
CA LYS E 379 26.31 43.33 -11.95
C LYS E 379 26.18 43.96 -10.56
N GLU E 380 26.08 43.13 -9.53
CA GLU E 380 26.08 43.62 -8.16
C GLU E 380 27.52 43.91 -7.73
N LYS E 381 27.79 45.17 -7.38
CA LYS E 381 29.14 45.63 -7.14
C LYS E 381 29.55 45.54 -5.68
N GLN E 382 28.71 44.92 -4.83
CA GLN E 382 29.09 44.66 -3.45
C GLN E 382 28.99 43.19 -3.09
N LEU E 383 28.85 42.31 -4.08
CA LEU E 383 28.76 40.88 -3.82
C LEU E 383 30.12 40.34 -3.37
N ALA E 384 30.08 39.33 -2.51
CA ALA E 384 31.32 38.78 -1.96
C ALA E 384 31.39 37.25 -1.94
N MET E 385 30.29 36.53 -2.13
CA MET E 385 30.35 35.08 -2.12
C MET E 385 29.17 34.54 -2.91
N MET E 386 29.44 33.57 -3.78
CA MET E 386 28.40 32.90 -4.57
C MET E 386 28.66 31.40 -4.49
N GLN E 387 27.87 30.71 -3.69
CA GLN E 387 28.04 29.28 -3.47
C GLN E 387 27.28 28.48 -4.52
N THR E 388 27.83 27.32 -4.86
CA THR E 388 27.28 26.42 -5.85
C THR E 388 26.90 25.09 -5.21
N PRO E 389 25.86 24.42 -5.72
CA PRO E 389 25.36 23.22 -5.04
C PRO E 389 26.36 22.08 -5.07
N HIS E 390 26.17 21.14 -4.13
CA HIS E 390 26.99 19.94 -4.03
C HIS E 390 26.14 18.74 -4.37
N HIS E 391 26.55 18.00 -5.39
CA HIS E 391 25.87 16.79 -5.83
C HIS E 391 26.84 15.62 -5.73
N PHE E 392 26.42 14.56 -5.02
CA PHE E 392 27.26 13.40 -4.81
C PHE E 392 26.82 12.29 -5.76
N PHE E 393 27.73 11.85 -6.63
CA PHE E 393 27.45 10.73 -7.52
C PHE E 393 27.69 9.38 -6.86
N SER E 394 28.66 9.30 -5.96
CA SER E 394 28.88 8.06 -5.23
C SER E 394 27.80 7.87 -4.18
N PRO E 395 27.45 6.62 -3.86
CA PRO E 395 26.45 6.38 -2.81
C PRO E 395 26.96 6.79 -1.44
N ASP E 396 26.19 7.63 -0.76
CA ASP E 396 26.48 8.03 0.61
C ASP E 396 26.17 6.88 1.56
N PRO E 397 26.66 6.94 2.80
CA PRO E 397 26.45 5.82 3.73
C PRO E 397 24.99 5.48 4.00
N PHE E 398 24.05 6.35 3.66
CA PHE E 398 22.64 6.03 3.76
C PHE E 398 22.06 5.47 2.46
N GLU E 399 22.87 5.33 1.42
CA GLU E 399 22.43 4.76 0.15
C GLU E 399 23.05 3.40 -0.14
N ARG E 400 24.36 3.26 0.08
CA ARG E 400 25.03 1.99 -0.20
C ARG E 400 24.59 0.90 0.77
N ASN E 401 24.52 1.21 2.06
CA ASN E 401 24.22 0.20 3.06
C ASN E 401 22.76 -0.24 3.00
N LEU E 402 21.86 0.63 2.57
CA LEU E 402 20.43 0.35 2.55
C LEU E 402 19.92 -0.03 1.17
N GLY E 403 20.80 -0.19 0.19
CA GLY E 403 20.37 -0.45 -1.17
C GLY E 403 19.52 0.65 -1.74
N ARG E 404 19.88 1.90 -1.46
CA ARG E 404 19.06 3.05 -1.84
C ARG E 404 19.81 3.99 -2.76
N PHE E 405 20.49 3.45 -3.76
CA PHE E 405 21.27 4.26 -4.68
C PHE E 405 20.37 4.74 -5.82
N ARG E 406 20.33 6.06 -6.01
CA ARG E 406 19.46 6.71 -7.00
C ARG E 406 18.00 6.34 -6.81
N LYS E 407 17.62 6.00 -5.58
CA LYS E 407 16.23 5.84 -5.20
C LYS E 407 15.81 6.75 -4.06
N THR E 408 16.73 7.11 -3.16
CA THR E 408 16.51 8.08 -2.13
C THR E 408 17.59 9.16 -2.22
N PRO E 409 17.23 10.44 -2.17
CA PRO E 409 18.23 11.50 -2.30
C PRO E 409 19.16 11.55 -1.10
N ASN E 410 20.30 12.19 -1.30
CA ASN E 410 21.27 12.41 -0.24
C ASN E 410 20.68 13.30 0.85
N GLU E 411 21.33 13.30 2.02
CA GLU E 411 20.91 14.17 3.10
C GLU E 411 20.98 15.64 2.69
N GLY E 412 22.06 16.02 2.01
CA GLY E 412 22.25 17.40 1.60
C GLY E 412 21.47 17.82 0.38
N THR E 413 20.71 16.91 -0.26
CA THR E 413 19.92 17.30 -1.42
C THR E 413 18.90 18.36 -1.05
N LEU E 414 18.18 18.15 0.06
CA LEU E 414 17.19 19.12 0.50
C LEU E 414 17.82 20.48 0.75
N PHE E 415 18.90 20.50 1.52
CA PHE E 415 19.61 21.74 1.80
C PHE E 415 20.00 22.45 0.51
N TYR E 416 20.89 21.81 -0.26
CA TYR E 416 21.49 22.44 -1.44
C TYR E 416 20.49 22.67 -2.57
N GLY E 417 19.28 22.12 -2.48
CA GLY E 417 18.31 22.38 -3.52
C GLY E 417 17.30 23.45 -3.15
N LEU E 418 16.94 23.54 -1.88
CA LEU E 418 15.89 24.49 -1.53
C LEU E 418 16.28 25.47 -0.45
N VAL E 419 17.01 25.02 0.58
CA VAL E 419 17.17 25.84 1.77
C VAL E 419 18.07 27.04 1.48
N GLN E 420 19.17 26.84 0.76
CA GLN E 420 20.04 27.97 0.50
C GLN E 420 19.48 28.89 -0.57
N ASP E 421 18.71 28.36 -1.52
CA ASP E 421 17.99 29.24 -2.43
C ASP E 421 17.01 30.12 -1.67
N GLY E 422 16.40 29.57 -0.62
CA GLY E 422 15.58 30.40 0.26
C GLY E 422 16.40 31.42 1.04
N ASN E 423 17.54 31.00 1.58
CA ASN E 423 18.42 31.90 2.31
C ASN E 423 18.91 33.04 1.44
N ASP E 424 18.94 32.85 0.13
CA ASP E 424 19.38 33.92 -0.77
C ASP E 424 18.46 35.13 -0.67
N MET E 425 17.18 34.92 -0.34
CA MET E 425 16.26 36.03 -0.20
C MET E 425 16.65 36.94 0.95
N TRP E 426 17.06 36.37 2.07
CA TRP E 426 17.44 37.15 3.24
C TRP E 426 18.94 37.44 3.29
N ASP E 427 19.69 37.03 2.27
CA ASP E 427 21.13 37.24 2.21
C ASP E 427 21.83 36.57 3.40
N ALA E 428 21.70 35.24 3.44
CA ALA E 428 22.36 34.45 4.47
C ALA E 428 22.92 33.14 3.93
N THR E 429 23.18 33.07 2.63
CA THR E 429 23.74 31.86 2.01
C THR E 429 25.18 31.73 2.45
N PHE E 430 25.46 30.80 3.35
CA PHE E 430 26.79 30.71 3.93
C PHE E 430 27.68 29.79 3.09
N PHE E 431 28.95 30.15 3.02
CA PHE E 431 29.96 29.33 2.35
C PHE E 431 29.85 27.89 2.85
N CYS E 432 29.78 26.96 1.91
CA CYS E 432 29.46 25.55 2.18
C CYS E 432 30.69 24.66 2.15
N GLY E 433 31.84 25.15 2.60
CA GLY E 433 33.07 24.39 2.54
C GLY E 433 33.90 24.71 1.31
N SER E 434 33.35 24.43 0.13
CA SER E 434 34.04 24.72 -1.12
C SER E 434 32.99 25.01 -2.19
N CYS E 435 33.43 24.97 -3.45
CA CYS E 435 32.55 25.13 -4.61
C CYS E 435 31.85 26.49 -4.58
N ALA E 436 32.64 27.54 -4.38
CA ALA E 436 32.10 28.91 -4.36
C ALA E 436 33.17 29.90 -4.78
N VAL E 437 32.71 31.09 -5.17
CA VAL E 437 33.58 32.16 -5.65
C VAL E 437 33.48 33.33 -4.67
N ILE E 438 34.63 33.79 -4.17
CA ILE E 438 34.72 34.93 -3.27
C ILE E 438 35.55 36.00 -3.95
N ARG E 439 35.00 37.19 -4.10
CA ARG E 439 35.76 38.33 -4.59
C ARG E 439 36.88 38.66 -3.61
N ARG E 440 38.09 38.86 -4.12
CA ARG E 440 39.24 38.99 -3.23
C ARG E 440 39.32 40.36 -2.56
N LYS E 441 38.71 41.40 -3.12
CA LYS E 441 38.72 42.69 -2.46
C LYS E 441 37.99 42.65 -1.11
N PRO E 442 36.77 42.14 -1.01
CA PRO E 442 36.20 41.95 0.34
C PRO E 442 36.96 40.94 1.17
N LEU E 443 37.54 39.92 0.55
CA LEU E 443 38.24 38.89 1.32
C LEU E 443 39.46 39.46 2.02
N ASP E 444 40.17 40.39 1.38
CA ASP E 444 41.30 41.04 2.04
C ASP E 444 40.84 41.83 3.25
N GLU E 445 39.65 42.42 3.17
CA GLU E 445 39.12 43.21 4.28
C GLU E 445 38.77 42.32 5.47
N ILE E 446 38.19 41.14 5.21
CA ILE E 446 37.77 40.25 6.30
C ILE E 446 38.91 39.41 6.85
N GLY E 447 40.13 39.59 6.36
CA GLY E 447 41.28 38.88 6.87
C GLY E 447 41.50 37.50 6.28
N GLY E 448 40.66 37.05 5.36
CA GLY E 448 40.83 35.75 4.75
C GLY E 448 39.90 34.69 5.31
N ILE E 449 40.32 33.43 5.25
CA ILE E 449 39.50 32.33 5.74
C ILE E 449 39.57 32.30 7.27
N ALA E 450 38.41 32.09 7.89
CA ALA E 450 38.34 32.01 9.34
C ALA E 450 39.19 30.86 9.86
N VAL E 451 40.00 31.13 10.87
CA VAL E 451 40.93 30.14 11.40
C VAL E 451 40.58 29.67 12.81
N GLU E 452 39.73 30.40 13.53
CA GLU E 452 39.41 30.06 14.91
C GLU E 452 38.73 28.70 15.04
N THR E 453 37.53 28.57 14.49
CA THR E 453 36.69 27.40 14.69
C THR E 453 37.10 26.28 13.73
N VAL E 454 36.28 25.24 13.65
CA VAL E 454 36.51 24.13 12.73
C VAL E 454 35.70 24.35 11.45
N THR E 455 34.51 24.95 11.59
CA THR E 455 33.73 25.35 10.42
C THR E 455 34.18 26.76 10.04
N GLU E 456 35.24 26.82 9.22
CA GLU E 456 35.73 28.10 8.72
C GLU E 456 34.71 28.75 7.81
N ASP E 457 33.92 27.95 7.10
CA ASP E 457 33.08 28.42 6.02
C ASP E 457 31.99 29.37 6.52
N ALA E 458 31.19 28.91 7.48
CA ALA E 458 30.08 29.73 7.96
C ALA E 458 30.57 30.98 8.68
N HIS E 459 31.66 30.86 9.44
CA HIS E 459 32.22 32.01 10.12
C HIS E 459 32.69 33.06 9.13
N THR E 460 33.37 32.63 8.05
CA THR E 460 33.81 33.57 7.03
C THR E 460 32.62 34.23 6.34
N SER E 461 31.57 33.47 6.06
CA SER E 461 30.39 34.05 5.43
C SER E 461 29.74 35.07 6.35
N LEU E 462 29.65 34.77 7.65
CA LEU E 462 29.07 35.71 8.60
C LEU E 462 29.89 36.97 8.70
N ARG E 463 31.22 36.84 8.72
CA ARG E 463 32.07 38.03 8.80
C ARG E 463 31.93 38.87 7.54
N LEU E 464 31.77 38.22 6.38
CA LEU E 464 31.46 38.97 5.16
C LEU E 464 30.14 39.70 5.28
N HIS E 465 29.12 39.04 5.83
CA HIS E 465 27.78 39.63 5.88
C HIS E 465 27.73 40.81 6.84
N ARG E 466 28.49 40.75 7.94
CA ARG E 466 28.44 41.84 8.91
C ARG E 466 29.05 43.12 8.37
N ARG E 467 29.84 43.06 7.31
CA ARG E 467 30.42 44.25 6.71
C ARG E 467 29.54 44.85 5.63
N GLY E 468 28.34 44.32 5.44
CA GLY E 468 27.38 44.85 4.50
C GLY E 468 27.39 44.19 3.14
N TYR E 469 28.46 43.49 2.79
CA TYR E 469 28.56 42.85 1.48
C TYR E 469 27.57 41.69 1.39
N THR E 470 26.81 41.66 0.30
CA THR E 470 25.78 40.65 0.14
C THR E 470 26.41 39.31 -0.25
N SER E 471 25.55 38.32 -0.47
CA SER E 471 25.97 37.00 -0.90
C SER E 471 24.90 36.44 -1.82
N ALA E 472 25.29 35.47 -2.65
CA ALA E 472 24.42 34.95 -3.69
C ALA E 472 24.45 33.42 -3.65
N TYR E 473 23.69 32.82 -4.56
CA TYR E 473 23.61 31.38 -4.67
C TYR E 473 23.06 31.02 -6.04
N MET E 474 23.55 29.93 -6.61
CA MET E 474 23.05 29.41 -7.88
C MET E 474 22.60 27.96 -7.68
N ARG E 475 21.54 27.58 -8.38
CA ARG E 475 20.89 26.30 -8.13
C ARG E 475 21.41 25.16 -8.98
N ILE E 476 21.96 25.44 -10.15
CA ILE E 476 22.31 24.38 -11.09
C ILE E 476 23.45 23.55 -10.52
N PRO E 477 23.30 22.22 -10.42
CA PRO E 477 24.41 21.39 -9.93
C PRO E 477 25.60 21.42 -10.86
N GLN E 478 26.70 22.03 -10.42
CA GLN E 478 27.88 22.21 -11.25
C GLN E 478 29.12 21.65 -10.55
N ALA E 479 28.93 20.68 -9.67
CA ALA E 479 30.05 20.10 -8.93
C ALA E 479 29.63 18.73 -8.42
N ALA E 480 30.30 17.69 -8.89
CA ALA E 480 30.06 16.32 -8.44
C ALA E 480 31.28 15.82 -7.70
N GLY E 481 31.05 15.20 -6.54
CA GLY E 481 32.12 14.73 -5.69
C GLY E 481 31.83 13.34 -5.15
N LEU E 482 32.83 12.80 -4.45
CA LEU E 482 32.71 11.49 -3.84
C LEU E 482 32.01 11.63 -2.50
N ALA E 483 30.89 10.93 -2.34
CA ALA E 483 30.16 10.96 -1.09
C ALA E 483 30.97 10.27 0.01
N THR E 484 30.44 10.30 1.22
CA THR E 484 31.12 9.69 2.35
C THR E 484 31.16 8.17 2.18
N GLU E 485 32.29 7.58 2.54
CA GLU E 485 32.53 6.15 2.30
C GLU E 485 32.34 5.30 3.55
N SER E 486 31.87 5.88 4.64
CA SER E 486 31.55 5.11 5.83
C SER E 486 30.59 5.93 6.69
N LEU E 487 29.70 5.23 7.39
CA LEU E 487 28.77 5.92 8.28
C LEU E 487 29.52 6.66 9.38
N SER E 488 30.65 6.11 9.84
CA SER E 488 31.43 6.79 10.86
C SER E 488 31.96 8.13 10.34
N ALA E 489 32.45 8.16 9.09
CA ALA E 489 32.97 9.41 8.54
C ALA E 489 31.86 10.41 8.27
N HIS E 490 30.66 9.95 7.88
CA HIS E 490 29.55 10.87 7.71
C HIS E 490 29.11 11.46 9.05
N ILE E 491 29.08 10.63 10.10
CA ILE E 491 28.82 11.13 11.44
C ILE E 491 29.88 12.15 11.83
N GLY E 492 31.14 11.88 11.47
CA GLY E 492 32.21 12.82 11.77
C GLY E 492 32.02 14.15 11.06
N GLN E 493 31.62 14.11 9.79
CA GLN E 493 31.37 15.34 9.06
C GLN E 493 30.23 16.13 9.69
N ARG E 494 29.14 15.45 10.01
CA ARG E 494 28.00 16.14 10.61
C ARG E 494 28.36 16.70 11.99
N ILE E 495 29.13 15.95 12.78
CA ILE E 495 29.51 16.41 14.09
C ILE E 495 30.49 17.56 13.98
N ARG E 496 31.31 17.59 12.93
CA ARG E 496 32.18 18.75 12.74
C ARG E 496 31.37 19.98 12.41
N TRP E 497 30.35 19.83 11.57
CA TRP E 497 29.46 20.96 11.29
C TRP E 497 28.80 21.46 12.57
N ALA E 498 28.29 20.53 13.38
CA ALA E 498 27.62 20.89 14.62
C ALA E 498 28.57 21.60 15.58
N ARG E 499 29.75 21.03 15.78
CA ARG E 499 30.73 21.64 16.69
C ARG E 499 31.16 23.01 16.20
N GLY E 500 31.33 23.16 14.89
CA GLY E 500 31.73 24.45 14.36
C GLY E 500 30.66 25.51 14.55
N MET E 501 29.40 25.17 14.29
CA MET E 501 28.33 26.13 14.53
C MET E 501 28.24 26.49 16.01
N VAL E 502 28.41 25.49 16.88
CA VAL E 502 28.37 25.75 18.32
C VAL E 502 29.51 26.68 18.73
N GLN E 503 30.70 26.45 18.19
CA GLN E 503 31.82 27.33 18.47
C GLN E 503 31.56 28.74 17.95
N ILE E 504 30.92 28.85 16.79
CA ILE E 504 30.56 30.16 16.25
C ILE E 504 29.63 30.89 17.21
N PHE E 505 28.59 30.20 17.69
CA PHE E 505 27.66 30.83 18.61
C PHE E 505 28.35 31.22 19.91
N ARG E 506 29.19 30.34 20.44
CA ARG E 506 29.89 30.64 21.68
C ARG E 506 30.87 31.79 21.51
N LEU E 507 31.39 32.00 20.30
CA LEU E 507 32.34 33.06 20.04
C LEU E 507 31.71 34.30 19.39
N ASP E 508 30.66 34.13 18.59
CA ASP E 508 30.06 35.26 17.89
C ASP E 508 28.58 34.95 17.67
N ASN E 509 27.73 35.53 18.51
CA ASN E 509 26.29 35.31 18.38
C ASN E 509 25.74 36.12 17.21
N PRO E 510 25.17 35.48 16.20
CA PRO E 510 24.54 36.25 15.11
C PRO E 510 23.37 37.10 15.55
N LEU E 511 22.61 36.67 16.57
CA LEU E 511 21.42 37.41 16.97
C LEU E 511 21.76 38.79 17.54
N THR E 512 22.88 38.92 18.22
CA THR E 512 23.29 40.19 18.84
C THR E 512 24.41 40.79 17.99
N GLY E 513 24.08 41.81 17.22
CA GLY E 513 25.06 42.45 16.38
C GLY E 513 24.52 43.72 15.77
N LYS E 514 25.33 44.34 14.92
CA LYS E 514 24.98 45.57 14.23
C LYS E 514 25.26 45.42 12.75
N GLY E 515 24.41 46.03 11.92
CA GLY E 515 24.55 45.98 10.49
C GLY E 515 23.89 44.78 9.82
N LEU E 516 23.35 43.86 10.60
CA LEU E 516 22.67 42.68 10.06
C LEU E 516 21.17 42.86 10.18
N LYS E 517 20.44 42.53 9.10
CA LYS E 517 19.00 42.42 9.21
C LYS E 517 18.63 41.27 10.13
N PHE E 518 17.47 41.38 10.77
CA PHE E 518 17.03 40.32 11.68
C PHE E 518 16.82 39.01 10.94
N ALA E 519 16.52 39.07 9.64
CA ALA E 519 16.33 37.86 8.86
C ALA E 519 17.62 37.06 8.78
N GLN E 520 18.75 37.74 8.62
CA GLN E 520 20.04 37.05 8.59
C GLN E 520 20.31 36.34 9.92
N ARG E 521 20.00 37.00 11.03
CA ARG E 521 20.17 36.37 12.34
C ARG E 521 19.26 35.17 12.50
N LEU E 522 18.02 35.28 12.02
CA LEU E 522 17.10 34.15 12.08
C LEU E 522 17.60 32.97 11.26
N CYS E 523 18.12 33.22 10.05
CA CYS E 523 18.66 32.14 9.24
C CYS E 523 19.87 31.52 9.92
N TYR E 524 20.75 32.35 10.50
CA TYR E 524 21.92 31.82 11.18
C TYR E 524 21.55 30.96 12.37
N VAL E 525 20.57 31.38 13.17
CA VAL E 525 20.21 30.60 14.36
C VAL E 525 19.45 29.34 13.96
N ASN E 526 18.58 29.43 12.94
CA ASN E 526 17.87 28.25 12.49
C ASN E 526 18.82 27.22 11.88
N ALA E 527 19.91 27.68 11.26
CA ALA E 527 20.95 26.76 10.85
C ALA E 527 21.64 26.10 12.04
N MET E 528 21.45 26.63 13.25
CA MET E 528 22.06 26.06 14.44
C MET E 528 21.04 25.51 15.42
N PHE E 529 19.79 25.32 14.99
CA PHE E 529 18.83 24.59 15.79
C PHE E 529 18.76 23.12 15.39
N HIS E 530 19.40 22.73 14.29
CA HIS E 530 19.49 21.33 13.92
C HIS E 530 20.57 20.60 14.69
N PHE E 531 21.58 21.31 15.19
CA PHE E 531 22.68 20.72 15.91
C PHE E 531 22.47 20.70 17.41
N LEU E 532 21.32 21.18 17.87
CA LEU E 532 20.86 20.99 19.24
C LEU E 532 19.63 20.11 19.30
N SER E 533 19.26 19.51 18.16
CA SER E 533 18.03 18.74 18.06
C SER E 533 18.22 17.29 18.46
N GLY E 534 19.23 17.01 19.29
CA GLY E 534 19.42 15.67 19.81
C GLY E 534 18.60 15.43 21.06
N ILE E 535 18.59 16.41 21.95
CA ILE E 535 17.84 16.28 23.20
C ILE E 535 16.34 16.09 22.94
N PRO E 536 15.69 16.88 22.08
CA PRO E 536 14.28 16.60 21.79
C PRO E 536 14.05 15.21 21.22
N ARG E 537 14.94 14.74 20.36
CA ARG E 537 14.78 13.42 19.78
C ARG E 537 14.83 12.35 20.87
N LEU E 538 15.80 12.45 21.76
CA LEU E 538 15.90 11.49 22.86
C LEU E 538 14.68 11.56 23.76
N ILE E 539 14.19 12.77 24.03
CA ILE E 539 13.03 12.92 24.90
C ILE E 539 11.79 12.28 24.26
N PHE E 540 11.59 12.51 22.97
CA PHE E 540 10.47 11.87 22.28
C PHE E 540 10.60 10.36 22.29
N LEU E 541 11.81 9.85 22.08
CA LEU E 541 12.00 8.40 21.98
C LEU E 541 11.65 7.69 23.29
N THR E 542 12.02 8.29 24.43
CA THR E 542 11.76 7.68 25.72
C THR E 542 10.52 8.24 26.41
N ALA E 543 9.77 9.12 25.74
CA ALA E 543 8.56 9.67 26.34
C ALA E 543 7.50 8.62 26.65
N PRO E 544 7.18 7.67 25.76
CA PRO E 544 6.19 6.65 26.13
C PRO E 544 6.64 5.78 27.30
N LEU E 545 7.93 5.76 27.62
CA LEU E 545 8.39 5.08 28.83
C LEU E 545 8.20 5.99 30.02
N ALA E 546 7.00 6.55 30.15
CA ALA E 546 6.59 7.27 31.34
C ALA E 546 5.17 6.90 31.77
N PHE E 547 4.39 6.26 30.90
CA PHE E 547 3.11 5.69 31.27
C PHE E 547 3.10 4.17 31.23
N LEU E 548 3.85 3.56 30.34
CA LEU E 548 3.94 2.10 30.31
C LEU E 548 4.86 1.57 31.40
N LEU E 549 5.98 2.24 31.66
CA LEU E 549 6.94 1.74 32.64
C LEU E 549 6.68 2.31 34.03
N LEU E 550 6.78 3.63 34.17
CA LEU E 550 6.20 4.29 35.32
C LEU E 550 4.72 4.49 35.05
N HIS E 551 4.01 5.14 35.97
CA HIS E 551 2.60 5.43 35.76
C HIS E 551 2.42 6.93 35.93
N ALA E 552 2.61 7.67 34.84
CA ALA E 552 2.44 9.11 34.83
C ALA E 552 1.65 9.50 33.59
N TYR E 553 0.60 10.28 33.77
CA TYR E 553 -0.17 10.83 32.66
C TYR E 553 0.50 12.14 32.26
N ILE E 554 1.43 12.06 31.31
CA ILE E 554 2.11 13.27 30.84
C ILE E 554 1.11 14.21 30.18
N ILE E 555 0.24 13.69 29.34
CA ILE E 555 -0.78 14.48 28.66
C ILE E 555 -2.11 14.11 29.29
N TYR E 556 -2.58 14.96 30.20
CA TYR E 556 -3.80 14.71 30.97
C TYR E 556 -5.01 14.99 30.09
N ALA E 557 -5.30 14.04 29.20
CA ALA E 557 -6.40 14.21 28.27
C ALA E 557 -6.88 12.86 27.79
N PRO E 558 -8.13 12.74 27.38
CA PRO E 558 -8.60 11.48 26.77
C PRO E 558 -7.88 11.19 25.47
N ALA E 559 -7.75 9.89 25.18
CA ALA E 559 -6.93 9.44 24.04
C ALA E 559 -7.51 9.87 22.71
N LEU E 560 -8.80 10.17 22.63
CA LEU E 560 -9.35 10.67 21.37
C LEU E 560 -8.90 12.11 21.12
N MET E 561 -8.86 12.94 22.16
CA MET E 561 -8.47 14.33 22.00
C MET E 561 -7.01 14.45 21.56
N ILE E 562 -6.12 13.64 22.15
CA ILE E 562 -4.73 13.65 21.72
C ILE E 562 -4.62 13.29 20.25
N ALA E 563 -5.33 12.25 19.83
CA ALA E 563 -5.32 11.87 18.43
C ALA E 563 -6.06 12.87 17.55
N LEU E 564 -6.67 13.89 18.13
CA LEU E 564 -7.40 14.91 17.37
C LEU E 564 -6.74 16.27 17.39
N PHE E 565 -5.72 16.48 18.23
CA PHE E 565 -4.95 17.71 18.28
C PHE E 565 -3.52 17.52 17.83
N VAL E 566 -2.85 16.47 18.32
CA VAL E 566 -1.50 16.17 17.85
C VAL E 566 -1.51 15.81 16.37
N LEU E 567 -2.50 15.01 15.96
CA LEU E 567 -2.52 14.50 14.59
C LEU E 567 -2.57 15.59 13.52
N PRO E 568 -3.41 16.63 13.64
CA PRO E 568 -3.37 17.69 12.62
C PRO E 568 -2.01 18.34 12.49
N HIS E 569 -1.30 18.53 13.61
CA HIS E 569 0.02 19.14 13.55
C HIS E 569 0.96 18.33 12.67
N MET E 570 1.06 17.03 12.95
CA MET E 570 1.96 16.18 12.18
C MET E 570 1.53 16.08 10.72
N ILE E 571 0.23 15.92 10.48
CA ILE E 571 -0.25 15.76 9.11
C ILE E 571 0.02 17.02 8.30
N HIS E 572 -0.30 18.20 8.86
CA HIS E 572 -0.12 19.44 8.13
C HIS E 572 1.36 19.75 7.93
N ALA E 573 2.19 19.52 8.95
CA ALA E 573 3.62 19.74 8.78
C ALA E 573 4.19 18.84 7.69
N SER E 574 3.81 17.56 7.69
CA SER E 574 4.31 16.64 6.68
C SER E 574 3.84 17.04 5.29
N LEU E 575 2.57 17.42 5.16
CA LEU E 575 2.04 17.79 3.86
C LEU E 575 2.71 19.06 3.33
N THR E 576 2.84 20.07 4.18
CA THR E 576 3.48 21.30 3.77
C THR E 576 4.94 21.07 3.37
N ASN E 577 5.67 20.28 4.17
CA ASN E 577 7.07 20.04 3.87
C ASN E 577 7.25 19.20 2.63
N SER E 578 6.36 18.23 2.41
CA SER E 578 6.41 17.45 1.17
C SER E 578 6.11 18.31 -0.05
N LYS E 579 5.23 19.30 0.09
CA LYS E 579 4.97 20.20 -1.01
C LYS E 579 6.16 21.11 -1.28
N ILE E 580 6.71 21.73 -0.23
CA ILE E 580 7.76 22.72 -0.43
C ILE E 580 9.09 22.04 -0.75
N GLN E 581 9.46 21.01 0.00
CA GLN E 581 10.65 20.22 -0.27
C GLN E 581 10.25 18.94 -1.01
N GLY E 582 9.80 19.12 -2.24
CA GLY E 582 9.18 18.01 -2.94
C GLY E 582 10.12 16.89 -3.34
N LYS E 583 10.96 17.12 -4.33
CA LYS E 583 11.92 16.10 -4.78
C LYS E 583 13.28 16.30 -4.15
N TYR E 584 13.31 16.43 -2.84
CA TYR E 584 14.58 16.66 -2.15
C TYR E 584 14.78 15.74 -0.95
N ARG E 585 13.73 15.43 -0.20
CA ARG E 585 13.86 14.67 1.04
C ARG E 585 12.61 13.82 1.20
N HIS E 586 12.76 12.50 1.11
CA HIS E 586 11.65 11.60 1.35
C HIS E 586 11.22 11.67 2.81
N SER E 587 9.92 11.51 3.03
CA SER E 587 9.36 11.66 4.37
C SER E 587 9.88 10.58 5.30
N PHE E 588 9.95 10.92 6.58
CA PHE E 588 10.32 10.02 7.68
C PHE E 588 11.79 9.64 7.61
N TRP E 589 12.50 10.06 6.57
CA TRP E 589 13.93 9.84 6.53
C TRP E 589 14.69 10.92 7.28
N SER E 590 14.14 12.13 7.38
CA SER E 590 14.78 13.17 8.17
C SER E 590 14.83 12.75 9.64
N GLU E 591 13.77 12.12 10.12
CA GLU E 591 13.77 11.57 11.47
C GLU E 591 14.88 10.54 11.63
N ILE E 592 15.04 9.66 10.63
CA ILE E 592 16.08 8.62 10.71
C ILE E 592 17.46 9.26 10.77
N TYR E 593 17.71 10.27 9.94
CA TYR E 593 18.99 10.94 9.97
C TYR E 593 19.23 11.61 11.33
N GLU E 594 18.19 12.24 11.86
CA GLU E 594 18.31 12.92 13.15
C GLU E 594 18.67 11.94 14.25
N THR E 595 17.93 10.83 14.36
CA THR E 595 18.20 9.86 15.41
C THR E 595 19.52 9.15 15.21
N VAL E 596 19.97 9.00 13.96
CA VAL E 596 21.33 8.51 13.73
C VAL E 596 22.33 9.50 14.31
N LEU E 597 22.12 10.79 14.08
CA LEU E 597 23.00 11.78 14.67
C LEU E 597 22.71 12.04 16.14
N ALA E 598 21.46 11.85 16.59
CA ALA E 598 21.09 12.38 17.89
C ALA E 598 21.56 11.48 19.03
N TRP E 599 22.83 11.08 18.99
CA TRP E 599 23.52 10.57 20.17
C TRP E 599 24.93 11.10 20.30
N TYR E 600 25.55 11.58 19.23
CA TYR E 600 26.94 12.02 19.24
C TYR E 600 27.11 13.52 19.06
N ILE E 601 26.17 14.18 18.39
CA ILE E 601 26.21 15.64 18.32
C ILE E 601 25.72 16.27 19.60
N ALA E 602 24.82 15.58 20.31
CA ALA E 602 24.28 16.13 21.55
C ALA E 602 25.31 16.34 22.65
N PRO E 603 26.23 15.40 22.94
CA PRO E 603 27.16 15.62 24.06
C PRO E 603 28.01 16.87 23.92
N PRO E 604 28.55 17.18 22.73
CA PRO E 604 29.33 18.43 22.63
C PRO E 604 28.51 19.68 22.92
N THR E 605 27.30 19.77 22.36
CA THR E 605 26.46 20.94 22.62
C THR E 605 26.05 21.02 24.08
N LEU E 606 25.77 19.86 24.71
CA LEU E 606 25.42 19.85 26.12
C LEU E 606 26.60 20.33 26.97
N VAL E 607 27.82 19.93 26.60
CA VAL E 607 29.01 20.44 27.29
C VAL E 607 29.12 21.94 27.11
N ALA E 608 28.88 22.43 25.88
CA ALA E 608 28.98 23.86 25.62
C ALA E 608 27.94 24.66 26.40
N LEU E 609 26.75 24.09 26.62
CA LEU E 609 25.70 24.81 27.33
C LEU E 609 26.11 25.12 28.77
N ILE E 610 26.74 24.17 29.44
CA ILE E 610 27.17 24.36 30.82
C ILE E 610 28.66 24.11 30.96
N VAL E 631 27.15 -5.58 16.85
CA VAL E 631 27.64 -4.96 15.62
C VAL E 631 28.86 -4.10 15.92
N ASP E 632 28.61 -2.85 16.30
CA ASP E 632 29.66 -1.90 16.63
C ASP E 632 29.60 -1.58 18.10
N TRP E 633 30.76 -1.67 18.77
CA TRP E 633 30.84 -1.37 20.20
C TRP E 633 30.82 0.12 20.48
N VAL E 634 30.82 0.96 19.44
CA VAL E 634 30.80 2.41 19.58
C VAL E 634 29.63 3.03 18.84
N ILE E 635 29.47 2.68 17.56
CA ILE E 635 28.52 3.40 16.70
C ILE E 635 27.07 3.08 17.10
N SER E 636 26.76 1.82 17.40
CA SER E 636 25.38 1.39 17.55
C SER E 636 25.07 0.82 18.93
N ARG E 637 25.80 1.24 19.96
CA ARG E 637 25.38 0.92 21.32
C ARG E 637 24.07 1.63 21.71
N PRO E 638 23.90 2.94 21.48
CA PRO E 638 22.64 3.58 21.90
C PRO E 638 21.41 2.99 21.24
N TYR E 639 21.50 2.55 19.99
CA TYR E 639 20.36 1.90 19.36
C TYR E 639 19.98 0.65 20.12
N ILE E 640 20.97 -0.14 20.55
CA ILE E 640 20.70 -1.34 21.33
C ILE E 640 20.04 -0.98 22.65
N PHE E 641 20.56 0.05 23.34
CA PHE E 641 19.96 0.48 24.59
C PHE E 641 18.49 0.82 24.40
N LEU E 642 18.21 1.63 23.39
CA LEU E 642 16.84 2.10 23.17
C LEU E 642 15.92 0.97 22.74
N VAL E 643 16.41 0.04 21.90
CA VAL E 643 15.52 -1.04 21.48
C VAL E 643 15.21 -1.95 22.65
N LEU E 644 16.19 -2.19 23.53
CA LEU E 644 15.89 -3.00 24.72
C LEU E 644 14.84 -2.32 25.59
N LEU E 645 15.00 -1.01 25.82
CA LEU E 645 14.05 -0.31 26.68
C LEU E 645 12.66 -0.29 26.07
N ASN E 646 12.57 -0.03 24.76
CA ASN E 646 11.27 -0.01 24.10
C ASN E 646 10.63 -1.39 24.06
N LEU E 647 11.44 -2.45 23.98
CA LEU E 647 10.86 -3.80 24.00
C LEU E 647 10.32 -4.12 25.39
N VAL E 648 11.04 -3.72 26.44
CA VAL E 648 10.46 -3.83 27.78
C VAL E 648 9.15 -3.07 27.85
N GLY E 649 9.12 -1.88 27.24
CA GLY E 649 7.90 -1.10 27.24
C GLY E 649 6.75 -1.78 26.54
N VAL E 650 7.00 -2.37 25.37
CA VAL E 650 5.93 -3.01 24.64
C VAL E 650 5.45 -4.25 25.39
N ALA E 651 6.34 -4.96 26.07
CA ALA E 651 5.91 -6.11 26.87
C ALA E 651 5.01 -5.65 28.02
N VAL E 652 5.40 -4.60 28.72
CA VAL E 652 4.59 -4.12 29.84
C VAL E 652 3.26 -3.59 29.32
N GLY E 653 3.27 -2.96 28.15
CA GLY E 653 2.02 -2.49 27.57
C GLY E 653 1.08 -3.61 27.21
N ILE E 654 1.63 -4.72 26.70
CA ILE E 654 0.82 -5.91 26.46
C ILE E 654 0.23 -6.41 27.78
N TRP E 655 1.02 -6.32 28.85
CA TRP E 655 0.49 -6.66 30.17
C TRP E 655 -0.71 -5.78 30.53
N ARG E 656 -0.56 -4.46 30.39
CA ARG E 656 -1.60 -3.54 30.87
C ARG E 656 -2.87 -3.58 30.03
N TYR E 657 -2.84 -4.18 28.84
CA TYR E 657 -4.01 -4.16 27.99
C TYR E 657 -5.14 -5.02 28.54
N PHE E 658 -4.82 -6.07 29.30
CA PHE E 658 -5.84 -6.91 29.90
C PHE E 658 -6.02 -6.63 31.39
N TYR E 659 -4.95 -6.28 32.09
CA TYR E 659 -5.05 -5.97 33.51
C TYR E 659 -5.58 -4.55 33.77
N GLY E 660 -5.60 -3.70 32.75
CA GLY E 660 -6.04 -2.34 32.91
C GLY E 660 -7.54 -2.20 32.80
N PRO E 661 -8.10 -1.20 33.48
CA PRO E 661 -9.53 -0.97 33.41
C PRO E 661 -9.95 -0.65 31.99
N PRO E 662 -11.18 -1.01 31.61
CA PRO E 662 -11.64 -0.75 30.23
C PRO E 662 -11.73 0.73 29.88
N THR E 663 -11.64 1.63 30.86
CA THR E 663 -11.57 3.05 30.56
C THR E 663 -10.17 3.45 30.11
N GLU E 664 -9.15 3.08 30.88
CA GLU E 664 -7.77 3.42 30.55
C GLU E 664 -7.18 2.41 29.57
N MET E 665 -7.88 2.19 28.47
CA MET E 665 -7.49 1.21 27.46
C MET E 665 -6.91 1.85 26.21
N LEU E 666 -7.55 2.91 25.69
CA LEU E 666 -7.06 3.55 24.49
C LEU E 666 -5.75 4.29 24.74
N THR E 667 -5.48 4.69 25.98
CA THR E 667 -4.21 5.31 26.29
C THR E 667 -3.06 4.33 26.04
N VAL E 668 -3.25 3.08 26.45
CA VAL E 668 -2.24 2.06 26.19
C VAL E 668 -2.08 1.84 24.69
N VAL E 669 -3.19 1.88 23.95
CA VAL E 669 -3.11 1.66 22.51
C VAL E 669 -2.31 2.77 21.84
N VAL E 670 -2.58 4.03 22.22
CA VAL E 670 -1.86 5.15 21.65
C VAL E 670 -0.38 5.07 22.01
N SER E 671 -0.06 4.76 23.27
CA SER E 671 1.33 4.68 23.66
C SER E 671 2.04 3.50 23.00
N MET E 672 1.32 2.42 22.71
CA MET E 672 1.91 1.30 22.00
C MET E 672 2.18 1.65 20.54
N VAL E 673 1.29 2.41 19.91
CA VAL E 673 1.57 2.88 18.55
C VAL E 673 2.79 3.80 18.56
N TRP E 674 2.91 4.64 19.59
CA TRP E 674 4.07 5.49 19.72
C TRP E 674 5.36 4.67 19.86
N VAL E 675 5.31 3.61 20.67
CA VAL E 675 6.49 2.77 20.84
C VAL E 675 6.81 2.01 19.56
N PHE E 676 5.79 1.59 18.81
CA PHE E 676 6.02 0.94 17.53
C PHE E 676 6.71 1.88 16.54
N TYR E 677 6.28 3.14 16.53
CA TYR E 677 6.97 4.12 15.69
C TYR E 677 8.42 4.29 16.12
N ASN E 678 8.66 4.37 17.42
CA ASN E 678 10.04 4.45 17.91
C ASN E 678 10.85 3.24 17.50
N LEU E 679 10.22 2.06 17.49
CA LEU E 679 10.93 0.84 17.12
C LEU E 679 11.27 0.81 15.63
N ILE E 680 10.36 1.30 14.79
CA ILE E 680 10.69 1.44 13.36
C ILE E 680 11.86 2.40 13.20
N VAL E 681 11.84 3.51 13.93
CA VAL E 681 12.92 4.49 13.86
C VAL E 681 14.26 3.85 14.21
N LEU E 682 14.29 3.14 15.34
CA LEU E 682 15.54 2.54 15.81
C LEU E 682 15.99 1.42 14.90
N GLY E 683 15.05 0.66 14.33
CA GLY E 683 15.43 -0.35 13.36
C GLY E 683 16.07 0.24 12.13
N GLY E 684 15.53 1.36 11.64
CA GLY E 684 16.19 2.06 10.54
C GLY E 684 17.57 2.56 10.91
N ALA E 685 17.72 3.08 12.14
CA ALA E 685 19.02 3.56 12.58
C ALA E 685 20.04 2.43 12.62
N VAL E 686 19.61 1.25 13.07
CA VAL E 686 20.50 0.08 13.04
C VAL E 686 20.81 -0.31 11.61
N ALA E 687 19.80 -0.28 10.73
CA ALA E 687 20.00 -0.69 9.34
C ALA E 687 21.05 0.15 8.65
N VAL E 688 21.06 1.46 8.92
CA VAL E 688 22.01 2.35 8.25
C VAL E 688 23.45 1.93 8.50
N SER E 689 23.72 1.19 9.58
CA SER E 689 25.08 0.90 10.01
C SER E 689 25.63 -0.42 9.47
N VAL E 690 25.18 -0.88 8.30
CA VAL E 690 25.66 -2.15 7.73
C VAL E 690 26.69 -1.79 6.66
N GLU E 691 27.95 -1.72 7.06
CA GLU E 691 29.03 -1.37 6.14
C GLU E 691 29.24 -2.54 5.19
N SER E 692 28.76 -2.39 3.96
CA SER E 692 28.75 -3.48 2.99
C SER E 692 30.12 -3.62 2.32
N LYS E 693 30.26 -4.65 1.50
CA LYS E 693 31.50 -4.87 0.76
C LYS E 693 31.68 -3.81 -0.31
N GLN E 694 32.91 -3.35 -0.47
CA GLN E 694 33.24 -2.33 -1.47
C GLN E 694 34.63 -2.61 -2.02
N VAL E 695 34.70 -3.14 -3.24
CA VAL E 695 35.97 -3.38 -3.92
C VAL E 695 36.11 -2.63 -5.24
N ARG E 696 35.09 -1.88 -5.66
CA ARG E 696 35.23 -1.06 -6.86
C ARG E 696 36.20 0.08 -6.57
N ARG E 697 37.37 0.05 -7.23
CA ARG E 697 38.35 1.11 -7.03
C ARG E 697 37.81 2.45 -7.49
N SER E 698 37.11 2.42 -8.63
CA SER E 698 36.53 3.67 -9.19
C SER E 698 35.01 3.66 -9.03
N HIS E 699 34.45 4.67 -8.36
CA HIS E 699 32.97 4.75 -8.16
C HIS E 699 32.29 4.90 -9.52
N ARG E 700 31.23 4.13 -9.77
CA ARG E 700 30.58 4.13 -11.10
C ARG E 700 29.48 5.19 -11.19
N VAL E 701 29.55 6.08 -12.19
CA VAL E 701 28.47 7.09 -12.41
C VAL E 701 27.53 6.51 -13.47
N GLU E 702 26.35 6.03 -13.08
CA GLU E 702 25.45 5.35 -14.04
C GLU E 702 24.63 6.36 -14.84
N MET E 703 25.13 6.75 -16.02
CA MET E 703 24.38 7.63 -16.90
C MET E 703 24.48 7.09 -18.32
N THR E 704 23.56 7.54 -19.16
CA THR E 704 23.49 7.10 -20.55
C THR E 704 24.12 8.15 -21.46
N MET E 705 25.20 7.78 -22.14
CA MET E 705 25.88 8.64 -23.09
C MET E 705 26.17 7.87 -24.36
N PRO E 706 26.20 8.54 -25.51
CA PRO E 706 26.44 7.83 -26.77
C PRO E 706 27.92 7.55 -27.00
N ALA E 707 28.20 6.35 -27.50
CA ALA E 707 29.56 5.95 -27.86
C ALA E 707 29.48 5.00 -29.05
N ALA E 708 30.65 4.64 -29.58
CA ALA E 708 30.71 3.74 -30.72
C ALA E 708 31.99 2.92 -30.63
N ILE E 709 31.97 1.77 -31.30
CA ILE E 709 33.10 0.87 -31.37
C ILE E 709 33.43 0.59 -32.83
N ALA E 710 34.72 0.50 -33.13
CA ALA E 710 35.17 0.26 -34.50
C ALA E 710 36.28 -0.76 -34.50
N ARG E 711 36.15 -1.78 -35.34
CA ARG E 711 37.15 -2.82 -35.48
C ARG E 711 37.96 -2.55 -36.75
N GLU E 712 38.83 -3.50 -37.11
CA GLU E 712 39.69 -3.35 -38.27
C GLU E 712 39.03 -3.85 -39.54
N ASP E 713 37.78 -3.42 -39.76
CA ASP E 713 37.02 -3.84 -40.94
C ASP E 713 36.30 -2.72 -41.67
N GLY E 714 36.25 -1.50 -41.11
CA GLY E 714 35.57 -0.40 -41.75
C GLY E 714 34.10 -0.24 -41.39
N HIS E 715 33.55 -1.15 -40.60
CA HIS E 715 32.15 -1.07 -40.16
C HIS E 715 32.11 -0.59 -38.71
N LEU E 716 31.21 0.36 -38.45
CA LEU E 716 31.05 0.94 -37.12
C LEU E 716 29.82 0.35 -36.45
N PHE E 717 29.99 -0.09 -35.21
CA PHE E 717 28.90 -0.66 -34.42
C PHE E 717 28.56 0.28 -33.27
N SER E 718 27.28 0.57 -33.11
CA SER E 718 26.83 1.37 -31.98
C SER E 718 26.87 0.54 -30.71
N CYS E 719 26.73 1.23 -29.57
CA CYS E 719 26.70 0.56 -28.28
C CYS E 719 25.85 1.38 -27.31
N THR E 720 25.30 0.71 -26.32
CA THR E 720 24.51 1.35 -25.27
C THR E 720 25.36 1.41 -24.01
N VAL E 721 25.76 2.62 -23.63
CA VAL E 721 26.62 2.83 -22.47
C VAL E 721 25.74 2.98 -21.24
N GLN E 722 26.01 2.17 -20.22
CA GLN E 722 25.24 2.19 -18.98
C GLN E 722 25.91 2.98 -17.88
N ASP E 723 27.22 2.82 -17.69
CA ASP E 723 27.92 3.53 -16.63
C ASP E 723 29.38 3.67 -16.99
N PHE E 724 30.05 4.59 -16.32
CA PHE E 724 31.49 4.76 -16.46
C PHE E 724 32.07 4.99 -15.07
N SER E 725 33.37 5.25 -15.02
CA SER E 725 34.09 5.40 -13.77
C SER E 725 35.44 6.06 -14.07
N ASP E 726 36.30 6.11 -13.05
CA ASP E 726 37.60 6.76 -13.21
C ASP E 726 38.52 5.97 -14.13
N GLY E 727 38.50 4.64 -14.05
CA GLY E 727 39.39 3.83 -14.85
C GLY E 727 38.69 2.75 -15.63
N GLY E 728 37.44 2.97 -16.00
CA GLY E 728 36.68 1.98 -16.74
C GLY E 728 35.57 2.58 -17.57
N LEU E 729 34.55 1.78 -17.86
CA LEU E 729 33.38 2.12 -18.65
C LEU E 729 32.48 0.89 -18.64
N GLY E 730 31.29 1.04 -19.19
CA GLY E 730 30.40 -0.09 -19.40
C GLY E 730 29.49 0.08 -20.60
N ILE E 731 29.51 -0.88 -21.52
CA ILE E 731 28.73 -0.80 -22.75
C ILE E 731 28.01 -2.13 -22.96
N LYS E 732 26.75 -2.06 -23.36
CA LYS E 732 25.96 -3.22 -23.71
C LYS E 732 25.72 -3.18 -25.22
N ILE E 733 26.41 -4.05 -25.95
CA ILE E 733 26.29 -4.06 -27.40
C ILE E 733 24.93 -4.64 -27.80
N ASN E 734 24.29 -4.01 -28.77
CA ASN E 734 22.99 -4.47 -29.27
C ASN E 734 23.23 -5.61 -30.26
N GLY E 735 23.16 -6.85 -29.77
CA GLY E 735 23.32 -8.03 -30.58
C GLY E 735 24.55 -8.85 -30.24
N GLN E 736 25.64 -8.19 -29.82
CA GLN E 736 26.89 -8.87 -29.49
C GLN E 736 27.37 -9.69 -30.70
N ALA E 737 27.73 -8.95 -31.75
CA ALA E 737 28.04 -9.57 -33.04
C ALA E 737 29.19 -10.57 -32.95
N GLN E 738 30.41 -10.08 -32.75
CA GLN E 738 31.56 -10.97 -32.59
C GLN E 738 32.70 -10.19 -31.95
N ILE E 739 33.02 -10.53 -30.69
CA ILE E 739 34.21 -10.03 -30.01
C ILE E 739 34.70 -11.12 -29.07
N LEU E 740 35.98 -11.02 -28.70
CA LEU E 740 36.56 -11.96 -27.74
C LEU E 740 37.22 -11.20 -26.59
N GLU E 741 37.91 -11.91 -25.71
CA GLU E 741 38.60 -11.30 -24.59
C GLU E 741 40.05 -10.95 -24.90
N GLY E 742 40.50 -11.18 -26.13
CA GLY E 742 41.87 -10.86 -26.50
C GLY E 742 41.96 -9.98 -27.74
N GLN E 743 40.82 -9.58 -28.28
CA GLN E 743 40.79 -8.74 -29.46
C GLN E 743 40.94 -7.26 -29.08
N LYS E 744 41.37 -6.47 -30.06
CA LYS E 744 41.56 -5.03 -29.88
C LYS E 744 40.42 -4.28 -30.53
N VAL E 745 39.75 -3.44 -29.75
CA VAL E 745 38.62 -2.64 -30.22
C VAL E 745 38.91 -1.18 -29.92
N ASN E 746 38.83 -0.33 -30.94
CA ASN E 746 39.01 1.11 -30.77
C ASN E 746 37.69 1.75 -30.37
N LEU E 747 37.70 2.46 -29.25
CA LEU E 747 36.52 3.12 -28.72
C LEU E 747 36.46 4.56 -29.22
N LEU E 748 35.31 4.95 -29.74
CA LEU E 748 35.09 6.29 -30.28
C LEU E 748 34.11 7.02 -29.38
N LEU E 749 34.55 8.15 -28.83
CA LEU E 749 33.72 9.00 -27.98
C LEU E 749 33.44 10.31 -28.69
N LYS E 750 32.16 10.65 -28.83
CA LYS E 750 31.73 11.84 -29.56
C LYS E 750 31.07 12.82 -28.60
N ARG E 751 31.59 14.05 -28.59
CA ARG E 751 31.01 15.15 -27.83
C ARG E 751 30.76 16.32 -28.78
N GLY E 752 29.55 16.86 -28.75
CA GLY E 752 29.21 17.95 -29.65
C GLY E 752 29.36 17.53 -31.09
N GLN E 753 30.40 18.04 -31.76
CA GLN E 753 30.69 17.67 -33.14
C GLN E 753 32.16 17.31 -33.30
N GLN E 754 32.77 16.70 -32.29
CA GLN E 754 34.13 16.21 -32.36
C GLN E 754 34.19 14.76 -31.90
N GLU E 755 34.97 13.95 -32.60
CA GLU E 755 35.14 12.54 -32.29
C GLU E 755 36.53 12.31 -31.71
N TYR E 756 36.59 11.57 -30.61
CA TYR E 756 37.82 11.35 -29.86
C TYR E 756 38.12 9.86 -29.78
N VAL E 757 39.40 9.51 -29.94
CA VAL E 757 39.85 8.13 -29.96
C VAL E 757 40.83 7.92 -28.82
N PHE E 758 40.58 6.90 -28.00
CA PHE E 758 41.48 6.52 -26.93
C PHE E 758 41.59 5.00 -26.89
N PRO E 759 42.75 4.47 -26.48
CA PRO E 759 42.91 3.01 -26.43
C PRO E 759 42.12 2.42 -25.26
N THR E 760 41.37 1.35 -25.55
CA THR E 760 40.61 0.65 -24.54
C THR E 760 40.83 -0.85 -24.69
N GLN E 761 40.73 -1.56 -23.56
CA GLN E 761 40.91 -3.00 -23.52
C GLN E 761 39.63 -3.66 -22.99
N VAL E 762 39.23 -4.74 -23.64
CA VAL E 762 38.06 -5.49 -23.21
C VAL E 762 38.41 -6.25 -21.94
N ALA E 763 37.72 -5.93 -20.85
CA ALA E 763 38.03 -6.49 -19.54
C ALA E 763 37.09 -7.61 -19.12
N ARG E 764 35.80 -7.40 -19.37
CA ARG E 764 34.79 -8.41 -18.98
C ARG E 764 33.91 -8.76 -20.19
N VAL E 765 33.65 -10.04 -20.39
CA VAL E 765 32.75 -10.51 -21.44
C VAL E 765 31.86 -11.56 -20.79
N MET E 766 30.66 -11.17 -20.39
CA MET E 766 29.70 -12.08 -19.77
C MET E 766 28.34 -11.96 -20.44
N GLY E 767 28.33 -11.98 -21.77
CA GLY E 767 27.10 -11.87 -22.52
C GLY E 767 26.85 -10.48 -23.06
N ASN E 768 25.69 -9.91 -22.74
CA ASN E 768 25.36 -8.56 -23.19
C ASN E 768 26.11 -7.49 -22.42
N GLU E 769 26.81 -7.84 -21.35
CA GLU E 769 27.60 -6.88 -20.57
C GLU E 769 29.07 -7.03 -20.96
N VAL E 770 29.67 -5.94 -21.40
CA VAL E 770 31.06 -5.91 -21.82
C VAL E 770 31.85 -5.04 -20.85
N GLY E 771 32.99 -5.54 -20.40
CA GLY E 771 33.82 -4.83 -19.44
C GLY E 771 35.00 -4.14 -20.12
N LEU E 772 35.33 -2.96 -19.63
CA LEU E 772 36.41 -2.15 -20.18
C LEU E 772 37.24 -1.58 -19.05
N LYS E 773 38.55 -1.50 -19.27
CA LYS E 773 39.47 -0.91 -18.30
C LYS E 773 40.29 0.17 -19.00
N LEU E 774 40.39 1.33 -18.37
CA LEU E 774 41.14 2.45 -18.93
C LEU E 774 42.55 2.47 -18.36
N MET E 775 43.54 2.39 -19.24
CA MET E 775 44.93 2.43 -18.83
C MET E 775 45.32 3.84 -18.42
N PRO E 776 46.36 3.99 -17.58
CA PRO E 776 46.86 5.33 -17.26
C PRO E 776 47.35 6.04 -18.51
N LEU E 777 47.15 7.35 -18.53
CA LEU E 777 47.41 8.17 -19.71
C LEU E 777 48.29 9.36 -19.33
N THR E 778 48.60 10.18 -20.33
CA THR E 778 49.29 11.44 -20.14
C THR E 778 48.27 12.53 -19.81
N THR E 779 48.69 13.79 -19.86
CA THR E 779 47.84 14.89 -19.43
C THR E 779 46.67 15.12 -20.37
N GLN E 780 46.96 15.36 -21.65
CA GLN E 780 45.90 15.77 -22.59
C GLN E 780 44.85 14.70 -22.74
N GLN E 781 45.27 13.43 -22.77
CA GLN E 781 44.31 12.34 -22.86
C GLN E 781 43.36 12.34 -21.67
N HIS E 782 43.89 12.58 -20.47
CA HIS E 782 43.05 12.61 -19.29
C HIS E 782 42.10 13.81 -19.31
N ILE E 783 42.58 14.97 -19.77
CA ILE E 783 41.70 16.13 -19.90
C ILE E 783 40.54 15.82 -20.83
N ASP E 784 40.85 15.26 -22.00
CA ASP E 784 39.78 14.94 -22.95
C ASP E 784 38.82 13.91 -22.40
N PHE E 785 39.34 12.87 -21.72
CA PHE E 785 38.45 11.85 -21.18
C PHE E 785 37.53 12.39 -20.09
N VAL E 786 38.08 13.20 -19.17
CA VAL E 786 37.25 13.73 -18.10
C VAL E 786 36.20 14.67 -18.68
N GLN E 787 36.55 15.43 -19.72
CA GLN E 787 35.56 16.30 -20.35
C GLN E 787 34.50 15.50 -21.08
N CYS E 788 34.87 14.34 -21.63
CA CYS E 788 33.91 13.52 -22.36
C CYS E 788 32.96 12.78 -21.43
N THR E 789 33.41 12.42 -20.23
CA THR E 789 32.60 11.61 -19.33
C THR E 789 32.12 12.37 -18.10
N PHE E 790 33.04 12.87 -17.27
CA PHE E 790 32.65 13.41 -15.97
C PHE E 790 32.13 14.85 -16.07
N ALA E 791 32.97 15.76 -16.54
CA ALA E 791 32.63 17.17 -16.52
C ALA E 791 31.67 17.54 -17.65
N ARG E 792 30.50 16.93 -17.67
CA ARG E 792 29.44 17.29 -18.60
C ARG E 792 28.36 18.02 -17.82
N ALA E 793 28.13 19.28 -18.15
CA ALA E 793 27.14 20.05 -17.40
C ALA E 793 25.73 19.82 -17.95
N ASP E 794 25.38 18.55 -18.17
CA ASP E 794 24.01 18.19 -18.53
C ASP E 794 23.51 16.92 -17.85
N THR E 795 24.39 16.12 -17.25
CA THR E 795 23.96 14.83 -16.72
C THR E 795 23.17 14.99 -15.43
N TRP E 796 23.56 15.95 -14.58
CA TRP E 796 22.92 16.08 -13.28
C TRP E 796 21.48 16.57 -13.40
N ALA E 797 21.17 17.31 -14.46
CA ALA E 797 19.78 17.73 -14.68
C ALA E 797 18.89 16.52 -14.95
N LEU E 798 19.29 15.65 -15.87
CA LEU E 798 18.53 14.42 -16.11
C LEU E 798 18.54 13.51 -14.89
N TRP E 799 19.61 13.58 -14.09
CA TRP E 799 19.65 12.83 -12.83
C TRP E 799 18.54 13.29 -11.89
N GLN E 800 18.43 14.61 -11.70
CA GLN E 800 17.36 15.14 -10.87
C GLN E 800 15.99 14.84 -11.45
N ASP E 801 15.89 14.79 -12.79
CA ASP E 801 14.63 14.40 -13.42
C ASP E 801 14.26 12.96 -13.12
N SER E 802 15.21 12.13 -12.72
CA SER E 802 14.96 10.73 -12.42
C SER E 802 14.69 10.48 -10.94
N TYR E 803 14.68 11.51 -10.12
CA TYR E 803 14.41 11.34 -8.69
C TYR E 803 12.96 10.94 -8.48
N PRO E 804 12.69 9.85 -7.76
CA PRO E 804 11.30 9.48 -7.48
C PRO E 804 10.61 10.55 -6.64
N GLU E 805 9.32 10.74 -6.91
CA GLU E 805 8.54 11.72 -6.17
C GLU E 805 8.40 11.32 -4.71
N ASP E 806 8.37 12.31 -3.84
CA ASP E 806 8.24 12.07 -2.40
C ASP E 806 6.83 11.57 -2.11
N LYS E 807 6.72 10.30 -1.70
CA LYS E 807 5.38 9.68 -1.50
C LYS E 807 5.30 8.97 -0.14
N PRO E 808 4.49 9.46 0.82
CA PRO E 808 4.37 8.86 2.15
C PRO E 808 4.11 7.34 2.15
N LEU E 809 3.18 6.86 1.34
CA LEU E 809 2.80 5.41 1.34
C LEU E 809 3.96 4.58 0.79
N GLU E 810 4.60 5.07 -0.28
CA GLU E 810 5.79 4.38 -0.84
C GLU E 810 6.84 4.30 0.27
N SER E 811 7.00 5.39 1.04
CA SER E 811 7.96 5.39 2.17
C SER E 811 7.56 4.31 3.18
N LEU E 812 6.31 4.30 3.64
CA LEU E 812 5.79 3.30 4.63
C LEU E 812 6.48 1.93 4.50
N LEU E 813 6.03 1.06 3.58
CA LEU E 813 6.60 -0.28 3.50
C LEU E 813 8.11 -0.23 3.36
N ASP E 814 8.66 0.76 2.65
CA ASP E 814 10.11 0.85 2.50
C ASP E 814 10.79 1.06 3.84
N ILE E 815 10.28 1.97 4.66
CA ILE E 815 10.87 2.22 5.97
C ILE E 815 10.63 1.04 6.91
N LEU E 816 9.48 0.38 6.80
CA LEU E 816 9.23 -0.81 7.60
C LEU E 816 10.25 -1.90 7.27
N LYS E 817 10.51 -2.11 5.98
CA LYS E 817 11.51 -3.10 5.57
C LYS E 817 12.91 -2.68 6.01
N LEU E 818 13.20 -1.38 5.99
CA LEU E 818 14.48 -0.90 6.47
C LEU E 818 14.67 -1.23 7.95
N GLY E 819 13.64 -0.96 8.76
CA GLY E 819 13.72 -1.30 10.17
C GLY E 819 13.85 -2.80 10.41
N PHE E 820 13.11 -3.59 9.63
CA PHE E 820 13.21 -5.05 9.77
C PHE E 820 14.60 -5.54 9.41
N ARG E 821 15.19 -5.00 8.34
CA ARG E 821 16.54 -5.40 7.97
C ARG E 821 17.54 -5.01 9.05
N GLY E 822 17.36 -3.83 9.64
CA GLY E 822 18.23 -3.45 10.74
C GLY E 822 18.11 -4.37 11.93
N TYR E 823 16.88 -4.74 12.29
CA TYR E 823 16.68 -5.66 13.40
C TYR E 823 17.30 -7.02 13.11
N ARG E 824 17.13 -7.52 11.89
CA ARG E 824 17.73 -8.80 11.52
C ARG E 824 19.25 -8.75 11.60
N HIS E 825 19.84 -7.67 11.08
CA HIS E 825 21.30 -7.54 11.10
C HIS E 825 21.81 -7.45 12.53
N LEU E 826 21.12 -6.69 13.38
CA LEU E 826 21.51 -6.62 14.79
C LEU E 826 21.40 -7.99 15.44
N ALA E 827 20.32 -8.71 15.16
CA ALA E 827 20.17 -10.07 15.67
C ALA E 827 21.34 -10.94 15.23
N GLU E 828 21.84 -10.71 14.03
CA GLU E 828 23.01 -11.47 13.57
C GLU E 828 24.26 -11.09 14.35
N PHE E 829 24.49 -9.80 14.56
CA PHE E 829 25.78 -9.32 15.07
C PHE E 829 25.68 -8.67 16.44
N ALA E 830 24.83 -9.18 17.31
CA ALA E 830 24.71 -8.70 18.69
C ALA E 830 25.36 -9.68 19.64
N PRO E 831 25.56 -9.29 20.91
CA PRO E 831 26.03 -10.25 21.91
C PRO E 831 25.05 -11.42 22.07
N SER E 832 25.60 -12.58 22.43
CA SER E 832 24.81 -13.81 22.43
C SER E 832 23.60 -13.70 23.37
N SER E 833 23.82 -13.19 24.58
CA SER E 833 22.75 -13.10 25.57
C SER E 833 21.58 -12.27 25.04
N VAL E 834 21.85 -11.28 24.18
CA VAL E 834 20.79 -10.59 23.47
C VAL E 834 20.63 -11.09 22.04
N LYS E 835 21.59 -11.86 21.52
CA LYS E 835 21.41 -12.48 20.22
C LYS E 835 20.19 -13.39 20.23
N GLY E 836 20.04 -14.19 21.30
CA GLY E 836 18.85 -15.02 21.40
C GLY E 836 17.56 -14.22 21.45
N ILE E 837 17.56 -13.13 22.21
CA ILE E 837 16.37 -12.30 22.33
C ILE E 837 15.99 -11.71 20.98
N PHE E 838 16.96 -11.11 20.29
CA PHE E 838 16.67 -10.54 18.98
C PHE E 838 16.30 -11.61 17.98
N ARG E 839 16.87 -12.80 18.11
CA ARG E 839 16.53 -13.89 17.20
C ARG E 839 15.07 -14.29 17.34
N VAL E 840 14.63 -14.50 18.58
CA VAL E 840 13.25 -14.92 18.77
C VAL E 840 12.29 -13.79 18.39
N LEU E 841 12.66 -12.54 18.68
CA LEU E 841 11.80 -11.42 18.33
C LEU E 841 11.65 -11.28 16.82
N THR E 842 12.78 -11.36 16.09
CA THR E 842 12.73 -11.27 14.63
C THR E 842 11.98 -12.44 14.03
N SER E 843 12.14 -13.64 14.61
CA SER E 843 11.39 -14.79 14.14
C SER E 843 9.89 -14.56 14.30
N LEU E 844 9.48 -14.03 15.45
CA LEU E 844 8.06 -13.74 15.65
C LEU E 844 7.57 -12.69 14.68
N VAL E 845 8.38 -11.66 14.42
CA VAL E 845 7.97 -10.60 13.50
C VAL E 845 7.77 -11.16 12.10
N SER E 846 8.72 -11.97 11.64
CA SER E 846 8.58 -12.57 10.31
C SER E 846 7.39 -13.53 10.26
N TRP E 847 7.17 -14.29 11.33
CA TRP E 847 6.05 -15.20 11.37
C TRP E 847 4.72 -14.46 11.28
N VAL E 848 4.61 -13.31 11.98
CA VAL E 848 3.38 -12.53 11.91
C VAL E 848 3.21 -11.93 10.53
N VAL E 849 4.27 -11.35 9.97
CA VAL E 849 4.19 -10.74 8.64
C VAL E 849 3.84 -11.79 7.59
N SER E 850 4.16 -13.06 7.85
CA SER E 850 3.73 -14.11 6.93
C SER E 850 2.20 -14.17 6.83
N PHE E 851 1.49 -13.75 7.88
CA PHE E 851 0.03 -13.76 7.87
C PHE E 851 -0.57 -12.47 7.32
N ILE E 852 0.12 -11.35 7.45
CA ILE E 852 -0.43 -10.05 7.05
C ILE E 852 -0.72 -10.06 5.55
N PRO E 853 -1.87 -9.55 5.11
CA PRO E 853 -2.19 -9.60 3.68
C PRO E 853 -1.24 -8.77 2.86
N ARG E 854 -1.20 -9.06 1.56
CA ARG E 854 -0.41 -8.30 0.61
C ARG E 854 -1.22 -8.11 -0.67
N ARG E 855 -0.98 -7.00 -1.35
CA ARG E 855 -1.76 -6.65 -2.53
C ARG E 855 -1.15 -7.18 -3.82
P1 C2E F . 37.12 -2.37 -10.36
O2P C2E F . 35.67 -2.04 -10.59
O1P C2E F . 37.79 -1.80 -9.14
O5' C2E F . 37.28 -3.96 -10.32
C5' C2E F . 38.36 -4.52 -9.53
C4' C2E F . 38.07 -5.98 -9.29
O4' C2E F . 37.10 -6.10 -8.21
C3' C2E F . 37.45 -6.71 -10.48
O3' C2E F . 38.47 -7.24 -11.33
C2' C2E F . 36.64 -7.80 -9.78
O2' C2E F . 37.40 -8.93 -9.42
C1' C2E F . 36.12 -7.06 -8.55
N9 C2E F . 34.84 -6.39 -8.73
C8 C2E F . 34.62 -5.05 -8.88
N7 C2E F . 33.35 -4.74 -9.02
C5 C2E F . 32.70 -5.96 -8.97
C6 C2E F . 31.32 -6.25 -9.07
O6 C2E F . 30.37 -5.47 -9.23
N1 C2E F . 31.08 -7.63 -8.96
C2 C2E F . 32.05 -8.58 -8.78
N2 C2E F . 31.63 -9.86 -8.71
N3 C2E F . 33.34 -8.31 -8.68
C4 C2E F . 33.61 -6.98 -8.79
P11 C2E F . 38.16 -6.97 -12.88
O21 C2E F . 36.86 -7.62 -13.27
O11 C2E F . 39.38 -7.34 -13.69
O5A C2E F . 37.97 -5.37 -12.94
C5A C2E F . 39.11 -4.55 -13.34
C4A C2E F . 38.62 -3.16 -13.67
O4A C2E F . 38.11 -3.15 -15.03
C3A C2E F . 37.49 -2.64 -12.81
O3A C2E F . 37.98 -1.97 -11.65
C2A C2E F . 36.79 -1.66 -13.75
O2A C2E F . 37.42 -0.39 -13.80
C1A C2E F . 36.92 -2.38 -15.09
N91 C2E F . 35.80 -3.25 -15.42
C81 C2E F . 35.87 -4.59 -15.72
N71 C2E F . 34.71 -5.12 -15.99
C51 C2E F . 33.81 -4.06 -15.86
C61 C2E F . 32.40 -4.05 -16.04
O61 C2E F . 31.66 -4.99 -16.35
N11 C2E F . 31.88 -2.77 -15.82
C21 C2E F . 32.62 -1.67 -15.46
N21 C2E F . 31.94 -0.53 -15.30
N31 C2E F . 33.94 -1.68 -15.30
C41 C2E F . 34.47 -2.91 -15.52
P1 C2E G . 27.05 -8.85 -8.97
O2P C2E G . 28.49 -8.92 -8.56
O1P C2E G . 26.13 -9.92 -8.49
O5' C2E G . 26.46 -7.42 -8.55
C5' C2E G . 25.13 -7.34 -7.99
C4' C2E G . 24.95 -5.99 -7.33
O4' C2E G . 25.57 -6.03 -6.01
C3' C2E G . 25.61 -4.83 -8.05
O3' C2E G . 24.71 -4.23 -8.99
C2' C2E G . 25.97 -3.89 -6.90
O2' C2E G . 24.88 -3.10 -6.47
C1' C2E G . 26.37 -4.89 -5.81
N9 C2E G . 27.77 -5.28 -5.85
C8 C2E G . 28.27 -6.53 -6.14
N7 C2E G . 29.57 -6.60 -6.10
C5 C2E G . 29.97 -5.31 -5.76
C6 C2E G . 31.27 -4.79 -5.58
O6 C2E G . 32.35 -5.38 -5.68
N1 C2E G . 31.23 -3.43 -5.24
C2 C2E G . 30.09 -2.69 -5.11
N2 C2E G . 30.24 -1.40 -4.78
N3 C2E G . 28.86 -3.17 -5.29
C4 C2E G . 28.87 -4.49 -5.61
P11 C2E G . 25.41 -3.98 -10.41
O21 C2E G . 26.60 -3.06 -10.24
O11 C2E G . 24.36 -3.57 -11.41
O5A C2E G . 25.94 -5.43 -10.81
C5A C2E G . 27.00 -5.53 -11.80
C4A C2E G . 27.20 -6.98 -12.19
O4A C2E G . 28.03 -7.03 -13.38
C3A C2E G . 27.88 -7.84 -11.13
O3A C2E G . 26.94 -8.76 -10.58
C2A C2E G . 28.99 -8.58 -11.89
O2A C2E G . 28.64 -9.90 -12.24
C1A C2E G . 29.23 -7.73 -13.13
N91 C2E G . 30.32 -6.78 -13.02
C81 C2E G . 30.25 -5.43 -13.29
N71 C2E G . 31.39 -4.81 -13.12
C51 C2E G . 32.27 -5.80 -12.73
C61 C2E G . 33.66 -5.73 -12.42
O61 C2E G . 34.38 -4.72 -12.42
N11 C2E G . 34.18 -6.97 -12.06
C21 C2E G . 33.45 -8.14 -12.03
N21 C2E G . 34.13 -9.25 -11.66
N31 C2E G . 32.15 -8.23 -12.32
C41 C2E G . 31.63 -7.02 -12.66
#